data_6NCX
#
_entry.id   6NCX
#
_cell.length_a   65.342
_cell.length_b   156.038
_cell.length_c   124.285
_cell.angle_alpha   90.00
_cell.angle_beta   101.27
_cell.angle_gamma   90.00
#
_symmetry.space_group_name_H-M   'P 1 21 1'
#
loop_
_entity.id
_entity.type
_entity.pdbx_description
1 polymer Beta-galacturonidase
2 non-polymer 'alpha-D-galactopyranuronic acid'
3 non-polymer 'CHLORIDE ION'
4 water water
#
_entity_poly.entity_id   1
_entity_poly.type   'polypeptide(L)'
_entity_poly.pdbx_seq_one_letter_code
;MIRTFETHKIRKTAELSSALWNFHTIGTQGEEAVIQAPVPGCWENYPDTVSYRGQASYSREFEAKGNIRLEFKGVSHTAS
VLVDGKPVGSHYNAYTPFDVVLKDIRPGIHQLEVIADNSFGPDSALHVPNDYQSYGGISRGVVLEELGEAYLSWIHFTPF
LRKDGWYGKAEICVRNLSSGRLDGSVEVEIGKNSFAVLPIVLEGEEEKSFSTEELPCPWAECWSPESPVLYLITAVLRTA
DGAADDIIDRVGFREIRTEGKDILLNGRKLRIKGFCRHEDHPQFGCALPFSAMQHDLMLIKDLGANSIRTVHYPNDELFL
DLCDEQGILVWEENHARGLSEENMRNPHFKQQCGDCIREMITAHYNHPSIYIWGILNECASDTEYGRECYSEQYELIKSL
DPYRPRSSASCRFKTDICLGYPEVVSYNIYPKWYHDVPVEDYLDELYQWIQNESEGTGKPFLITEIGAGAIYGYRTPAHV
KWSEEYQVQALKEQLQAVFSREGCSGVYIWQFCDVRVCDSWFGSRPRTMNNKGIVDEYRRPKLAYEVVKDSYRSLGNYFE
NLYFQSGSHHHHHH
;
_entity_poly.pdbx_strand_id   D,A,B,C
#
loop_
_chem_comp.id
_chem_comp.type
_chem_comp.name
_chem_comp.formula
ADA D-saccharide, alpha linking 'alpha-D-galactopyranuronic acid' 'C6 H10 O7'
CL non-polymer 'CHLORIDE ION' 'Cl -1'
#
# COMPACT_ATOMS: atom_id res chain seq x y z
N MET A 1 30.26 -11.60 15.96
CA MET A 1 31.09 -10.73 15.14
C MET A 1 31.16 -9.33 15.75
N ILE A 2 32.39 -8.83 15.89
CA ILE A 2 32.65 -7.49 16.41
C ILE A 2 33.32 -6.61 15.37
N ARG A 3 34.36 -7.15 14.70
CA ARG A 3 35.11 -6.49 13.63
C ARG A 3 35.17 -7.43 12.43
N THR A 4 35.56 -6.90 11.27
CA THR A 4 35.75 -7.78 10.12
C THR A 4 37.08 -8.55 10.17
N PHE A 5 37.92 -8.27 11.17
CA PHE A 5 39.21 -8.94 11.32
C PHE A 5 39.43 -9.23 12.80
N GLU A 6 40.45 -10.05 13.09
CA GLU A 6 40.80 -10.40 14.47
C GLU A 6 41.66 -9.32 15.08
N THR A 7 41.23 -8.78 16.22
CA THR A 7 42.00 -7.77 16.91
C THR A 7 42.95 -8.35 17.94
N HIS A 8 42.97 -9.67 18.10
CA HIS A 8 43.84 -10.31 19.09
C HIS A 8 44.19 -11.71 18.62
N LYS A 9 45.48 -12.06 18.69
CA LYS A 9 45.92 -13.44 18.61
C LYS A 9 46.54 -13.93 19.91
N ILE A 10 47.00 -13.04 20.77
CA ILE A 10 47.64 -13.43 22.03
C ILE A 10 46.67 -13.28 23.20
N ARG A 11 45.96 -12.16 23.27
CA ARG A 11 44.99 -11.96 24.33
C ARG A 11 43.85 -12.99 24.25
N LYS A 12 43.52 -13.58 25.41
CA LYS A 12 42.39 -14.51 25.52
C LYS A 12 41.08 -13.72 25.53
N THR A 13 40.26 -13.89 24.48
CA THR A 13 39.00 -13.17 24.36
C THR A 13 37.90 -14.12 23.90
N ALA A 14 36.67 -13.77 24.23
CA ALA A 14 35.51 -14.56 23.81
C ALA A 14 34.34 -13.61 23.69
N GLU A 15 33.61 -13.68 22.58
CA GLU A 15 32.43 -12.83 22.40
C GLU A 15 31.30 -13.33 23.28
N LEU A 16 30.74 -12.44 24.11
CA LEU A 16 29.57 -12.77 24.93
C LEU A 16 28.26 -12.38 24.26
N SER A 17 28.29 -11.51 23.25
CA SER A 17 27.15 -11.26 22.39
C SER A 17 27.03 -12.37 21.36
N SER A 18 26.31 -12.12 20.25
CA SER A 18 25.88 -13.17 19.32
C SER A 18 25.28 -14.35 20.09
N ALA A 19 24.36 -14.04 20.99
CA ALA A 19 23.80 -15.04 21.88
C ALA A 19 22.50 -14.52 22.46
N LEU A 20 21.72 -15.44 23.00
CA LEU A 20 20.53 -15.09 23.76
C LEU A 20 20.92 -14.80 25.21
N TRP A 21 20.45 -13.68 25.74
CA TRP A 21 20.55 -13.43 27.17
C TRP A 21 19.15 -13.47 27.77
N ASN A 22 19.10 -13.55 29.09
CA ASN A 22 17.82 -13.40 29.78
C ASN A 22 17.46 -11.93 29.92
N PHE A 23 16.19 -11.62 29.65
CA PHE A 23 15.74 -10.24 29.53
C PHE A 23 14.41 -10.07 30.25
N HIS A 24 14.27 -8.96 30.97
CA HIS A 24 12.99 -8.57 31.53
C HIS A 24 13.03 -7.08 31.81
N THR A 25 11.87 -6.42 31.69
CA THR A 25 11.75 -5.03 32.10
C THR A 25 11.81 -4.92 33.62
N ILE A 26 12.25 -3.75 34.11
CA ILE A 26 12.26 -3.42 35.53
C ILE A 26 11.64 -2.05 35.73
N GLY A 27 11.13 -1.82 36.94
CA GLY A 27 10.39 -0.62 37.28
C GLY A 27 8.93 -0.91 37.64
N THR A 28 8.64 -2.13 38.08
CA THR A 28 7.28 -2.52 38.43
C THR A 28 7.30 -3.39 39.68
N GLN A 29 6.11 -3.66 40.21
CA GLN A 29 5.96 -4.30 41.51
C GLN A 29 5.73 -5.79 41.45
N GLY A 30 5.37 -6.33 40.29
CA GLY A 30 4.99 -7.71 40.18
C GLY A 30 6.05 -8.56 39.53
N GLU A 31 5.62 -9.71 39.03
CA GLU A 31 6.42 -10.60 38.19
C GLU A 31 6.46 -10.07 36.78
N GLU A 32 7.64 -9.78 36.27
CA GLU A 32 7.79 -9.62 34.84
C GLU A 32 8.37 -10.90 34.25
N ALA A 33 7.82 -11.31 33.12
CA ALA A 33 8.27 -12.52 32.46
C ALA A 33 9.72 -12.38 32.02
N VAL A 34 10.49 -13.45 32.17
CA VAL A 34 11.83 -13.53 31.63
C VAL A 34 11.74 -14.15 30.25
N ILE A 35 12.25 -13.44 29.24
CA ILE A 35 12.30 -13.97 27.88
C ILE A 35 13.76 -14.08 27.45
N GLN A 36 13.98 -14.88 26.42
CA GLN A 36 15.30 -15.03 25.82
C GLN A 36 15.42 -14.05 24.65
N ALA A 37 16.28 -13.04 24.80
CA ALA A 37 16.42 -11.93 23.88
C ALA A 37 17.78 -11.95 23.21
N PRO A 38 17.84 -11.60 21.93
CA PRO A 38 19.14 -11.57 21.24
C PRO A 38 19.99 -10.39 21.70
N VAL A 39 21.29 -10.64 21.85
CA VAL A 39 22.30 -9.62 22.01
C VAL A 39 23.29 -9.86 20.89
N PRO A 40 23.59 -8.86 20.02
CA PRO A 40 23.07 -7.49 20.05
C PRO A 40 21.58 -7.39 19.70
N GLY A 41 20.91 -6.32 20.14
CA GLY A 41 19.49 -6.14 19.86
C GLY A 41 18.85 -4.98 20.57
N CYS A 42 17.68 -4.57 20.09
CA CYS A 42 16.91 -3.52 20.73
C CYS A 42 15.57 -4.10 21.14
N TRP A 43 15.13 -3.77 22.36
CA TRP A 43 13.91 -4.38 22.85
C TRP A 43 12.67 -3.86 22.12
N GLU A 44 12.75 -2.71 21.45
CA GLU A 44 11.65 -2.29 20.59
C GLU A 44 11.33 -3.31 19.50
N ASN A 45 12.26 -4.21 19.19
CA ASN A 45 12.01 -5.27 18.23
C ASN A 45 11.54 -6.56 18.88
N TYR A 46 11.43 -6.58 20.24
CA TYR A 46 10.84 -7.78 20.84
C TYR A 46 9.33 -7.57 20.98
N PRO A 47 8.49 -8.53 20.56
CA PRO A 47 7.03 -8.34 20.57
C PRO A 47 6.45 -7.68 21.82
N ASP A 48 6.92 -8.02 23.02
CA ASP A 48 6.29 -7.52 24.25
C ASP A 48 6.84 -6.17 24.72
N THR A 49 7.89 -5.63 24.09
CA THR A 49 8.46 -4.35 24.48
C THR A 49 8.60 -3.43 23.26
N VAL A 50 7.69 -3.59 22.30
CA VAL A 50 7.75 -2.87 21.04
C VAL A 50 7.63 -1.36 21.24
N SER A 51 6.97 -0.91 22.31
CA SER A 51 6.96 0.52 22.62
C SER A 51 7.39 0.80 24.05
N TYR A 52 8.23 -0.05 24.65
CA TYR A 52 8.63 0.17 26.03
C TYR A 52 9.74 1.22 26.13
N ARG A 53 9.60 2.12 27.10
CA ARG A 53 10.66 3.06 27.48
C ARG A 53 10.85 3.00 29.01
N GLY A 54 12.09 2.85 29.45
CA GLY A 54 12.43 2.67 30.85
C GLY A 54 13.66 1.80 30.97
N GLN A 55 13.84 1.19 32.15
CA GLN A 55 14.97 0.28 32.35
C GLN A 55 14.55 -1.16 32.09
N ALA A 56 15.55 -1.96 31.73
CA ALA A 56 15.39 -3.40 31.58
C ALA A 56 16.71 -4.06 31.93
N SER A 57 16.63 -5.35 32.29
CA SER A 57 17.79 -6.14 32.67
C SER A 57 18.11 -7.19 31.63
N TYR A 58 19.39 -7.26 31.23
CA TYR A 58 19.96 -8.35 30.45
C TYR A 58 20.96 -9.10 31.31
N SER A 59 20.97 -10.43 31.22
CA SER A 59 21.88 -11.20 32.07
C SER A 59 22.26 -12.53 31.42
N ARG A 60 23.47 -12.98 31.71
CA ARG A 60 23.98 -14.28 31.31
C ARG A 60 25.12 -14.65 32.26
N GLU A 61 25.69 -15.82 32.05
CA GLU A 61 26.85 -16.25 32.82
C GLU A 61 28.08 -16.29 31.91
N PHE A 62 29.25 -16.26 32.53
CA PHE A 62 30.50 -16.45 31.80
C PHE A 62 31.49 -17.19 32.70
N GLU A 63 32.57 -17.68 32.09
CA GLU A 63 33.62 -18.37 32.84
C GLU A 63 34.91 -17.57 32.71
N ALA A 64 35.49 -17.20 33.84
CA ALA A 64 36.67 -16.35 33.84
C ALA A 64 37.39 -16.46 35.17
N LYS A 65 38.67 -16.07 35.15
CA LYS A 65 39.51 -16.08 36.34
C LYS A 65 40.57 -15.00 36.18
N GLY A 66 40.91 -14.35 37.29
CA GLY A 66 42.00 -13.39 37.29
C GLY A 66 41.58 -11.99 36.86
N ASN A 67 42.52 -11.21 36.33
CA ASN A 67 42.20 -9.91 35.77
C ASN A 67 41.40 -10.09 34.48
N ILE A 68 40.20 -9.51 34.42
CA ILE A 68 39.38 -9.60 33.22
C ILE A 68 38.97 -8.22 32.77
N ARG A 69 38.69 -8.10 31.48
CA ARG A 69 38.12 -6.89 30.89
C ARG A 69 36.84 -7.26 30.16
N LEU A 70 35.77 -6.53 30.45
CA LEU A 70 34.51 -6.63 29.72
C LEU A 70 34.38 -5.41 28.84
N GLU A 71 34.32 -5.61 27.52
CA GLU A 71 34.17 -4.51 26.60
C GLU A 71 32.75 -4.49 26.03
N PHE A 72 32.09 -3.35 26.16
CA PHE A 72 30.73 -3.15 25.66
C PHE A 72 30.78 -2.18 24.49
N LYS A 73 30.41 -2.65 23.29
CA LYS A 73 30.47 -1.78 22.11
C LYS A 73 29.29 -0.80 22.02
N GLY A 74 28.20 -1.06 22.72
CA GLY A 74 27.08 -0.13 22.73
C GLY A 74 25.93 -0.62 23.58
N VAL A 75 25.52 0.18 24.56
CA VAL A 75 24.32 -0.08 25.34
C VAL A 75 23.45 1.17 25.26
N SER A 76 22.24 1.04 24.72
CA SER A 76 21.33 2.16 24.46
C SER A 76 20.42 2.42 25.67
N HIS A 77 20.56 3.58 26.30
CA HIS A 77 21.67 4.53 26.13
C HIS A 77 22.44 4.72 27.43
N THR A 78 21.84 4.23 28.52
CA THR A 78 22.42 4.33 29.86
C THR A 78 22.55 2.93 30.44
N ALA A 79 23.75 2.59 30.92
CA ALA A 79 24.11 1.22 31.29
C ALA A 79 24.65 1.17 32.71
N SER A 80 24.27 0.10 33.42
CA SER A 80 24.93 -0.28 34.66
C SER A 80 25.28 -1.75 34.56
N VAL A 81 26.57 -2.06 34.75
CA VAL A 81 27.09 -3.42 34.67
C VAL A 81 27.32 -3.92 36.09
N LEU A 82 26.79 -5.10 36.38
CA LEU A 82 27.01 -5.76 37.65
C LEU A 82 27.58 -7.14 37.35
N VAL A 83 28.66 -7.49 38.04
CA VAL A 83 29.26 -8.81 37.96
C VAL A 83 29.13 -9.45 39.33
N ASP A 84 28.54 -10.64 39.37
CA ASP A 84 28.25 -11.34 40.62
C ASP A 84 27.52 -10.43 41.61
N GLY A 85 26.50 -9.74 41.11
CA GLY A 85 25.63 -8.94 41.95
C GLY A 85 26.16 -7.59 42.35
N LYS A 86 27.44 -7.26 42.02
CA LYS A 86 28.10 -6.03 42.46
C LYS A 86 28.18 -5.03 41.32
N PRO A 87 27.71 -3.80 41.52
CA PRO A 87 27.85 -2.77 40.47
C PRO A 87 29.32 -2.44 40.25
N VAL A 88 29.79 -2.59 39.02
CA VAL A 88 31.19 -2.43 38.70
C VAL A 88 31.43 -1.44 37.55
N GLY A 89 30.39 -0.82 37.01
CA GLY A 89 30.58 0.04 35.85
C GLY A 89 29.33 0.73 35.36
N SER A 90 29.51 1.89 34.73
CA SER A 90 28.41 2.74 34.27
C SER A 90 28.79 3.39 32.94
N HIS A 91 27.78 3.68 32.12
CA HIS A 91 28.05 4.41 30.90
C HIS A 91 26.79 5.12 30.44
N TYR A 92 27.00 6.27 29.79
CA TYR A 92 25.95 6.99 29.09
C TYR A 92 26.42 7.21 27.65
N ASN A 93 25.42 7.21 26.73
CA ASN A 93 25.55 7.35 25.27
C ASN A 93 25.38 5.99 24.62
N ALA A 94 24.44 5.88 23.67
CA ALA A 94 24.16 4.57 23.07
C ALA A 94 25.23 4.13 22.09
N TYR A 95 26.07 5.06 21.62
CA TYR A 95 26.83 4.90 20.38
C TYR A 95 28.35 4.86 20.55
N THR A 96 28.87 4.95 21.76
CA THR A 96 30.30 4.80 21.90
C THR A 96 30.63 3.59 22.75
N PRO A 97 31.76 2.93 22.50
CA PRO A 97 32.15 1.77 23.30
C PRO A 97 32.77 2.17 24.63
N PHE A 98 32.73 1.23 25.57
CA PHE A 98 33.25 1.44 26.92
C PHE A 98 33.61 0.09 27.52
N ASP A 99 34.40 0.09 28.59
CA ASP A 99 34.84 -1.17 29.17
C ASP A 99 34.78 -1.14 30.68
N VAL A 100 34.74 -2.35 31.27
CA VAL A 100 34.87 -2.55 32.70
C VAL A 100 36.07 -3.46 32.93
N VAL A 101 36.91 -3.11 33.91
CA VAL A 101 38.11 -3.86 34.25
C VAL A 101 38.00 -4.34 35.69
N LEU A 102 38.13 -5.64 35.90
CA LEU A 102 38.03 -6.24 37.22
C LEU A 102 39.31 -6.99 37.52
N LYS A 103 39.83 -6.79 38.72
CA LYS A 103 41.11 -7.37 39.12
C LYS A 103 40.89 -8.65 39.91
N ASP A 104 41.53 -9.73 39.47
CA ASP A 104 41.69 -10.96 40.25
C ASP A 104 40.35 -11.46 40.78
N ILE A 105 39.45 -11.76 39.85
CA ILE A 105 38.19 -12.40 40.23
C ILE A 105 38.47 -13.88 40.49
N ARG A 106 37.71 -14.45 41.44
CA ARG A 106 37.78 -15.88 41.69
C ARG A 106 37.51 -16.66 40.40
N PRO A 107 38.11 -17.84 40.24
CA PRO A 107 37.81 -18.65 39.05
C PRO A 107 36.38 -19.17 39.07
N GLY A 108 35.98 -19.75 37.94
CA GLY A 108 34.68 -20.38 37.81
C GLY A 108 33.66 -19.56 37.05
N ILE A 109 32.40 -19.87 37.34
CA ILE A 109 31.25 -19.27 36.64
C ILE A 109 30.85 -17.99 37.36
N HIS A 110 30.66 -16.93 36.59
CA HIS A 110 30.26 -15.64 37.13
C HIS A 110 28.95 -15.22 36.51
N GLN A 111 28.25 -14.33 37.22
CA GLN A 111 26.98 -13.78 36.75
C GLN A 111 27.20 -12.37 36.23
N LEU A 112 26.72 -12.11 35.02
CA LEU A 112 26.82 -10.82 34.38
C LEU A 112 25.42 -10.26 34.18
N GLU A 113 25.21 -9.00 34.55
CA GLU A 113 23.93 -8.36 34.34
C GLU A 113 24.16 -6.94 33.85
N VAL A 114 23.42 -6.55 32.83
CA VAL A 114 23.42 -5.20 32.30
C VAL A 114 22.03 -4.63 32.52
N ILE A 115 21.95 -3.50 33.21
CA ILE A 115 20.74 -2.70 33.25
C ILE A 115 20.85 -1.66 32.14
N ALA A 116 19.97 -1.75 31.16
CA ALA A 116 19.90 -0.78 30.07
C ALA A 116 18.69 0.12 30.28
N ASP A 117 18.86 1.39 29.92
CA ASP A 117 17.85 2.42 30.19
C ASP A 117 17.79 3.34 28.98
N ASN A 118 16.58 3.55 28.45
CA ASN A 118 16.39 4.49 27.34
C ASN A 118 15.47 5.64 27.70
N SER A 119 15.28 5.89 29.00
CA SER A 119 14.38 6.95 29.47
C SER A 119 14.90 8.33 29.04
N PHE A 120 13.98 9.29 29.05
CA PHE A 120 14.28 10.69 28.83
C PHE A 120 14.10 11.45 30.13
N GLY A 121 14.89 12.50 30.31
CA GLY A 121 14.81 13.31 31.49
C GLY A 121 16.07 14.13 31.74
N PRO A 122 16.17 14.71 32.94
CA PRO A 122 17.28 15.64 33.22
C PRO A 122 18.66 15.00 33.21
N ASP A 123 18.78 13.71 33.50
CA ASP A 123 20.09 13.06 33.51
C ASP A 123 20.68 12.90 32.13
N SER A 124 19.84 12.96 31.07
CA SER A 124 20.23 12.64 29.72
C SER A 124 20.16 13.92 28.87
N ALA A 125 21.33 14.42 28.46
CA ALA A 125 21.38 15.66 27.70
C ALA A 125 21.52 15.45 26.20
N LEU A 126 21.94 14.26 25.78
CA LEU A 126 22.10 13.94 24.36
C LEU A 126 20.91 13.16 23.81
N HIS A 127 20.49 12.12 24.53
CA HIS A 127 19.27 11.39 24.18
C HIS A 127 18.07 12.17 24.71
N VAL A 128 17.37 12.84 23.80
CA VAL A 128 16.19 13.63 24.12
C VAL A 128 15.07 13.18 23.18
N PRO A 129 13.82 13.60 23.38
CA PRO A 129 12.83 13.45 22.31
C PRO A 129 13.30 14.22 21.10
N ASN A 130 13.32 13.55 19.95
CA ASN A 130 14.10 14.04 18.82
C ASN A 130 13.64 13.31 17.55
N ASP A 131 14.20 13.72 16.42
CA ASP A 131 13.81 13.22 15.11
C ASP A 131 14.64 11.99 14.70
N TYR A 132 14.81 11.07 15.64
CA TYR A 132 15.26 9.70 15.44
C TYR A 132 14.97 9.01 16.76
N GLN A 133 15.07 7.69 16.77
CA GLN A 133 14.68 6.93 17.95
C GLN A 133 15.86 6.75 18.90
N SER A 134 15.58 6.82 20.22
CA SER A 134 16.53 6.42 21.26
C SER A 134 16.12 5.03 21.73
N TYR A 135 16.77 4.01 21.20
CA TYR A 135 16.41 2.63 21.46
C TYR A 135 16.84 2.20 22.85
N GLY A 136 16.41 1.01 23.24
CA GLY A 136 16.84 0.40 24.48
C GLY A 136 17.44 -0.97 24.24
N GLY A 137 18.61 -1.22 24.83
CA GLY A 137 19.14 -2.57 24.86
C GLY A 137 20.63 -2.68 24.61
N ILE A 138 21.15 -3.90 24.58
CA ILE A 138 22.55 -4.10 24.24
C ILE A 138 22.62 -4.10 22.73
N SER A 139 22.79 -2.93 22.13
CA SER A 139 22.62 -2.76 20.70
C SER A 139 23.88 -3.04 19.89
N ARG A 140 25.04 -3.20 20.54
CA ARG A 140 26.21 -3.75 19.87
C ARG A 140 26.84 -4.83 20.76
N GLY A 141 28.04 -5.29 20.37
CA GLY A 141 28.58 -6.52 20.93
C GLY A 141 29.25 -6.38 22.28
N VAL A 142 29.56 -7.54 22.85
CA VAL A 142 30.14 -7.66 24.19
C VAL A 142 31.24 -8.71 24.16
N VAL A 143 32.42 -8.37 24.66
CA VAL A 143 33.61 -9.21 24.57
C VAL A 143 34.18 -9.41 25.96
N LEU A 144 34.38 -10.68 26.34
CA LEU A 144 35.11 -11.03 27.54
C LEU A 144 36.59 -11.19 27.19
N GLU A 145 37.46 -10.59 28.01
CA GLU A 145 38.90 -10.73 27.84
C GLU A 145 39.51 -11.10 29.18
N GLU A 146 40.37 -12.12 29.16
CA GLU A 146 41.16 -12.50 30.32
C GLU A 146 42.55 -11.91 30.15
N LEU A 147 42.96 -11.11 31.12
CA LEU A 147 44.17 -10.30 31.06
C LEU A 147 45.21 -10.83 32.05
N GLY A 148 46.42 -10.34 31.88
CA GLY A 148 47.48 -10.60 32.84
C GLY A 148 47.78 -9.39 33.69
N GLU A 149 49.06 -9.07 33.81
CA GLU A 149 49.49 -7.94 34.64
C GLU A 149 49.35 -6.60 33.95
N ALA A 150 49.34 -6.59 32.62
CA ALA A 150 49.34 -5.38 31.80
C ALA A 150 48.78 -5.72 30.44
N TYR A 151 48.14 -4.73 29.81
CA TYR A 151 47.56 -4.95 28.50
C TYR A 151 47.67 -3.68 27.67
N LEU A 152 47.68 -3.86 26.35
CA LEU A 152 47.71 -2.74 25.42
C LEU A 152 46.32 -2.12 25.32
N SER A 153 46.20 -0.86 25.71
CA SER A 153 44.89 -0.21 25.78
C SER A 153 44.41 0.20 24.39
N TRP A 154 45.25 0.86 23.60
CA TRP A 154 44.95 1.19 22.22
C TRP A 154 46.25 1.43 21.46
N ILE A 155 46.13 1.52 20.14
CA ILE A 155 47.23 1.89 19.28
C ILE A 155 46.69 2.82 18.19
N HIS A 156 47.36 3.95 17.99
CA HIS A 156 46.98 4.94 16.98
C HIS A 156 48.11 5.06 15.98
N PHE A 157 47.80 4.85 14.71
CA PHE A 157 48.76 5.03 13.63
C PHE A 157 48.38 6.26 12.83
N THR A 158 49.38 7.05 12.45
CA THR A 158 49.18 8.25 11.66
C THR A 158 50.13 8.20 10.47
N PRO A 159 49.63 8.18 9.25
CA PRO A 159 50.53 8.28 8.09
C PRO A 159 50.79 9.74 7.74
N PHE A 160 51.97 9.98 7.17
CA PHE A 160 52.38 11.31 6.71
C PHE A 160 52.90 11.17 5.30
N LEU A 161 52.41 12.02 4.38
CA LEU A 161 52.82 12.01 2.98
C LEU A 161 53.83 13.13 2.76
N ARG A 162 55.10 12.77 2.64
CA ARG A 162 56.18 13.72 2.48
C ARG A 162 56.62 13.75 1.02
N LYS A 163 57.50 14.71 0.70
CA LYS A 163 57.91 14.89 -0.70
C LYS A 163 58.51 13.60 -1.27
N ASP A 164 59.10 12.76 -0.43
CA ASP A 164 59.78 11.55 -0.85
C ASP A 164 58.97 10.27 -0.67
N GLY A 165 57.68 10.37 -0.32
CA GLY A 165 56.86 9.18 -0.19
C GLY A 165 56.16 9.05 1.15
N TRP A 166 55.80 7.83 1.53
CA TRP A 166 55.01 7.62 2.74
C TRP A 166 55.89 7.50 3.98
N TYR A 167 55.38 8.06 5.08
CA TYR A 167 55.93 7.91 6.42
C TYR A 167 54.82 7.48 7.36
N GLY A 168 55.18 7.25 8.62
CA GLY A 168 54.19 6.94 9.64
C GLY A 168 54.76 6.89 11.03
N LYS A 169 53.95 7.30 12.01
CA LYS A 169 54.27 7.13 13.42
C LYS A 169 53.15 6.36 14.10
N ALA A 170 53.52 5.57 15.09
CA ALA A 170 52.58 4.82 15.91
C ALA A 170 52.70 5.30 17.36
N GLU A 171 51.56 5.31 18.04
CA GLU A 171 51.52 5.64 19.45
C GLU A 171 50.71 4.56 20.14
N ILE A 172 51.28 3.95 21.17
CA ILE A 172 50.67 2.83 21.87
C ILE A 172 50.45 3.25 23.31
N CYS A 173 49.30 2.88 23.87
CA CYS A 173 48.97 3.13 25.27
C CYS A 173 48.94 1.81 26.03
N VAL A 174 49.69 1.72 27.12
CA VAL A 174 49.81 0.49 27.92
C VAL A 174 49.30 0.78 29.32
N ARG A 175 48.53 -0.15 29.85
CA ARG A 175 47.95 -0.02 31.18
C ARG A 175 48.53 -1.11 32.07
N ASN A 176 49.03 -0.70 33.23
CA ASN A 176 49.61 -1.63 34.20
C ASN A 176 48.58 -1.87 35.30
N LEU A 177 48.09 -3.11 35.39
CA LEU A 177 47.15 -3.49 36.43
C LEU A 177 47.85 -3.97 37.70
N SER A 178 49.16 -4.10 37.66
CA SER A 178 49.95 -4.55 38.80
C SER A 178 50.39 -3.35 39.64
N SER A 179 50.41 -3.54 40.97
CA SER A 179 50.84 -2.48 41.87
C SER A 179 52.35 -2.26 41.88
N GLY A 180 53.14 -3.16 41.27
CA GLY A 180 54.56 -2.94 41.13
C GLY A 180 54.92 -2.26 39.81
N ARG A 181 56.19 -1.87 39.70
CA ARG A 181 56.71 -1.34 38.45
C ARG A 181 56.79 -2.46 37.42
N LEU A 182 56.47 -2.15 36.18
CA LEU A 182 56.55 -3.08 35.07
C LEU A 182 57.63 -2.64 34.09
N ASP A 183 58.38 -3.60 33.58
CA ASP A 183 59.35 -3.36 32.51
C ASP A 183 58.99 -4.25 31.33
N GLY A 184 59.09 -3.71 30.12
CA GLY A 184 58.78 -4.52 28.97
C GLY A 184 59.16 -3.86 27.66
N SER A 185 58.67 -4.45 26.59
CA SER A 185 58.93 -4.01 25.23
C SER A 185 57.64 -4.15 24.44
N VAL A 186 57.51 -3.33 23.39
CA VAL A 186 56.37 -3.40 22.49
C VAL A 186 56.90 -3.44 21.06
N GLU A 187 56.59 -4.53 20.35
CA GLU A 187 57.05 -4.74 18.98
C GLU A 187 55.91 -4.46 18.01
N VAL A 188 56.14 -3.51 17.11
CA VAL A 188 55.11 -3.04 16.19
C VAL A 188 55.50 -3.44 14.78
N GLU A 189 54.58 -4.08 14.07
CA GLU A 189 54.74 -4.34 12.65
C GLU A 189 53.49 -3.87 11.91
N ILE A 190 53.70 -3.41 10.68
CA ILE A 190 52.63 -2.97 9.79
C ILE A 190 52.73 -3.82 8.53
N GLY A 191 51.72 -4.65 8.30
CA GLY A 191 51.71 -5.49 7.11
C GLY A 191 52.90 -6.43 7.03
N LYS A 192 53.32 -6.97 8.18
CA LYS A 192 54.46 -7.88 8.27
C LYS A 192 55.78 -7.20 7.92
N ASN A 193 55.83 -5.87 7.93
CA ASN A 193 57.09 -5.13 7.88
C ASN A 193 57.50 -4.73 9.29
N SER A 194 58.78 -4.81 9.56
CA SER A 194 59.30 -4.37 10.84
C SER A 194 59.20 -2.85 10.95
N PHE A 195 58.62 -2.36 12.05
CA PHE A 195 58.37 -0.94 12.22
C PHE A 195 59.15 -0.35 13.40
N ALA A 196 58.92 -0.84 14.62
CA ALA A 196 59.59 -0.26 15.77
C ALA A 196 59.48 -1.22 16.94
N VAL A 197 60.47 -1.13 17.83
CA VAL A 197 60.47 -1.81 19.12
C VAL A 197 60.67 -0.74 20.18
N LEU A 198 59.64 -0.51 21.01
CA LEU A 198 59.69 0.51 22.04
C LEU A 198 59.89 -0.14 23.39
N PRO A 199 60.92 0.22 24.16
CA PRO A 199 60.99 -0.22 25.55
C PRO A 199 59.97 0.52 26.41
N ILE A 200 59.42 -0.20 27.39
CA ILE A 200 58.30 0.27 28.21
C ILE A 200 58.72 0.23 29.68
N VAL A 201 58.35 1.28 30.41
CA VAL A 201 58.48 1.31 31.86
C VAL A 201 57.18 1.91 32.40
N LEU A 202 56.49 1.15 33.27
CA LEU A 202 55.26 1.62 33.88
C LEU A 202 55.35 1.47 35.39
N GLU A 203 55.12 2.57 36.10
CA GLU A 203 54.98 2.49 37.54
C GLU A 203 53.70 1.73 37.90
N GLY A 204 53.57 1.38 39.18
CA GLY A 204 52.44 0.61 39.65
C GLY A 204 51.10 1.21 39.27
N GLU A 205 50.26 0.39 38.65
CA GLU A 205 48.86 0.73 38.35
C GLU A 205 48.75 1.98 37.49
N GLU A 206 49.70 2.19 36.59
CA GLU A 206 49.78 3.38 35.75
C GLU A 206 49.37 3.06 34.32
N GLU A 207 48.70 4.02 33.68
CA GLU A 207 48.39 3.95 32.25
C GLU A 207 49.16 5.05 31.53
N LYS A 208 49.99 4.66 30.56
CA LYS A 208 50.86 5.60 29.88
C LYS A 208 50.92 5.25 28.40
N SER A 209 51.07 6.28 27.56
CA SER A 209 51.22 6.15 26.13
C SER A 209 52.68 6.31 25.71
N PHE A 210 53.04 5.70 24.58
CA PHE A 210 54.41 5.66 24.06
C PHE A 210 54.37 5.79 22.54
N SER A 211 55.28 6.58 21.98
CA SER A 211 55.26 6.87 20.55
C SER A 211 56.57 6.45 19.88
N THR A 212 56.45 5.90 18.67
CA THR A 212 57.58 5.78 17.77
C THR A 212 57.92 7.15 17.19
N GLU A 213 58.93 7.18 16.32
CA GLU A 213 59.17 8.35 15.49
C GLU A 213 58.53 8.19 14.13
N GLU A 214 58.54 9.26 13.34
CA GLU A 214 58.13 9.21 11.93
C GLU A 214 59.13 8.38 11.16
N LEU A 215 58.78 7.13 10.87
CA LEU A 215 59.67 6.23 10.15
C LEU A 215 59.23 6.09 8.70
N PRO A 216 60.17 5.87 7.79
CA PRO A 216 59.80 5.72 6.37
C PRO A 216 59.04 4.43 6.13
N CYS A 217 58.10 4.48 5.19
CA CYS A 217 57.33 3.31 4.77
C CYS A 217 57.39 3.17 3.25
N PRO A 218 58.59 2.92 2.68
CA PRO A 218 58.70 2.88 1.21
C PRO A 218 57.88 1.79 0.56
N TRP A 219 57.44 0.79 1.33
CA TRP A 219 56.60 -0.29 0.82
C TRP A 219 55.12 0.07 0.75
N ALA A 220 54.69 1.17 1.39
CA ALA A 220 53.26 1.43 1.55
C ALA A 220 52.61 1.84 0.23
N GLU A 221 51.52 1.16 -0.11
CA GLU A 221 50.61 1.58 -1.17
C GLU A 221 49.47 2.37 -0.55
N CYS A 222 48.89 3.27 -1.32
CA CYS A 222 48.01 4.21 -0.68
C CYS A 222 46.58 3.66 -0.62
N TRP A 223 45.77 4.32 0.19
CA TRP A 223 44.36 4.03 0.32
C TRP A 223 43.57 5.14 -0.37
N SER A 224 42.52 4.77 -1.08
CA SER A 224 41.63 5.71 -1.75
C SER A 224 40.35 4.98 -2.09
N PRO A 225 39.29 5.72 -2.47
CA PRO A 225 38.05 5.04 -2.93
C PRO A 225 38.29 4.06 -4.06
N GLU A 226 39.19 4.41 -4.99
CA GLU A 226 39.54 3.54 -6.12
C GLU A 226 40.31 2.30 -5.68
N SER A 227 41.13 2.43 -4.64
CA SER A 227 42.04 1.36 -4.25
C SER A 227 42.19 1.36 -2.73
N PRO A 228 41.17 0.81 -2.00
CA PRO A 228 41.25 0.86 -0.52
C PRO A 228 42.20 -0.18 0.06
N VAL A 229 43.50 -0.05 -0.22
CA VAL A 229 44.49 -0.97 0.34
C VAL A 229 44.58 -0.76 1.85
N LEU A 230 44.56 -1.86 2.61
CA LEU A 230 44.64 -1.81 4.05
C LEU A 230 45.79 -2.69 4.53
N TYR A 231 46.37 -2.35 5.67
CA TYR A 231 47.37 -3.18 6.31
C TYR A 231 46.95 -3.47 7.74
N LEU A 232 47.30 -4.65 8.23
CA LEU A 232 47.20 -4.91 9.66
C LEU A 232 48.42 -4.33 10.36
N ILE A 233 48.17 -3.63 11.47
CA ILE A 233 49.22 -3.18 12.35
C ILE A 233 49.13 -4.01 13.63
N THR A 234 50.27 -4.56 14.06
CA THR A 234 50.32 -5.46 15.19
C THR A 234 51.29 -4.91 16.23
N ALA A 235 50.87 -4.92 17.48
CA ALA A 235 51.71 -4.49 18.60
C ALA A 235 51.67 -5.60 19.64
N VAL A 236 52.85 -6.10 20.02
CA VAL A 236 52.97 -7.22 20.96
C VAL A 236 53.73 -6.72 22.19
N LEU A 237 53.09 -6.79 23.34
CA LEU A 237 53.70 -6.45 24.63
C LEU A 237 54.37 -7.69 25.20
N ARG A 238 55.70 -7.61 25.35
CA ARG A 238 56.47 -8.66 26.00
C ARG A 238 56.96 -8.16 27.34
N THR A 239 56.69 -8.92 28.40
CA THR A 239 57.10 -8.53 29.75
C THR A 239 58.08 -9.56 30.32
N ALA A 244 53.32 -11.47 25.96
CA ALA A 244 52.26 -11.73 26.93
C ALA A 244 50.92 -10.98 26.61
N ASP A 245 50.95 -10.00 25.71
CA ASP A 245 49.72 -9.37 25.24
C ASP A 245 49.92 -8.80 23.85
N ASP A 246 48.81 -8.61 23.12
CA ASP A 246 48.85 -8.04 21.78
C ASP A 246 47.62 -7.19 21.52
N ILE A 247 47.69 -6.42 20.44
CA ILE A 247 46.56 -5.66 19.90
C ILE A 247 46.81 -5.52 18.40
N ILE A 248 45.75 -5.71 17.61
CA ILE A 248 45.84 -5.67 16.16
C ILE A 248 44.75 -4.73 15.65
N ASP A 249 45.13 -3.87 14.71
CA ASP A 249 44.21 -2.91 14.12
C ASP A 249 44.54 -2.83 12.64
N ARG A 250 43.78 -2.02 11.89
CA ARG A 250 43.97 -1.90 10.46
C ARG A 250 44.15 -0.44 10.08
N VAL A 251 45.02 -0.21 9.10
CA VAL A 251 45.37 1.13 8.68
C VAL A 251 45.34 1.21 7.16
N GLY A 252 45.08 2.43 6.68
CA GLY A 252 45.35 2.77 5.29
C GLY A 252 46.26 3.99 5.23
N PHE A 253 47.10 4.03 4.21
CA PHE A 253 48.00 5.15 3.96
C PHE A 253 47.29 6.15 3.06
N ARG A 254 46.75 7.22 3.65
CA ARG A 254 46.05 8.24 2.90
C ARG A 254 46.15 9.57 3.62
N GLU A 255 46.08 10.66 2.87
CA GLU A 255 46.19 12.00 3.45
C GLU A 255 44.91 12.79 3.19
N ILE A 256 44.34 13.35 4.25
CA ILE A 256 43.23 14.28 4.14
C ILE A 256 43.69 15.64 4.66
N ARG A 257 43.47 16.67 3.84
CA ARG A 257 43.74 18.03 4.30
C ARG A 257 42.95 18.99 3.42
N THR A 258 42.75 20.19 3.94
CA THR A 258 42.13 21.24 3.17
C THR A 258 43.17 22.26 2.78
N GLU A 259 42.87 22.98 1.70
CA GLU A 259 43.76 24.00 1.17
C GLU A 259 42.90 24.92 0.34
N GLY A 260 42.83 26.19 0.72
CA GLY A 260 41.83 27.04 0.12
C GLY A 260 40.47 26.40 0.23
N LYS A 261 39.73 26.39 -0.86
CA LYS A 261 38.37 25.88 -0.89
C LYS A 261 38.31 24.37 -1.17
N ASP A 262 39.46 23.69 -1.13
CA ASP A 262 39.58 22.32 -1.59
C ASP A 262 39.75 21.36 -0.41
N ILE A 263 39.04 20.23 -0.48
CA ILE A 263 39.28 19.08 0.37
C ILE A 263 40.13 18.09 -0.42
N LEU A 264 41.35 17.86 0.05
CA LEU A 264 42.34 17.10 -0.69
C LEU A 264 42.52 15.72 -0.09
N LEU A 265 42.33 14.69 -0.93
CA LEU A 265 42.62 13.31 -0.58
C LEU A 265 43.80 12.87 -1.44
N ASN A 266 44.96 12.67 -0.81
CA ASN A 266 46.19 12.33 -1.52
C ASN A 266 46.47 13.35 -2.61
N GLY A 267 46.22 14.62 -2.30
CA GLY A 267 46.50 15.72 -3.20
C GLY A 267 45.53 15.90 -4.34
N ARG A 268 44.44 15.12 -4.39
CA ARG A 268 43.41 15.26 -5.41
C ARG A 268 42.19 15.97 -4.83
N LYS A 269 41.60 16.89 -5.58
CA LYS A 269 40.46 17.65 -5.06
C LYS A 269 39.21 16.78 -5.02
N LEU A 270 38.70 16.57 -3.81
CA LEU A 270 37.68 15.57 -3.51
C LEU A 270 36.27 16.10 -3.80
N ARG A 271 35.43 15.27 -4.44
CA ARG A 271 34.01 15.58 -4.60
C ARG A 271 33.18 14.58 -3.80
N ILE A 272 32.42 15.08 -2.82
CA ILE A 272 31.63 14.22 -1.95
C ILE A 272 30.31 13.88 -2.64
N LYS A 273 29.99 12.59 -2.78
CA LYS A 273 28.69 12.12 -3.28
C LYS A 273 28.06 11.25 -2.19
N GLY A 274 27.37 11.89 -1.24
CA GLY A 274 27.07 11.25 0.02
C GLY A 274 25.60 10.99 0.31
N PHE A 275 25.40 10.17 1.35
CA PHE A 275 24.11 9.96 1.98
C PHE A 275 24.28 10.12 3.48
N CYS A 276 23.42 10.93 4.08
CA CYS A 276 23.19 10.78 5.51
C CYS A 276 22.55 9.44 5.75
N ARG A 277 23.05 8.67 6.72
CA ARG A 277 22.47 7.37 7.01
C ARG A 277 22.39 7.15 8.51
N HIS A 278 21.18 6.98 9.01
CA HIS A 278 20.92 6.59 10.39
C HIS A 278 21.11 5.09 10.58
N GLU A 279 21.45 4.70 11.81
CA GLU A 279 21.48 3.30 12.21
C GLU A 279 20.06 2.92 12.63
N ASP A 280 19.23 2.58 11.64
CA ASP A 280 17.82 2.35 11.90
C ASP A 280 17.26 1.34 10.92
N HIS A 281 16.55 0.35 11.46
CA HIS A 281 16.00 -0.70 10.61
C HIS A 281 14.71 -1.23 11.25
N PRO A 282 13.67 -1.49 10.45
CA PRO A 282 12.37 -1.90 11.03
C PRO A 282 12.41 -3.22 11.80
N GLN A 283 13.40 -4.08 11.60
CA GLN A 283 13.50 -5.28 12.42
C GLN A 283 14.59 -5.20 13.49
N PHE A 284 15.61 -4.38 13.27
CA PHE A 284 16.83 -4.47 14.04
C PHE A 284 17.08 -3.25 14.91
N GLY A 285 16.18 -2.25 14.84
CA GLY A 285 16.36 -1.05 15.65
C GLY A 285 17.62 -0.34 15.21
N CYS A 286 18.51 -0.06 16.15
CA CYS A 286 19.83 0.41 15.78
C CYS A 286 20.87 -0.70 15.81
N ALA A 287 20.44 -1.96 16.01
CA ALA A 287 21.36 -3.10 16.18
C ALA A 287 21.41 -3.95 14.91
N LEU A 288 21.95 -3.35 13.87
CA LEU A 288 21.89 -4.00 12.55
C LEU A 288 23.01 -5.02 12.41
N PRO A 289 22.72 -6.24 11.96
CA PRO A 289 23.79 -7.23 11.78
C PRO A 289 24.61 -6.89 10.55
N PHE A 290 25.76 -7.56 10.46
CA PHE A 290 26.67 -7.52 9.30
C PHE A 290 25.91 -7.55 7.96
N SER A 291 24.94 -8.45 7.84
CA SER A 291 24.22 -8.67 6.58
C SER A 291 23.38 -7.46 6.19
N ALA A 292 22.69 -6.85 7.16
CA ALA A 292 21.90 -5.68 6.87
C ALA A 292 22.78 -4.49 6.48
N MET A 293 23.92 -4.33 7.18
CA MET A 293 24.83 -3.21 6.90
C MET A 293 25.37 -3.30 5.48
N GLN A 294 25.85 -4.49 5.10
CA GLN A 294 26.36 -4.65 3.75
C GLN A 294 25.26 -4.45 2.73
N HIS A 295 24.02 -4.79 3.09
CA HIS A 295 22.92 -4.57 2.16
C HIS A 295 22.72 -3.07 1.91
N ASP A 296 22.71 -2.28 2.99
CA ASP A 296 22.67 -0.83 2.83
C ASP A 296 23.83 -0.35 1.95
N LEU A 297 25.07 -0.79 2.25
CA LEU A 297 26.24 -0.32 1.52
C LEU A 297 26.21 -0.73 0.04
N MET A 298 25.64 -1.90 -0.28
CA MET A 298 25.51 -2.28 -1.69
C MET A 298 24.47 -1.42 -2.41
N LEU A 299 23.35 -1.10 -1.76
CA LEU A 299 22.42 -0.14 -2.32
C LEU A 299 23.09 1.21 -2.53
N ILE A 300 23.88 1.64 -1.55
CA ILE A 300 24.53 2.95 -1.58
C ILE A 300 25.58 3.01 -2.67
N LYS A 301 26.34 1.92 -2.83
CA LYS A 301 27.23 1.85 -3.98
C LYS A 301 26.45 1.82 -5.31
N ASP A 302 25.31 1.11 -5.34
CA ASP A 302 24.49 1.10 -6.55
C ASP A 302 23.96 2.48 -6.92
N LEU A 303 23.76 3.34 -5.92
CA LEU A 303 23.32 4.71 -6.17
C LEU A 303 24.43 5.64 -6.67
N GLY A 304 25.68 5.17 -6.75
CA GLY A 304 26.81 6.00 -7.16
C GLY A 304 27.48 6.80 -6.05
N ALA A 305 27.12 6.57 -4.80
CA ALA A 305 27.65 7.37 -3.71
C ALA A 305 29.06 6.91 -3.36
N ASN A 306 29.88 7.85 -2.87
CA ASN A 306 31.23 7.54 -2.44
C ASN A 306 31.47 7.86 -0.97
N SER A 307 30.43 8.27 -0.24
CA SER A 307 30.61 8.67 1.14
C SER A 307 29.30 8.55 1.90
N ILE A 308 29.40 8.28 3.20
CA ILE A 308 28.24 8.31 4.09
C ILE A 308 28.54 9.25 5.26
N ARG A 309 27.49 9.90 5.75
CA ARG A 309 27.59 10.75 6.93
C ARG A 309 26.77 10.07 8.03
N THR A 310 27.35 9.99 9.24
CA THR A 310 26.79 9.18 10.34
C THR A 310 25.88 10.02 11.23
N VAL A 311 24.73 10.39 10.66
CA VAL A 311 23.74 11.16 11.39
C VAL A 311 23.08 10.27 12.45
N HIS A 312 23.07 10.73 13.72
CA HIS A 312 23.77 11.92 14.21
C HIS A 312 24.67 11.52 15.40
N TYR A 313 25.52 10.51 15.21
CA TYR A 313 26.25 9.87 16.30
C TYR A 313 27.32 8.94 15.74
N PRO A 314 28.29 8.48 16.55
CA PRO A 314 29.28 7.52 16.06
C PRO A 314 28.63 6.19 15.66
N ASN A 315 29.32 5.46 14.79
CA ASN A 315 28.79 4.24 14.21
C ASN A 315 29.57 3.01 14.69
N ASP A 316 28.87 1.87 14.66
CA ASP A 316 29.47 0.54 14.84
C ASP A 316 30.78 0.40 14.08
N GLU A 317 31.82 -0.05 14.80
CA GLU A 317 33.14 -0.24 14.19
C GLU A 317 33.12 -1.32 13.12
N LEU A 318 32.17 -2.25 13.19
CA LEU A 318 31.99 -3.17 12.08
C LEU A 318 31.52 -2.45 10.82
N PHE A 319 30.77 -1.36 10.98
CA PHE A 319 30.33 -0.62 9.81
C PHE A 319 31.48 0.18 9.23
N LEU A 320 32.26 0.82 10.10
CA LEU A 320 33.45 1.53 9.65
C LEU A 320 34.43 0.58 8.96
N ASP A 321 34.59 -0.65 9.49
CA ASP A 321 35.45 -1.64 8.84
C ASP A 321 35.02 -1.87 7.40
N LEU A 322 33.71 -2.02 7.18
CA LEU A 322 33.18 -2.28 5.85
C LEU A 322 33.42 -1.11 4.90
N CYS A 323 33.44 0.12 5.44
CA CYS A 323 33.67 1.31 4.61
C CYS A 323 35.14 1.43 4.23
N ASP A 324 36.03 1.12 5.18
CA ASP A 324 37.46 1.03 4.89
C ASP A 324 37.72 0.07 3.74
N GLU A 325 37.17 -1.15 3.83
CA GLU A 325 37.41 -2.20 2.84
C GLU A 325 36.84 -1.87 1.47
N GLN A 326 35.83 -0.99 1.39
CA GLN A 326 35.18 -0.70 0.13
C GLN A 326 35.50 0.67 -0.43
N GLY A 327 36.24 1.50 0.32
CA GLY A 327 36.62 2.82 -0.16
C GLY A 327 35.58 3.88 0.06
N ILE A 328 34.68 3.68 1.01
CA ILE A 328 33.58 4.60 1.28
C ILE A 328 34.07 5.62 2.30
N LEU A 329 34.10 6.90 1.91
CA LEU A 329 34.52 7.99 2.79
C LEU A 329 33.47 8.30 3.86
N VAL A 330 33.92 8.61 5.07
CA VAL A 330 33.02 8.67 6.23
C VAL A 330 33.19 10.02 6.95
N TRP A 331 32.08 10.76 7.06
CA TRP A 331 31.93 11.83 8.03
C TRP A 331 31.31 11.24 9.30
N GLU A 332 32.07 11.26 10.40
CA GLU A 332 31.55 10.80 11.69
C GLU A 332 31.51 11.97 12.67
N GLU A 333 30.39 12.08 13.38
CA GLU A 333 30.17 13.18 14.30
C GLU A 333 29.81 12.65 15.69
N ASN A 334 29.94 13.53 16.68
CA ASN A 334 29.49 13.17 18.02
C ASN A 334 27.95 13.16 18.07
N HIS A 335 27.42 12.53 19.13
CA HIS A 335 25.99 12.33 19.24
C HIS A 335 25.33 13.61 19.73
N ALA A 336 24.70 14.34 18.81
CA ALA A 336 23.93 15.53 19.14
C ALA A 336 23.09 15.90 17.92
N ARG A 337 21.84 16.32 18.14
CA ARG A 337 21.03 16.81 17.02
C ARG A 337 20.07 17.90 17.46
N GLY A 338 20.25 19.09 16.92
CA GLY A 338 19.26 20.14 17.03
C GLY A 338 19.00 20.64 18.44
N LEU A 339 20.00 20.60 19.31
CA LEU A 339 19.84 21.03 20.69
C LEU A 339 19.82 22.56 20.76
N SER A 340 18.83 23.10 21.47
CA SER A 340 18.72 24.54 21.65
C SER A 340 19.75 25.02 22.68
N GLU A 341 19.83 26.34 22.86
CA GLU A 341 20.71 26.88 23.88
C GLU A 341 20.40 26.28 25.25
N GLU A 342 19.11 26.16 25.58
CA GLU A 342 18.72 25.65 26.91
C GLU A 342 19.02 24.15 27.04
N ASN A 343 18.81 23.36 25.99
CA ASN A 343 19.24 21.97 26.03
C ASN A 343 20.74 21.89 26.31
N MET A 344 21.53 22.72 25.64
CA MET A 344 22.97 22.69 25.81
C MET A 344 23.40 23.15 27.20
N ARG A 345 22.52 23.86 27.92
CA ARG A 345 22.82 24.32 29.27
C ARG A 345 22.50 23.27 30.34
N ASN A 346 21.99 22.12 29.93
CA ASN A 346 21.87 20.98 30.83
C ASN A 346 23.19 20.77 31.57
N PRO A 347 23.18 20.58 32.89
CA PRO A 347 24.44 20.46 33.64
C PRO A 347 25.32 19.30 33.19
N HIS A 348 24.79 18.34 32.43
CA HIS A 348 25.54 17.17 31.99
C HIS A 348 26.01 17.28 30.55
N PHE A 349 25.54 18.29 29.81
CA PHE A 349 25.81 18.38 28.38
C PHE A 349 27.30 18.35 28.07
N LYS A 350 28.09 19.23 28.73
CA LYS A 350 29.52 19.33 28.40
C LYS A 350 30.26 18.04 28.73
N GLN A 351 29.97 17.45 29.90
CA GLN A 351 30.56 16.17 30.24
C GLN A 351 30.20 15.09 29.22
N GLN A 352 28.94 15.07 28.76
CA GLN A 352 28.50 13.97 27.90
C GLN A 352 28.98 14.15 26.46
N CYS A 353 29.04 15.39 25.96
CA CYS A 353 29.73 15.62 24.68
C CYS A 353 31.21 15.27 24.78
N GLY A 354 31.86 15.66 25.88
CA GLY A 354 33.28 15.38 26.02
C GLY A 354 33.56 13.89 26.07
N ASP A 355 32.75 13.15 26.84
CA ASP A 355 32.92 11.70 26.88
C ASP A 355 32.66 11.08 25.50
N CYS A 356 31.68 11.60 24.77
CA CYS A 356 31.40 11.05 23.44
C CYS A 356 32.55 11.31 22.48
N ILE A 357 33.11 12.51 22.49
CA ILE A 357 34.24 12.82 21.60
C ILE A 357 35.47 11.98 21.97
N ARG A 358 35.77 11.85 23.26
CA ARG A 358 36.95 11.10 23.68
C ARG A 358 36.85 9.63 23.29
N GLU A 359 35.68 9.01 23.54
CA GLU A 359 35.51 7.60 23.20
C GLU A 359 35.41 7.37 21.70
N MET A 360 34.86 8.34 20.96
CA MET A 360 34.77 8.22 19.51
C MET A 360 36.15 8.26 18.86
N ILE A 361 36.93 9.30 19.14
CA ILE A 361 38.19 9.47 18.43
C ILE A 361 39.21 8.42 18.89
N THR A 362 39.21 8.09 20.19
CA THR A 362 40.16 7.09 20.69
C THR A 362 39.91 5.72 20.08
N ALA A 363 38.63 5.31 19.97
CA ALA A 363 38.29 3.99 19.44
C ALA A 363 38.45 3.91 17.91
N HIS A 364 38.14 4.99 17.19
CA HIS A 364 38.03 5.00 15.73
C HIS A 364 39.21 5.66 15.01
N TYR A 365 40.24 6.09 15.75
CA TYR A 365 41.31 6.90 15.17
C TYR A 365 41.87 6.32 13.87
N ASN A 366 41.94 5.00 13.77
CA ASN A 366 42.70 4.39 12.69
C ASN A 366 41.88 4.14 11.42
N HIS A 367 40.55 4.26 11.43
CA HIS A 367 39.79 4.00 10.20
C HIS A 367 40.17 4.99 9.09
N PRO A 368 40.82 4.53 8.01
CA PRO A 368 41.18 5.47 6.93
C PRO A 368 39.97 6.07 6.24
N SER A 369 38.81 5.42 6.31
CA SER A 369 37.59 5.96 5.68
C SER A 369 37.14 7.25 6.34
N ILE A 370 37.33 7.38 7.66
CA ILE A 370 36.92 8.58 8.38
C ILE A 370 37.84 9.73 7.97
N TYR A 371 37.30 10.68 7.20
CA TYR A 371 38.10 11.78 6.68
C TYR A 371 37.82 13.10 7.37
N ILE A 372 36.79 13.19 8.20
CA ILE A 372 36.45 14.43 8.87
C ILE A 372 35.69 14.09 10.14
N TRP A 373 35.84 14.94 11.16
CA TRP A 373 35.12 14.84 12.42
C TRP A 373 34.09 15.95 12.50
N GLY A 374 32.82 15.60 12.71
CA GLY A 374 31.74 16.56 12.85
C GLY A 374 31.30 16.72 14.29
N ILE A 375 30.75 17.87 14.63
CA ILE A 375 30.19 18.07 15.96
C ILE A 375 28.85 18.81 15.88
N LEU A 376 27.99 18.51 16.85
CA LEU A 376 26.86 19.36 17.24
C LEU A 376 26.00 19.78 16.03
N ASN A 377 25.46 18.77 15.33
CA ASN A 377 24.54 19.00 14.21
C ASN A 377 23.40 19.93 14.63
N GLU A 378 23.26 21.04 13.90
CA GLU A 378 22.17 22.00 14.07
C GLU A 378 21.98 22.40 15.53
N CYS A 379 23.07 22.56 16.26
CA CYS A 379 22.95 23.07 17.62
C CYS A 379 23.04 24.59 17.60
N ALA A 380 23.03 25.21 18.79
CA ALA A 380 22.83 26.67 18.88
C ALA A 380 24.14 27.43 18.60
N SER A 381 24.64 27.26 17.38
CA SER A 381 25.84 27.95 16.91
C SER A 381 25.60 29.43 16.65
N ASP A 382 24.40 29.94 16.92
CA ASP A 382 24.09 31.36 16.79
C ASP A 382 24.11 32.11 18.12
N THR A 383 24.49 31.46 19.22
CA THR A 383 24.47 32.06 20.54
C THR A 383 25.86 32.04 21.15
N GLU A 384 26.08 32.93 22.12
CA GLU A 384 27.38 32.97 22.79
C GLU A 384 27.65 31.69 23.57
N TYR A 385 26.67 31.23 24.35
CA TYR A 385 26.86 29.99 25.08
C TYR A 385 27.13 28.83 24.11
N GLY A 386 26.39 28.78 23.01
CA GLY A 386 26.65 27.76 22.00
C GLY A 386 28.06 27.84 21.45
N ARG A 387 28.50 29.05 21.09
CA ARG A 387 29.86 29.24 20.60
C ARG A 387 30.89 28.78 21.63
N GLU A 388 30.61 29.00 22.91
CA GLU A 388 31.49 28.51 23.97
C GLU A 388 31.62 26.98 23.91
N CYS A 389 30.51 26.27 23.69
CA CYS A 389 30.56 24.82 23.63
C CYS A 389 31.23 24.32 22.35
N TYR A 390 30.92 24.92 21.20
CA TYR A 390 31.59 24.56 19.95
C TYR A 390 33.10 24.67 20.11
N SER A 391 33.55 25.82 20.62
CA SER A 391 34.97 26.09 20.79
C SER A 391 35.65 25.01 21.61
N GLU A 392 35.05 24.62 22.74
CA GLU A 392 35.62 23.57 23.59
C GLU A 392 35.72 22.25 22.85
N GLN A 393 34.66 21.85 22.16
CA GLN A 393 34.63 20.55 21.51
C GLN A 393 35.56 20.52 20.29
N TYR A 394 35.64 21.62 19.55
CA TYR A 394 36.61 21.69 18.46
C TYR A 394 38.03 21.54 18.96
N GLU A 395 38.35 22.16 20.11
CA GLU A 395 39.71 22.04 20.63
C GLU A 395 39.93 20.67 21.27
N LEU A 396 38.91 20.06 21.87
CA LEU A 396 39.06 18.69 22.34
C LEU A 396 39.45 17.75 21.20
N ILE A 397 38.79 17.89 20.05
CA ILE A 397 39.12 17.07 18.88
C ILE A 397 40.57 17.29 18.45
N LYS A 398 40.98 18.55 18.36
CA LYS A 398 42.36 18.86 17.93
C LYS A 398 43.38 18.20 18.84
N SER A 399 43.11 18.15 20.15
CA SER A 399 44.04 17.49 21.06
C SER A 399 44.10 15.98 20.84
N LEU A 400 43.00 15.37 20.39
CA LEU A 400 42.98 13.93 20.19
C LEU A 400 43.38 13.53 18.77
N ASP A 401 43.09 14.39 17.80
CA ASP A 401 43.37 14.08 16.39
C ASP A 401 43.73 15.40 15.73
N PRO A 402 45.01 15.75 15.73
CA PRO A 402 45.42 17.07 15.21
C PRO A 402 45.48 17.15 13.70
N TYR A 403 45.14 16.09 12.97
CA TYR A 403 45.39 16.07 11.54
C TYR A 403 44.12 16.04 10.69
N ARG A 404 43.10 15.27 11.07
CA ARG A 404 41.85 15.30 10.30
C ARG A 404 41.18 16.66 10.45
N PRO A 405 40.55 17.17 9.38
CA PRO A 405 39.76 18.40 9.51
C PRO A 405 38.51 18.20 10.35
N ARG A 406 37.93 19.33 10.78
CA ARG A 406 36.70 19.33 11.57
C ARG A 406 35.64 20.21 10.90
N SER A 407 34.37 19.89 11.20
CA SER A 407 33.26 20.69 10.70
C SER A 407 32.06 20.47 11.61
N SER A 408 30.98 21.20 11.31
CA SER A 408 29.69 20.98 11.94
C SER A 408 28.63 21.29 10.90
N ALA A 409 27.52 20.55 10.97
CA ALA A 409 26.38 20.86 10.11
C ALA A 409 25.58 22.00 10.73
N SER A 410 25.56 23.15 10.07
CA SER A 410 24.76 24.28 10.54
C SER A 410 23.41 24.36 9.82
N CYS A 411 22.42 24.88 10.53
CA CYS A 411 21.19 25.40 9.93
C CYS A 411 20.96 26.87 10.33
N ARG A 412 21.97 27.54 10.88
CA ARG A 412 21.85 28.95 11.23
C ARG A 412 22.21 29.74 9.97
N PHE A 413 21.21 29.80 9.09
CA PHE A 413 21.24 30.50 7.81
C PHE A 413 21.51 31.98 8.02
N LYS A 414 22.78 32.38 7.86
CA LYS A 414 23.26 33.76 7.98
C LYS A 414 23.27 34.29 9.42
N THR A 415 23.33 33.43 10.43
CA THR A 415 23.41 33.86 11.83
C THR A 415 24.46 33.10 12.63
N ASP A 416 25.26 32.24 11.99
CA ASP A 416 26.21 31.41 12.71
C ASP A 416 27.44 32.22 13.11
N ILE A 417 27.80 32.19 14.39
CA ILE A 417 29.00 32.87 14.87
C ILE A 417 30.17 31.90 15.10
N CYS A 418 30.09 30.67 14.58
CA CYS A 418 31.11 29.66 14.83
C CYS A 418 31.80 29.20 13.55
N LEU A 419 31.60 29.90 12.44
CA LEU A 419 32.17 29.46 11.18
C LEU A 419 33.67 29.69 11.12
N GLY A 420 34.23 30.52 12.00
CA GLY A 420 35.67 30.71 12.02
C GLY A 420 36.44 29.49 12.50
N TYR A 421 35.81 28.63 13.29
CA TYR A 421 36.47 27.51 13.95
C TYR A 421 36.77 26.30 13.06
N PRO A 422 35.83 25.77 12.27
CA PRO A 422 36.10 24.51 11.56
C PRO A 422 36.96 24.71 10.31
N GLU A 423 37.55 23.59 9.87
CA GLU A 423 38.26 23.56 8.59
C GLU A 423 37.30 23.56 7.41
N VAL A 424 36.10 23.02 7.57
CA VAL A 424 35.11 22.93 6.51
C VAL A 424 33.81 23.59 6.99
N VAL A 425 33.17 24.38 6.11
CA VAL A 425 31.86 24.96 6.42
C VAL A 425 30.78 24.06 5.85
N SER A 426 29.85 23.64 6.71
CA SER A 426 28.77 22.74 6.31
C SER A 426 27.41 23.31 6.67
N TYR A 427 26.47 23.22 5.72
CA TYR A 427 25.09 23.66 5.92
C TYR A 427 24.11 22.60 5.42
N ASN A 428 23.05 22.42 6.20
CA ASN A 428 21.87 21.65 5.85
C ASN A 428 20.82 22.63 5.35
N ILE A 429 20.29 22.39 4.16
CA ILE A 429 19.31 23.28 3.56
C ILE A 429 18.25 22.44 2.86
N TYR A 430 17.02 22.96 2.85
CA TYR A 430 15.90 22.25 2.25
C TYR A 430 15.03 23.10 1.31
N PRO A 431 15.61 23.87 0.38
CA PRO A 431 14.77 24.54 -0.62
C PRO A 431 14.06 23.52 -1.50
N LYS A 432 12.82 23.85 -1.84
CA LYS A 432 11.88 23.00 -2.56
C LYS A 432 11.36 21.86 -1.72
N TRP A 433 11.66 21.84 -0.42
CA TRP A 433 10.90 21.03 0.51
C TRP A 433 10.30 21.90 1.63
N TYR A 434 11.11 22.60 2.41
CA TYR A 434 10.53 23.41 3.47
C TYR A 434 10.24 24.84 3.02
N HIS A 435 11.02 25.39 2.10
CA HIS A 435 10.78 26.72 1.53
C HIS A 435 10.72 26.63 0.02
N ASP A 436 9.75 27.31 -0.58
CA ASP A 436 9.57 27.28 -2.04
C ASP A 436 10.43 28.34 -2.74
N VAL A 437 11.73 28.28 -2.49
CA VAL A 437 12.74 29.05 -3.20
C VAL A 437 13.41 28.12 -4.22
N PRO A 438 13.77 28.59 -5.40
CA PRO A 438 14.63 27.78 -6.29
C PRO A 438 15.93 27.42 -5.59
N VAL A 439 16.43 26.21 -5.84
CA VAL A 439 17.58 25.76 -5.06
C VAL A 439 18.81 26.60 -5.38
N GLU A 440 19.03 26.87 -6.67
CA GLU A 440 20.17 27.67 -7.08
C GLU A 440 20.17 29.03 -6.42
N ASP A 441 18.99 29.63 -6.26
CA ASP A 441 18.91 30.96 -5.66
C ASP A 441 19.16 30.90 -4.16
N TYR A 442 18.50 29.98 -3.47
CA TYR A 442 18.72 29.78 -2.03
C TYR A 442 20.18 29.45 -1.74
N LEU A 443 20.76 28.53 -2.52
CA LEU A 443 22.16 28.15 -2.31
C LEU A 443 23.12 29.27 -2.68
N ASP A 444 22.80 30.06 -3.71
CA ASP A 444 23.64 31.22 -4.02
C ASP A 444 23.60 32.26 -2.90
N GLU A 445 22.42 32.57 -2.36
CA GLU A 445 22.35 33.57 -1.30
C GLU A 445 23.12 33.10 -0.06
N LEU A 446 23.01 31.81 0.26
CA LEU A 446 23.79 31.30 1.37
C LEU A 446 25.28 31.38 1.07
N TYR A 447 25.68 30.94 -0.13
CA TYR A 447 27.11 30.83 -0.42
C TYR A 447 27.79 32.20 -0.40
N GLN A 448 27.16 33.22 -1.00
CA GLN A 448 27.77 34.55 -0.99
C GLN A 448 27.83 35.12 0.43
N TRP A 449 26.91 34.73 1.32
CA TRP A 449 26.95 35.27 2.68
C TRP A 449 28.13 34.72 3.47
N ILE A 450 28.37 33.40 3.40
CA ILE A 450 29.52 32.84 4.08
C ILE A 450 30.79 33.53 3.62
N GLN A 451 30.91 33.78 2.30
CA GLN A 451 32.12 34.34 1.71
C GLN A 451 32.27 35.83 2.01
N ASN A 452 31.19 36.61 1.90
CA ASN A 452 31.30 38.06 2.06
C ASN A 452 31.12 38.52 3.51
N GLU A 453 30.39 37.77 4.36
CA GLU A 453 29.97 38.26 5.66
C GLU A 453 30.20 37.28 6.81
N SER A 454 30.98 36.22 6.62
CA SER A 454 31.19 35.25 7.68
C SER A 454 32.67 34.91 7.77
N GLU A 455 33.06 34.42 8.95
CA GLU A 455 34.43 33.95 9.17
C GLU A 455 34.69 32.59 8.52
N GLY A 456 33.68 31.96 7.91
CA GLY A 456 33.93 30.77 7.13
C GLY A 456 34.39 31.05 5.71
N THR A 457 34.59 32.32 5.36
CA THR A 457 34.96 32.66 3.99
C THR A 457 36.28 31.99 3.60
N GLY A 458 36.33 31.51 2.37
CA GLY A 458 37.52 30.91 1.78
C GLY A 458 37.81 29.49 2.18
N LYS A 459 36.93 28.85 2.95
CA LYS A 459 37.10 27.48 3.39
C LYS A 459 36.30 26.54 2.49
N PRO A 460 36.67 25.27 2.44
CA PRO A 460 35.82 24.31 1.72
C PRO A 460 34.40 24.32 2.29
N PHE A 461 33.46 23.92 1.43
CA PHE A 461 32.02 24.05 1.68
C PHE A 461 31.30 22.79 1.23
N LEU A 462 30.52 22.18 2.12
CA LEU A 462 29.65 21.04 1.81
C LEU A 462 28.19 21.38 2.11
N ILE A 463 27.29 20.77 1.34
CA ILE A 463 25.89 20.63 1.73
C ILE A 463 25.77 19.28 2.45
N THR A 464 25.70 19.34 3.79
CA THR A 464 25.64 18.15 4.62
C THR A 464 24.24 17.54 4.72
N GLU A 465 23.21 18.26 4.30
CA GLU A 465 21.86 17.70 4.17
C GLU A 465 21.13 18.46 3.07
N ILE A 466 20.51 17.73 2.16
CA ILE A 466 19.52 18.24 1.23
C ILE A 466 18.61 17.08 0.82
N GLY A 467 17.31 17.34 0.69
CA GLY A 467 16.41 16.29 0.24
C GLY A 467 14.94 16.64 0.43
N ALA A 468 14.10 15.60 0.36
CA ALA A 468 12.65 15.80 0.39
C ALA A 468 11.96 14.54 0.89
N GLY A 469 10.78 14.75 1.51
CA GLY A 469 9.94 13.63 1.90
C GLY A 469 9.16 13.00 0.74
N ALA A 470 8.82 11.73 0.96
CA ALA A 470 7.99 10.95 0.05
C ALA A 470 7.51 9.73 0.83
N ILE A 471 6.20 9.58 1.00
CA ILE A 471 5.70 8.35 1.61
C ILE A 471 5.66 7.28 0.54
N TYR A 472 6.40 6.19 0.76
CA TYR A 472 6.47 5.13 -0.23
C TYR A 472 5.08 4.61 -0.57
N GLY A 473 4.79 4.55 -1.86
CA GLY A 473 3.52 4.06 -2.33
C GLY A 473 2.52 5.15 -2.64
N TYR A 474 2.73 6.37 -2.14
CA TYR A 474 1.79 7.45 -2.40
C TYR A 474 2.20 8.20 -3.66
N ARG A 475 1.43 8.04 -4.71
CA ARG A 475 1.70 8.67 -5.98
C ARG A 475 0.41 9.25 -6.52
N THR A 476 0.51 10.46 -7.07
CA THR A 476 -0.63 11.12 -7.71
C THR A 476 -0.13 11.95 -8.89
N PRO A 477 -0.94 12.08 -9.95
CA PRO A 477 -0.60 13.02 -11.02
C PRO A 477 -0.51 14.48 -10.55
N ALA A 478 -1.05 14.81 -9.37
CA ALA A 478 -0.92 16.17 -8.87
C ALA A 478 0.48 16.48 -8.37
N HIS A 479 1.32 15.47 -8.15
CA HIS A 479 2.69 15.71 -7.68
C HIS A 479 2.67 16.61 -6.44
N VAL A 480 1.77 16.31 -5.51
CA VAL A 480 1.75 17.04 -4.26
C VAL A 480 2.93 16.61 -3.40
N LYS A 481 3.38 17.49 -2.53
CA LYS A 481 4.39 17.12 -1.55
C LYS A 481 3.95 15.90 -0.76
N TRP A 482 4.93 15.02 -0.51
CA TRP A 482 4.84 13.68 0.11
C TRP A 482 4.59 12.61 -0.97
N SER A 483 4.16 12.99 -2.16
CA SER A 483 4.11 12.02 -3.23
C SER A 483 5.52 11.71 -3.75
N GLU A 484 5.72 10.46 -4.19
CA GLU A 484 7.01 10.04 -4.71
C GLU A 484 7.42 10.85 -5.94
N GLU A 485 6.46 11.27 -6.79
CA GLU A 485 6.81 12.07 -7.95
C GLU A 485 7.33 13.46 -7.54
N TYR A 486 6.88 14.00 -6.42
CA TYR A 486 7.42 15.28 -6.03
C TYR A 486 8.87 15.15 -5.55
N GLN A 487 9.18 14.11 -4.76
CA GLN A 487 10.56 13.88 -4.37
C GLN A 487 11.47 13.80 -5.59
N VAL A 488 10.96 13.26 -6.71
CA VAL A 488 11.74 13.21 -7.95
C VAL A 488 12.05 14.62 -8.43
N GLN A 489 11.02 15.46 -8.60
CA GLN A 489 11.26 16.85 -9.01
C GLN A 489 12.25 17.54 -8.10
N ALA A 490 12.07 17.38 -6.78
CA ALA A 490 12.87 18.11 -5.82
C ALA A 490 14.32 17.66 -5.87
N LEU A 491 14.58 16.34 -5.91
CA LEU A 491 15.96 15.85 -5.85
C LEU A 491 16.74 16.20 -7.12
N LYS A 492 16.10 16.12 -8.30
CA LYS A 492 16.76 16.56 -9.54
C LYS A 492 17.30 17.97 -9.39
N GLU A 493 16.40 18.91 -9.07
CA GLU A 493 16.80 20.30 -8.96
C GLU A 493 17.85 20.49 -7.88
N GLN A 494 17.68 19.84 -6.72
CA GLN A 494 18.61 20.00 -5.61
C GLN A 494 20.01 19.54 -5.97
N LEU A 495 20.12 18.34 -6.56
CA LEU A 495 21.44 17.81 -6.89
C LEU A 495 22.09 18.60 -8.02
N GLN A 496 21.29 19.02 -9.00
CA GLN A 496 21.80 19.86 -10.08
C GLN A 496 22.39 21.15 -9.52
N ALA A 497 21.69 21.80 -8.57
CA ALA A 497 22.21 23.05 -8.02
C ALA A 497 23.50 22.85 -7.24
N VAL A 498 23.60 21.79 -6.42
CA VAL A 498 24.78 21.64 -5.56
C VAL A 498 26.00 21.31 -6.40
N PHE A 499 25.86 20.40 -7.37
CA PHE A 499 27.00 20.02 -8.19
C PHE A 499 27.45 21.14 -9.14
N SER A 500 26.59 22.11 -9.41
CA SER A 500 26.94 23.27 -10.23
C SER A 500 27.40 24.47 -9.39
N ARG A 501 27.45 24.33 -8.07
CA ARG A 501 27.73 25.46 -7.19
C ARG A 501 29.24 25.58 -7.00
N GLU A 502 29.83 26.61 -7.59
CA GLU A 502 31.27 26.89 -7.47
C GLU A 502 31.66 27.08 -6.02
N GLY A 503 32.63 26.30 -5.55
CA GLY A 503 33.11 26.34 -4.18
C GLY A 503 32.55 25.25 -3.28
N CYS A 504 31.50 24.58 -3.69
CA CYS A 504 30.93 23.49 -2.93
C CYS A 504 31.66 22.21 -3.30
N SER A 505 32.07 21.45 -2.29
CA SER A 505 32.82 20.21 -2.45
C SER A 505 31.94 18.97 -2.66
N GLY A 506 30.63 19.09 -2.61
CA GLY A 506 29.79 17.92 -2.71
C GLY A 506 28.66 18.00 -1.72
N VAL A 507 27.99 16.86 -1.49
CA VAL A 507 26.69 16.88 -0.84
C VAL A 507 26.43 15.53 -0.18
N TYR A 508 25.76 15.57 0.96
CA TYR A 508 25.16 14.40 1.60
C TYR A 508 23.66 14.50 1.45
N ILE A 509 23.06 13.54 0.76
CA ILE A 509 21.61 13.51 0.64
C ILE A 509 21.00 13.15 1.98
N TRP A 510 19.99 13.94 2.42
CA TRP A 510 19.12 13.53 3.52
C TRP A 510 17.85 12.91 2.93
N GLN A 511 17.70 11.58 3.08
CA GLN A 511 18.65 10.70 3.71
C GLN A 511 18.55 9.34 3.04
N PHE A 512 19.29 8.36 3.55
CA PHE A 512 19.39 7.08 2.84
C PHE A 512 18.06 6.33 2.87
N CYS A 513 17.59 5.96 4.06
CA CYS A 513 16.35 5.23 4.28
C CYS A 513 15.42 6.02 5.20
N ASP A 514 14.16 5.60 5.26
CA ASP A 514 13.22 6.14 6.24
C ASP A 514 13.60 5.71 7.67
N VAL A 515 13.33 6.57 8.64
CA VAL A 515 13.80 6.35 10.02
C VAL A 515 12.66 6.59 11.01
N ARG A 516 12.48 5.67 11.95
CA ARG A 516 11.57 5.86 13.07
C ARG A 516 12.03 7.01 13.94
N VAL A 517 11.09 7.86 14.37
CA VAL A 517 11.43 8.96 15.29
C VAL A 517 10.63 8.85 16.60
N CYS A 518 10.78 9.85 17.46
CA CYS A 518 10.06 9.85 18.73
C CYS A 518 8.62 10.29 18.54
N ASP A 519 7.74 9.75 19.40
CA ASP A 519 6.31 9.99 19.28
C ASP A 519 5.96 11.48 19.31
N SER A 520 6.69 12.28 20.08
CA SER A 520 6.37 13.70 20.20
C SER A 520 6.51 14.44 18.86
N TRP A 521 7.31 13.92 17.93
CA TRP A 521 7.52 14.55 16.63
C TRP A 521 6.43 14.17 15.61
N PHE A 522 5.40 13.42 16.02
CA PHE A 522 4.44 12.85 15.07
C PHE A 522 3.82 13.91 14.17
N GLY A 523 3.58 15.12 14.70
CA GLY A 523 2.77 16.10 13.99
C GLY A 523 3.31 16.47 12.63
N SER A 524 4.64 16.51 12.49
CA SER A 524 5.30 16.85 11.25
C SER A 524 5.96 15.65 10.58
N ARG A 525 5.74 14.45 11.13
CA ARG A 525 6.43 13.22 10.74
C ARG A 525 5.40 12.15 10.44
N PRO A 526 4.96 12.07 9.19
CA PRO A 526 3.98 11.04 8.82
C PRO A 526 4.46 9.66 9.22
N ARG A 527 3.53 8.87 9.77
CA ARG A 527 3.78 7.50 10.22
C ARG A 527 4.72 7.44 11.42
N THR A 528 4.99 8.58 12.07
CA THR A 528 6.04 8.71 13.09
C THR A 528 7.35 8.17 12.55
N MET A 529 7.62 8.54 11.30
CA MET A 529 8.83 8.24 10.58
C MET A 529 9.35 9.53 9.97
N ASN A 530 10.67 9.59 9.81
CA ASN A 530 11.28 10.51 8.85
C ASN A 530 11.19 9.87 7.47
N ASN A 531 10.51 10.54 6.55
CA ASN A 531 10.21 9.96 5.25
C ASN A 531 11.11 10.52 4.14
N LYS A 532 12.26 11.04 4.47
CA LYS A 532 13.10 11.64 3.45
C LYS A 532 14.07 10.65 2.85
N GLY A 533 13.89 9.35 3.10
CA GLY A 533 14.77 8.37 2.50
C GLY A 533 14.63 8.30 0.99
N ILE A 534 15.71 7.87 0.34
CA ILE A 534 15.61 7.48 -1.06
C ILE A 534 15.11 6.03 -1.18
N VAL A 535 15.36 5.22 -0.15
CA VAL A 535 14.69 3.93 0.03
C VAL A 535 13.83 4.09 1.27
N ASP A 536 12.75 3.31 1.35
CA ASP A 536 11.92 3.38 2.55
C ASP A 536 12.57 2.50 3.63
N GLU A 537 11.92 2.38 4.79
CA GLU A 537 12.55 1.67 5.90
C GLU A 537 12.82 0.21 5.57
N TYR A 538 12.05 -0.36 4.65
CA TYR A 538 12.27 -1.74 4.24
C TYR A 538 13.27 -1.84 3.10
N ARG A 539 13.97 -0.73 2.79
CA ARG A 539 15.01 -0.67 1.77
C ARG A 539 14.45 -0.86 0.36
N ARG A 540 13.17 -0.52 0.18
CA ARG A 540 12.59 -0.50 -1.18
C ARG A 540 12.87 0.86 -1.81
N PRO A 541 13.34 0.91 -3.06
CA PRO A 541 13.64 2.20 -3.69
C PRO A 541 12.38 2.97 -4.10
N LYS A 542 12.35 4.26 -3.75
CA LYS A 542 11.32 5.15 -4.23
C LYS A 542 11.64 5.58 -5.66
N LEU A 543 10.69 6.31 -6.27
CA LEU A 543 10.90 6.80 -7.63
C LEU A 543 12.21 7.59 -7.74
N ALA A 544 12.48 8.48 -6.76
CA ALA A 544 13.69 9.31 -6.74
C ALA A 544 14.99 8.51 -6.74
N TYR A 545 14.95 7.20 -6.46
CA TYR A 545 16.17 6.39 -6.49
C TYR A 545 16.88 6.49 -7.84
N GLU A 546 16.11 6.40 -8.93
CA GLU A 546 16.66 6.56 -10.28
C GLU A 546 17.24 7.96 -10.50
N VAL A 547 16.59 8.98 -9.96
CA VAL A 547 17.08 10.34 -10.15
C VAL A 547 18.45 10.51 -9.48
N VAL A 548 18.60 9.98 -8.26
CA VAL A 548 19.88 10.10 -7.54
C VAL A 548 20.96 9.31 -8.26
N LYS A 549 20.63 8.11 -8.75
CA LYS A 549 21.64 7.26 -9.39
C LYS A 549 22.11 7.86 -10.71
N ASP A 550 21.20 8.40 -11.53
CA ASP A 550 21.63 9.10 -12.75
C ASP A 550 22.57 10.26 -12.42
N SER A 551 22.34 10.94 -11.30
CA SER A 551 23.15 12.10 -10.93
C SER A 551 24.52 11.68 -10.37
N TYR A 552 24.53 10.88 -9.31
CA TYR A 552 25.77 10.42 -8.72
C TYR A 552 26.61 9.62 -9.71
N ARG A 553 25.97 8.83 -10.57
CA ARG A 553 26.76 7.98 -11.45
C ARG A 553 27.35 8.72 -12.64
N SER A 554 26.90 9.94 -12.91
CA SER A 554 27.51 10.76 -13.94
C SER A 554 28.74 11.49 -13.44
N LEU A 555 29.21 11.21 -12.23
CA LEU A 555 30.28 11.98 -11.61
C LEU A 555 31.25 11.08 -10.87
N GLY A 556 32.55 11.37 -11.03
CA GLY A 556 33.58 10.65 -10.33
C GLY A 556 33.84 11.22 -8.96
N ASN A 557 34.94 10.76 -8.36
CA ASN A 557 35.28 11.10 -6.99
C ASN A 557 36.05 12.40 -6.84
N TYR A 558 36.64 12.92 -7.91
CA TYR A 558 37.49 14.09 -7.84
C TYR A 558 37.06 15.09 -8.90
N PHE A 559 37.37 16.35 -8.63
CA PHE A 559 37.14 17.41 -9.60
C PHE A 559 38.22 17.37 -10.68
N MET B 1 -29.39 16.41 -13.15
CA MET B 1 -30.12 16.34 -11.90
C MET B 1 -29.69 17.48 -10.98
N ILE B 2 -30.67 18.25 -10.50
CA ILE B 2 -30.44 19.40 -9.65
C ILE B 2 -31.03 19.18 -8.26
N ARG B 3 -32.25 18.65 -8.19
CA ARG B 3 -32.92 18.27 -6.94
C ARG B 3 -33.39 16.83 -7.07
N THR B 4 -33.84 16.23 -5.96
CA THR B 4 -34.44 14.91 -6.10
C THR B 4 -35.89 14.98 -6.53
N PHE B 5 -36.46 16.17 -6.64
CA PHE B 5 -37.84 16.36 -7.06
C PHE B 5 -37.89 17.52 -8.05
N GLU B 6 -39.02 17.62 -8.76
CA GLU B 6 -39.27 18.72 -9.69
C GLU B 6 -39.70 19.97 -8.93
N THR B 7 -39.00 21.08 -9.20
CA THR B 7 -39.27 22.37 -8.56
C THR B 7 -40.19 23.26 -9.39
N HIS B 8 -40.44 22.91 -10.65
CA HIS B 8 -41.35 23.67 -11.50
C HIS B 8 -42.14 22.71 -12.38
N LYS B 9 -43.42 23.04 -12.60
CA LYS B 9 -44.21 22.42 -13.65
C LYS B 9 -44.77 23.43 -14.64
N ILE B 10 -45.02 24.66 -14.20
CA ILE B 10 -45.45 25.73 -15.10
C ILE B 10 -44.26 26.43 -15.74
N ARG B 11 -43.31 26.90 -14.93
CA ARG B 11 -42.10 27.55 -15.45
C ARG B 11 -41.36 26.66 -16.44
N LYS B 12 -40.97 27.24 -17.57
CA LYS B 12 -40.17 26.54 -18.56
C LYS B 12 -38.71 26.56 -18.11
N THR B 13 -38.16 25.37 -17.84
CA THR B 13 -36.75 25.30 -17.44
C THR B 13 -36.07 24.17 -18.22
N ALA B 14 -34.76 24.31 -18.34
CA ALA B 14 -33.91 23.28 -18.91
C ALA B 14 -32.60 23.31 -18.15
N GLU B 15 -32.10 22.13 -17.80
CA GLU B 15 -30.81 22.03 -17.15
C GLU B 15 -29.70 22.21 -18.19
N LEU B 16 -28.83 23.21 -18.00
CA LEU B 16 -27.69 23.38 -18.88
C LEU B 16 -26.49 22.56 -18.44
N SER B 17 -26.48 22.05 -17.21
CA SER B 17 -25.42 21.18 -16.73
C SER B 17 -25.76 19.76 -17.15
N SER B 18 -25.14 18.74 -16.52
CA SER B 18 -25.22 17.35 -16.99
C SER B 18 -24.89 17.31 -18.48
N ALA B 19 -23.81 17.98 -18.83
CA ALA B 19 -23.39 18.12 -20.21
C ALA B 19 -21.89 18.41 -20.24
N LEU B 20 -21.32 18.31 -21.44
CA LEU B 20 -19.95 18.76 -21.68
C LEU B 20 -19.99 20.19 -22.20
N TRP B 21 -19.16 21.06 -21.62
CA TRP B 21 -18.93 22.41 -22.11
C TRP B 21 -17.52 22.50 -22.69
N ASN B 22 -17.26 23.57 -23.42
CA ASN B 22 -15.90 23.85 -23.85
C ASN B 22 -15.13 24.54 -22.75
N PHE B 23 -13.88 24.11 -22.57
CA PHE B 23 -13.07 24.47 -21.41
C PHE B 23 -11.64 24.79 -21.83
N HIS B 24 -11.11 25.87 -21.29
CA HIS B 24 -9.70 26.20 -21.49
C HIS B 24 -9.28 27.12 -20.37
N THR B 25 -8.02 27.01 -19.97
CA THR B 25 -7.46 27.94 -18.99
C THR B 25 -7.16 29.28 -19.66
N ILE B 26 -7.16 30.35 -18.86
CA ILE B 26 -6.85 31.67 -19.36
C ILE B 26 -5.85 32.33 -18.41
N GLY B 27 -5.14 33.31 -18.94
CA GLY B 27 -4.04 33.95 -18.25
C GLY B 27 -2.70 33.71 -18.90
N THR B 28 -2.67 33.25 -20.16
CA THR B 28 -1.43 33.05 -20.89
C THR B 28 -1.50 33.73 -22.27
N GLN B 29 -0.37 33.71 -22.96
CA GLN B 29 -0.20 34.46 -24.21
C GLN B 29 -0.43 33.64 -25.46
N GLY B 30 -0.29 32.33 -25.39
CA GLY B 30 -0.33 31.47 -26.56
C GLY B 30 -1.70 30.85 -26.79
N GLU B 31 -1.67 29.65 -27.38
CA GLU B 31 -2.87 28.88 -27.69
C GLU B 31 -3.05 27.83 -26.59
N GLU B 32 -4.11 27.96 -25.80
CA GLU B 32 -4.49 26.89 -24.88
C GLU B 32 -5.47 25.94 -25.57
N ALA B 33 -5.19 24.65 -25.46
CA ALA B 33 -6.08 23.65 -26.04
C ALA B 33 -7.49 23.80 -25.46
N VAL B 34 -8.50 23.67 -26.31
CA VAL B 34 -9.89 23.62 -25.85
C VAL B 34 -10.28 22.16 -25.70
N ILE B 35 -10.75 21.79 -24.51
CA ILE B 35 -11.19 20.43 -24.24
C ILE B 35 -12.65 20.44 -23.82
N GLN B 36 -13.33 19.33 -24.12
CA GLN B 36 -14.70 19.13 -23.66
C GLN B 36 -14.67 18.61 -22.22
N ALA B 37 -15.15 19.44 -21.29
CA ALA B 37 -15.10 19.15 -19.86
C ALA B 37 -16.51 18.95 -19.29
N PRO B 38 -16.63 18.13 -18.25
CA PRO B 38 -17.93 17.93 -17.60
C PRO B 38 -18.36 19.09 -16.71
N VAL B 39 -19.64 19.42 -16.80
CA VAL B 39 -20.31 20.33 -15.88
C VAL B 39 -21.51 19.57 -15.35
N PRO B 40 -21.68 19.42 -14.03
CA PRO B 40 -20.77 19.82 -12.93
C PRO B 40 -19.37 19.16 -12.97
N GLY B 41 -18.39 19.78 -12.30
CA GLY B 41 -17.03 19.26 -12.27
C GLY B 41 -16.03 20.28 -11.78
N CYS B 42 -14.86 19.79 -11.34
CA CYS B 42 -13.72 20.62 -10.97
C CYS B 42 -12.54 20.29 -11.88
N TRP B 43 -11.80 21.31 -12.30
CA TRP B 43 -10.73 21.07 -13.26
C TRP B 43 -9.55 20.35 -12.65
N GLU B 44 -9.43 20.32 -11.32
CA GLU B 44 -8.41 19.50 -10.69
C GLU B 44 -8.60 18.01 -10.96
N ASN B 45 -9.76 17.61 -11.48
CA ASN B 45 -10.00 16.24 -11.92
C ASN B 45 -9.81 16.08 -13.42
N TYR B 46 -9.54 17.17 -14.17
CA TYR B 46 -9.18 16.99 -15.57
C TYR B 46 -7.66 16.78 -15.67
N PRO B 47 -7.19 15.77 -16.43
CA PRO B 47 -5.73 15.46 -16.44
C PRO B 47 -4.79 16.65 -16.62
N ASP B 48 -5.07 17.56 -17.55
CA ASP B 48 -4.15 18.64 -17.87
C ASP B 48 -4.24 19.82 -16.91
N THR B 49 -5.13 19.79 -15.91
CA THR B 49 -5.32 20.89 -14.98
C THR B 49 -5.36 20.38 -13.53
N VAL B 50 -4.72 19.23 -13.28
CA VAL B 50 -4.82 18.54 -12.01
C VAL B 50 -4.25 19.35 -10.85
N SER B 51 -3.31 20.26 -11.12
CA SER B 51 -2.83 21.21 -10.12
C SER B 51 -2.99 22.65 -10.57
N TYR B 52 -3.91 22.93 -11.50
CA TYR B 52 -4.07 24.29 -11.99
C TYR B 52 -4.80 25.18 -10.98
N ARG B 53 -4.19 26.33 -10.65
CA ARG B 53 -4.86 27.39 -9.90
C ARG B 53 -4.80 28.70 -10.67
N GLY B 54 -5.96 29.27 -10.96
CA GLY B 54 -6.05 30.48 -11.76
C GLY B 54 -7.44 30.57 -12.38
N GLN B 55 -7.51 31.34 -13.45
CA GLN B 55 -8.77 31.50 -14.16
C GLN B 55 -8.91 30.43 -15.24
N ALA B 56 -10.17 30.16 -15.61
CA ALA B 56 -10.48 29.30 -16.73
C ALA B 56 -11.83 29.73 -17.27
N SER B 57 -12.09 29.37 -18.53
CA SER B 57 -13.35 29.65 -19.22
C SER B 57 -14.13 28.36 -19.48
N TYR B 58 -15.43 28.39 -19.18
CA TYR B 58 -16.39 27.36 -19.56
C TYR B 58 -17.43 27.98 -20.47
N SER B 59 -17.74 27.33 -21.59
CA SER B 59 -18.75 27.93 -22.44
C SER B 59 -19.51 26.86 -23.20
N ARG B 60 -20.77 27.20 -23.52
CA ARG B 60 -21.67 26.40 -24.34
C ARG B 60 -22.70 27.36 -24.94
N GLU B 61 -23.58 26.82 -25.79
CA GLU B 61 -24.70 27.59 -26.35
C GLU B 61 -26.02 27.10 -25.77
N PHE B 62 -27.03 27.97 -25.80
CA PHE B 62 -28.37 27.60 -25.36
C PHE B 62 -29.40 28.26 -26.28
N GLU B 63 -30.65 27.86 -26.16
CA GLU B 63 -31.71 28.45 -26.98
C GLU B 63 -32.79 29.03 -26.08
N ALA B 64 -33.11 30.30 -26.29
CA ALA B 64 -34.00 31.01 -25.41
C ALA B 64 -34.46 32.31 -26.05
N LYS B 65 -35.58 32.82 -25.53
CA LYS B 65 -36.19 34.05 -26.01
C LYS B 65 -36.84 34.75 -24.82
N GLY B 66 -36.89 36.08 -24.87
CA GLY B 66 -37.66 36.83 -23.89
C GLY B 66 -36.90 37.05 -22.59
N ASN B 67 -37.65 37.22 -21.51
CA ASN B 67 -37.05 37.28 -20.18
C ASN B 67 -36.54 35.90 -19.79
N ILE B 68 -35.28 35.82 -19.38
CA ILE B 68 -34.71 34.53 -19.00
C ILE B 68 -34.03 34.66 -17.64
N ARG B 69 -33.82 33.51 -17.01
CA ARG B 69 -33.07 33.44 -15.77
C ARG B 69 -32.06 32.30 -15.89
N LEU B 70 -30.83 32.56 -15.48
CA LEU B 70 -29.77 31.55 -15.40
C LEU B 70 -29.44 31.36 -13.93
N GLU B 71 -29.74 30.18 -13.39
CA GLU B 71 -29.39 29.85 -12.02
C GLU B 71 -28.13 28.99 -12.00
N PHE B 72 -27.14 29.44 -11.25
CA PHE B 72 -25.89 28.70 -11.08
C PHE B 72 -25.82 28.22 -9.62
N LYS B 73 -25.84 26.89 -9.42
CA LYS B 73 -25.85 26.33 -8.06
C LYS B 73 -24.48 26.42 -7.37
N GLY B 74 -23.38 26.42 -8.14
CA GLY B 74 -22.04 26.48 -7.60
C GLY B 74 -20.95 26.70 -8.65
N VAL B 75 -20.19 27.79 -8.50
CA VAL B 75 -18.99 28.06 -9.28
C VAL B 75 -17.86 28.31 -8.29
N SER B 76 -16.77 27.52 -8.39
CA SER B 76 -15.66 27.53 -7.44
C SER B 76 -14.55 28.44 -7.97
N HIS B 77 -14.30 29.59 -7.31
CA HIS B 77 -15.14 30.19 -6.25
C HIS B 77 -15.60 31.58 -6.65
N THR B 78 -14.97 32.11 -7.68
CA THR B 78 -15.30 33.42 -8.21
C THR B 78 -15.71 33.28 -9.67
N ALA B 79 -16.93 33.74 -9.98
CA ALA B 79 -17.56 33.56 -11.29
C ALA B 79 -17.79 34.90 -11.97
N SER B 80 -17.65 34.87 -13.30
CA SER B 80 -18.15 35.93 -14.15
C SER B 80 -18.90 35.30 -15.32
N VAL B 81 -20.14 35.73 -15.51
CA VAL B 81 -21.03 35.15 -16.51
C VAL B 81 -21.19 36.14 -17.65
N LEU B 82 -21.04 35.64 -18.87
CA LEU B 82 -21.23 36.42 -20.07
C LEU B 82 -22.25 35.70 -20.92
N VAL B 83 -23.21 36.46 -21.43
CA VAL B 83 -24.15 35.98 -22.45
C VAL B 83 -23.88 36.81 -23.69
N ASP B 84 -23.73 36.13 -24.83
CA ASP B 84 -23.46 36.82 -26.10
C ASP B 84 -22.35 37.85 -25.95
N GLY B 85 -21.31 37.51 -25.21
CA GLY B 85 -20.13 38.34 -25.11
C GLY B 85 -20.18 39.44 -24.07
N LYS B 86 -21.31 39.65 -23.39
CA LYS B 86 -21.47 40.78 -22.51
C LYS B 86 -21.46 40.35 -21.04
N PRO B 87 -20.60 40.94 -20.23
CA PRO B 87 -20.65 40.71 -18.78
C PRO B 87 -22.00 41.01 -18.18
N VAL B 88 -22.61 40.00 -17.56
CA VAL B 88 -23.99 40.07 -17.10
C VAL B 88 -24.11 39.72 -15.62
N GLY B 89 -23.02 39.25 -15.00
CA GLY B 89 -23.13 38.76 -13.64
C GLY B 89 -21.85 38.29 -12.97
N SER B 90 -21.83 38.40 -11.64
CA SER B 90 -20.67 38.09 -10.82
C SER B 90 -21.08 37.36 -9.56
N HIS B 91 -20.26 36.37 -9.15
CA HIS B 91 -20.44 35.76 -7.84
C HIS B 91 -19.09 35.48 -7.18
N TYR B 92 -19.09 35.52 -5.85
CA TYR B 92 -18.01 34.99 -5.03
C TYR B 92 -18.58 33.97 -4.06
N ASN B 93 -17.81 32.88 -3.87
CA ASN B 93 -18.02 31.78 -2.90
C ASN B 93 -18.49 30.55 -3.65
N ALA B 94 -17.77 29.43 -3.48
CA ALA B 94 -17.99 28.23 -4.27
C ALA B 94 -19.26 27.45 -3.91
N TYR B 95 -19.89 27.74 -2.77
CA TYR B 95 -20.80 26.82 -2.13
C TYR B 95 -22.23 27.33 -1.96
N THR B 96 -22.55 28.53 -2.46
CA THR B 96 -23.91 29.04 -2.43
C THR B 96 -24.40 29.30 -3.85
N PRO B 97 -25.69 29.11 -4.11
CA PRO B 97 -26.23 29.34 -5.45
C PRO B 97 -26.53 30.81 -5.70
N PHE B 98 -26.58 31.16 -6.99
CA PHE B 98 -26.79 32.53 -7.43
C PHE B 98 -27.43 32.50 -8.83
N ASP B 99 -27.98 33.63 -9.25
CA ASP B 99 -28.67 33.67 -10.54
C ASP B 99 -28.37 34.96 -11.30
N VAL B 100 -28.62 34.89 -12.61
CA VAL B 100 -28.61 36.05 -13.49
C VAL B 100 -29.96 36.12 -14.19
N VAL B 101 -30.49 37.34 -14.28
CA VAL B 101 -31.82 37.60 -14.86
C VAL B 101 -31.63 38.55 -16.04
N LEU B 102 -32.10 38.14 -17.20
CA LEU B 102 -31.93 38.88 -18.44
C LEU B 102 -33.29 39.19 -19.05
N LYS B 103 -33.53 40.47 -19.30
CA LYS B 103 -34.82 40.94 -19.79
C LYS B 103 -34.84 40.95 -21.32
N ASP B 104 -35.89 40.36 -21.89
CA ASP B 104 -36.20 40.37 -23.31
C ASP B 104 -34.98 40.24 -24.20
N ILE B 105 -34.35 39.07 -24.17
CA ILE B 105 -33.26 38.77 -25.10
C ILE B 105 -33.86 38.38 -26.44
N ARG B 106 -33.16 38.75 -27.51
CA ARG B 106 -33.55 38.35 -28.86
C ARG B 106 -33.71 36.84 -28.91
N PRO B 107 -34.60 36.30 -29.74
CA PRO B 107 -34.74 34.84 -29.80
C PRO B 107 -33.51 34.22 -30.43
N GLY B 108 -33.46 32.90 -30.51
CA GLY B 108 -32.38 32.21 -31.20
C GLY B 108 -31.35 31.60 -30.28
N ILE B 109 -30.19 31.30 -30.87
CA ILE B 109 -29.08 30.62 -30.20
C ILE B 109 -28.21 31.68 -29.52
N HIS B 110 -27.82 31.41 -28.28
CA HIS B 110 -27.04 32.35 -27.48
C HIS B 110 -25.77 31.71 -26.98
N GLN B 111 -24.73 32.53 -26.79
CA GLN B 111 -23.45 32.06 -26.26
C GLN B 111 -23.42 32.33 -24.76
N LEU B 112 -23.18 31.29 -24.00
CA LEU B 112 -22.98 31.38 -22.56
C LEU B 112 -21.54 31.00 -22.25
N GLU B 113 -20.83 31.86 -21.52
CA GLU B 113 -19.49 31.58 -21.05
C GLU B 113 -19.42 31.90 -19.57
N VAL B 114 -18.84 30.99 -18.80
CA VAL B 114 -18.53 31.25 -17.39
C VAL B 114 -17.02 31.30 -17.26
N ILE B 115 -16.50 32.37 -16.67
CA ILE B 115 -15.09 32.44 -16.29
C ILE B 115 -15.00 32.10 -14.81
N ALA B 116 -14.46 30.93 -14.49
CA ALA B 116 -14.25 30.49 -13.12
C ALA B 116 -12.83 30.81 -12.68
N ASP B 117 -12.65 30.97 -11.38
CA ASP B 117 -11.36 31.40 -10.83
C ASP B 117 -11.26 30.86 -9.42
N ASN B 118 -10.14 30.23 -9.08
CA ASN B 118 -9.91 29.74 -7.72
C ASN B 118 -8.64 30.32 -7.12
N SER B 119 -8.14 31.43 -7.68
CA SER B 119 -6.96 32.11 -7.16
C SER B 119 -7.17 32.53 -5.71
N PHE B 120 -6.09 32.50 -4.94
CA PHE B 120 -6.01 33.07 -3.62
C PHE B 120 -5.44 34.47 -3.71
N GLY B 121 -5.89 35.36 -2.82
CA GLY B 121 -5.35 36.69 -2.75
C GLY B 121 -6.23 37.67 -2.00
N PRO B 122 -5.96 38.96 -2.18
CA PRO B 122 -6.66 39.99 -1.38
C PRO B 122 -8.14 40.13 -1.68
N ASP B 123 -8.60 39.82 -2.90
CA ASP B 123 -10.02 39.91 -3.22
C ASP B 123 -10.85 38.81 -2.59
N SER B 124 -10.22 37.79 -1.99
CA SER B 124 -10.88 36.59 -1.49
C SER B 124 -10.64 36.46 0.00
N ALA B 125 -11.70 36.62 0.79
CA ALA B 125 -11.58 36.61 2.24
C ALA B 125 -11.98 35.29 2.86
N LEU B 126 -12.74 34.46 2.14
CA LEU B 126 -13.18 33.17 2.64
C LEU B 126 -12.35 32.03 2.07
N HIS B 127 -12.15 32.01 0.75
CA HIS B 127 -11.28 31.04 0.07
C HIS B 127 -9.83 31.48 0.22
N VAL B 128 -9.09 30.80 1.11
CA VAL B 128 -7.69 31.07 1.43
C VAL B 128 -6.92 29.76 1.47
N PRO B 129 -5.58 29.78 1.50
CA PRO B 129 -4.84 28.54 1.77
C PRO B 129 -5.25 27.99 3.12
N ASN B 130 -5.70 26.74 3.15
CA ASN B 130 -6.46 26.25 4.29
C ASN B 130 -6.38 24.72 4.34
N ASP B 131 -7.03 24.15 5.36
CA ASP B 131 -7.03 22.71 5.58
C ASP B 131 -8.10 21.99 4.79
N TYR B 132 -8.42 22.51 3.62
CA TYR B 132 -9.24 21.85 2.60
C TYR B 132 -8.90 22.55 1.30
N GLN B 133 -9.41 22.02 0.19
CA GLN B 133 -9.05 22.48 -1.15
C GLN B 133 -10.07 23.50 -1.67
N SER B 134 -9.57 24.58 -2.28
CA SER B 134 -10.42 25.49 -3.05
C SER B 134 -10.32 25.09 -4.51
N TYR B 135 -11.28 24.31 -4.99
CA TYR B 135 -11.25 23.81 -6.36
C TYR B 135 -11.58 24.91 -7.36
N GLY B 136 -11.50 24.55 -8.63
CA GLY B 136 -11.93 25.43 -9.71
C GLY B 136 -12.90 24.80 -10.67
N GLY B 137 -13.98 25.52 -10.97
CA GLY B 137 -14.85 25.15 -12.06
C GLY B 137 -16.30 25.30 -11.69
N ILE B 138 -17.17 24.82 -12.58
CA ILE B 138 -18.61 24.84 -12.33
C ILE B 138 -18.91 23.55 -11.57
N SER B 139 -18.75 23.61 -10.25
CA SER B 139 -18.82 22.41 -9.43
C SER B 139 -20.24 21.95 -9.10
N ARG B 140 -21.27 22.77 -9.33
CA ARG B 140 -22.66 22.33 -9.20
C ARG B 140 -23.42 22.75 -10.47
N GLY B 141 -24.72 22.43 -10.49
CA GLY B 141 -25.53 22.51 -11.68
C GLY B 141 -25.89 23.92 -12.12
N VAL B 142 -26.55 23.97 -13.27
CA VAL B 142 -26.87 25.20 -13.99
C VAL B 142 -28.18 24.98 -14.72
N VAL B 143 -29.11 25.93 -14.58
CA VAL B 143 -30.47 25.80 -15.08
C VAL B 143 -30.79 27.00 -15.94
N LEU B 144 -31.36 26.76 -17.12
CA LEU B 144 -31.93 27.83 -17.92
C LEU B 144 -33.41 27.91 -17.61
N GLU B 145 -33.89 29.11 -17.27
CA GLU B 145 -35.32 29.33 -17.10
C GLU B 145 -35.77 30.44 -18.05
N GLU B 146 -36.87 30.21 -18.73
CA GLU B 146 -37.51 31.20 -19.59
C GLU B 146 -38.72 31.76 -18.85
N LEU B 147 -38.71 33.06 -18.62
CA LEU B 147 -39.63 33.73 -17.72
C LEU B 147 -40.68 34.54 -18.49
N GLY B 148 -41.72 34.94 -17.75
CA GLY B 148 -42.68 35.91 -18.25
C GLY B 148 -42.50 37.26 -17.62
N GLU B 149 -43.61 37.87 -17.20
CA GLU B 149 -43.57 39.23 -16.66
C GLU B 149 -43.23 39.26 -15.17
N ALA B 150 -43.53 38.20 -14.45
CA ALA B 150 -43.20 38.09 -13.03
C ALA B 150 -42.92 36.62 -12.72
N TYR B 151 -42.24 36.37 -11.63
CA TYR B 151 -41.98 34.99 -11.23
C TYR B 151 -41.82 34.91 -9.72
N LEU B 152 -42.03 33.71 -9.19
CA LEU B 152 -41.84 33.45 -7.78
C LEU B 152 -40.36 33.22 -7.50
N SER B 153 -39.76 34.09 -6.71
CA SER B 153 -38.33 33.98 -6.43
C SER B 153 -38.02 32.92 -5.37
N TRP B 154 -38.88 32.77 -4.36
CA TRP B 154 -38.72 31.72 -3.35
C TRP B 154 -40.02 31.60 -2.57
N ILE B 155 -40.12 30.52 -1.80
CA ILE B 155 -41.20 30.31 -0.84
C ILE B 155 -40.61 29.68 0.42
N HIS B 156 -41.01 30.17 1.59
CA HIS B 156 -40.50 29.69 2.87
C HIS B 156 -41.66 29.21 3.73
N PHE B 157 -41.65 27.92 4.08
CA PHE B 157 -42.69 27.37 4.94
C PHE B 157 -42.12 27.11 6.32
N THR B 158 -42.87 27.51 7.35
CA THR B 158 -42.46 27.32 8.74
C THR B 158 -43.54 26.52 9.46
N PRO B 159 -43.21 25.36 10.03
CA PRO B 159 -44.19 24.66 10.87
C PRO B 159 -44.15 25.18 12.30
N PHE B 160 -45.28 25.07 12.98
CA PHE B 160 -45.40 25.43 14.39
C PHE B 160 -46.15 24.31 15.12
N LEU B 161 -45.59 23.86 16.24
CA LEU B 161 -46.17 22.80 17.05
C LEU B 161 -46.83 23.40 18.27
N ARG B 162 -48.16 23.31 18.34
CA ARG B 162 -48.97 23.90 19.40
C ARG B 162 -49.64 22.80 20.20
N LYS B 163 -50.37 23.20 21.25
CA LYS B 163 -51.05 22.24 22.12
C LYS B 163 -51.93 21.30 21.30
N ASP B 164 -52.74 21.87 20.42
CA ASP B 164 -53.68 21.16 19.56
C ASP B 164 -53.03 20.55 18.31
N GLY B 165 -51.75 20.77 18.07
CA GLY B 165 -51.05 20.09 17.00
C GLY B 165 -50.42 21.06 16.01
N TRP B 166 -50.30 20.61 14.77
CA TRP B 166 -49.45 21.29 13.80
C TRP B 166 -50.17 22.46 13.15
N TYR B 167 -49.48 23.61 13.13
CA TYR B 167 -49.79 24.78 12.33
C TYR B 167 -48.65 25.07 11.36
N GLY B 168 -48.89 26.01 10.44
CA GLY B 168 -47.85 26.44 9.52
C GLY B 168 -48.19 27.79 8.92
N LYS B 169 -47.14 28.54 8.57
CA LYS B 169 -47.27 29.77 7.79
C LYS B 169 -46.30 29.71 6.62
N ALA B 170 -46.68 30.36 5.53
CA ALA B 170 -45.89 30.37 4.31
C ALA B 170 -45.56 31.81 3.94
N GLU B 171 -44.37 32.04 3.42
CA GLU B 171 -44.01 33.34 2.91
C GLU B 171 -43.44 33.16 1.50
N ILE B 172 -43.88 34.03 0.59
CA ILE B 172 -43.57 33.94 -0.83
C ILE B 172 -43.04 35.29 -1.31
N CYS B 173 -41.99 35.26 -2.13
CA CYS B 173 -41.39 36.45 -2.72
C CYS B 173 -41.65 36.46 -4.23
N VAL B 174 -42.33 37.50 -4.72
CA VAL B 174 -42.67 37.63 -6.13
C VAL B 174 -41.86 38.78 -6.70
N ARG B 175 -41.21 38.55 -7.84
CA ARG B 175 -40.42 39.57 -8.50
C ARG B 175 -41.13 40.01 -9.77
N ASN B 176 -41.27 41.32 -9.93
CA ASN B 176 -41.93 41.91 -11.07
C ASN B 176 -40.85 42.35 -12.04
N LEU B 177 -40.81 41.74 -13.22
CA LEU B 177 -39.89 42.18 -14.26
C LEU B 177 -40.54 43.18 -15.22
N SER B 178 -41.85 43.37 -15.11
CA SER B 178 -42.54 44.37 -15.92
C SER B 178 -42.33 45.76 -15.34
N SER B 179 -42.36 46.77 -16.22
CA SER B 179 -42.23 48.14 -15.74
C SER B 179 -43.55 48.70 -15.20
N GLY B 180 -44.71 48.11 -15.55
CA GLY B 180 -45.98 48.58 -15.05
C GLY B 180 -46.40 47.90 -13.75
N ARG B 181 -47.49 48.37 -13.17
CA ARG B 181 -48.03 47.74 -11.98
C ARG B 181 -48.63 46.39 -12.34
N LEU B 182 -48.52 45.45 -11.40
CA LEU B 182 -48.91 44.07 -11.63
C LEU B 182 -49.86 43.61 -10.54
N ASP B 183 -50.89 42.87 -10.93
CA ASP B 183 -51.89 42.34 -10.01
C ASP B 183 -52.11 40.86 -10.29
N GLY B 184 -52.21 40.08 -9.24
CA GLY B 184 -52.41 38.65 -9.40
C GLY B 184 -52.71 37.98 -8.07
N SER B 185 -52.72 36.66 -8.12
CA SER B 185 -52.92 35.85 -6.92
C SER B 185 -51.83 34.79 -6.85
N VAL B 186 -51.61 34.29 -5.63
CA VAL B 186 -50.68 33.18 -5.39
C VAL B 186 -51.44 32.10 -4.63
N GLU B 187 -51.57 30.92 -5.23
CA GLU B 187 -52.35 29.80 -4.69
C GLU B 187 -51.39 28.75 -4.12
N VAL B 188 -51.43 28.56 -2.80
CA VAL B 188 -50.47 27.70 -2.11
C VAL B 188 -51.17 26.43 -1.61
N GLU B 189 -50.54 25.28 -1.88
CA GLU B 189 -50.97 23.97 -1.40
C GLU B 189 -49.79 23.25 -0.76
N ILE B 190 -50.11 22.40 0.22
CA ILE B 190 -49.14 21.53 0.85
C ILE B 190 -49.70 20.12 0.79
N GLY B 191 -49.05 19.25 0.03
CA GLY B 191 -49.49 17.86 -0.06
C GLY B 191 -50.89 17.73 -0.62
N LYS B 192 -51.24 18.53 -1.61
CA LYS B 192 -52.56 18.54 -2.24
C LYS B 192 -53.66 18.93 -1.24
N ASN B 193 -53.30 19.48 -0.10
CA ASN B 193 -54.26 20.14 0.76
C ASN B 193 -54.29 21.63 0.42
N SER B 194 -55.49 22.18 0.37
CA SER B 194 -55.64 23.62 0.20
C SER B 194 -55.04 24.35 1.41
N PHE B 195 -54.33 25.45 1.14
CA PHE B 195 -53.64 26.17 2.21
C PHE B 195 -54.00 27.66 2.24
N ALA B 196 -53.68 28.41 1.18
CA ALA B 196 -53.95 29.83 1.16
C ALA B 196 -53.94 30.34 -0.26
N VAL B 197 -54.75 31.36 -0.50
CA VAL B 197 -54.72 32.16 -1.73
C VAL B 197 -54.40 33.59 -1.31
N LEU B 198 -53.23 34.08 -1.75
CA LEU B 198 -52.81 35.43 -1.40
C LEU B 198 -52.99 36.35 -2.60
N PRO B 199 -53.74 37.45 -2.48
CA PRO B 199 -53.76 38.45 -3.57
C PRO B 199 -52.48 39.26 -3.59
N ILE B 200 -52.01 39.57 -4.80
CA ILE B 200 -50.68 40.10 -5.06
C ILE B 200 -50.80 41.44 -5.78
N VAL B 201 -50.07 42.44 -5.27
CA VAL B 201 -49.92 43.73 -5.96
C VAL B 201 -48.45 44.08 -5.95
N LEU B 202 -47.88 44.31 -7.13
CA LEU B 202 -46.48 44.70 -7.29
C LEU B 202 -46.42 45.95 -8.15
N GLU B 203 -45.69 46.96 -7.68
CA GLU B 203 -45.38 48.07 -8.56
C GLU B 203 -44.32 47.64 -9.57
N GLY B 204 -43.99 48.54 -10.48
CA GLY B 204 -43.07 48.25 -11.55
C GLY B 204 -41.71 47.82 -11.02
N GLU B 205 -41.21 46.71 -11.57
CA GLU B 205 -39.87 46.21 -11.26
C GLU B 205 -39.63 46.02 -9.76
N GLU B 206 -40.69 45.80 -9.01
CA GLU B 206 -40.62 45.65 -7.56
C GLU B 206 -40.45 44.17 -7.20
N GLU B 207 -39.67 43.92 -6.15
CA GLU B 207 -39.61 42.60 -5.53
C GLU B 207 -40.17 42.68 -4.12
N LYS B 208 -41.28 41.98 -3.88
CA LYS B 208 -42.02 42.07 -2.63
C LYS B 208 -42.33 40.67 -2.14
N SER B 209 -42.33 40.50 -0.82
CA SER B 209 -42.68 39.26 -0.17
C SER B 209 -44.07 39.35 0.45
N PHE B 210 -44.79 38.22 0.48
CA PHE B 210 -46.16 38.15 0.98
C PHE B 210 -46.31 36.96 1.90
N SER B 211 -46.99 37.16 3.02
CA SER B 211 -47.13 36.13 4.04
C SER B 211 -48.59 35.71 4.19
N THR B 212 -48.81 34.40 4.29
CA THR B 212 -50.06 33.88 4.82
C THR B 212 -50.06 34.02 6.34
N GLU B 213 -51.20 33.70 6.93
CA GLU B 213 -51.35 33.62 8.38
C GLU B 213 -50.99 32.23 8.86
N GLU B 214 -50.83 32.09 10.17
CA GLU B 214 -50.62 30.77 10.77
C GLU B 214 -51.91 29.96 10.67
N LEU B 215 -51.88 28.89 9.88
CA LEU B 215 -53.08 28.13 9.60
C LEU B 215 -52.96 26.72 10.18
N PRO B 216 -54.09 26.10 10.56
CA PRO B 216 -54.02 24.73 11.06
C PRO B 216 -53.70 23.74 9.95
N CYS B 217 -52.88 22.74 10.27
CA CYS B 217 -52.56 21.62 9.38
C CYS B 217 -52.85 20.32 10.13
N PRO B 218 -54.13 20.03 10.41
CA PRO B 218 -54.45 18.83 11.21
C PRO B 218 -54.19 17.52 10.48
N TRP B 219 -53.96 17.58 9.17
CA TRP B 219 -53.56 16.40 8.40
C TRP B 219 -52.06 16.09 8.49
N ALA B 220 -51.26 17.00 9.03
CA ALA B 220 -49.80 16.90 8.94
C ALA B 220 -49.26 15.79 9.83
N GLU B 221 -48.54 14.86 9.21
CA GLU B 221 -47.68 13.93 9.92
C GLU B 221 -46.31 14.56 10.10
N CYS B 222 -45.62 14.15 11.14
CA CYS B 222 -44.41 14.89 11.45
C CYS B 222 -43.19 14.23 10.80
N TRP B 223 -42.11 15.01 10.73
CA TRP B 223 -40.82 14.58 10.24
C TRP B 223 -39.93 14.24 11.43
N SER B 224 -39.12 13.20 11.29
CA SER B 224 -38.16 12.82 12.32
C SER B 224 -37.17 11.85 11.70
N PRO B 225 -36.06 11.55 12.40
CA PRO B 225 -35.18 10.47 11.93
C PRO B 225 -35.89 9.14 11.75
N GLU B 226 -36.81 8.81 12.67
CA GLU B 226 -37.53 7.54 12.55
C GLU B 226 -38.57 7.57 11.44
N SER B 227 -39.11 8.73 11.12
CA SER B 227 -40.21 8.83 10.15
C SER B 227 -40.09 10.14 9.37
N PRO B 228 -39.22 10.17 8.35
CA PRO B 228 -39.00 11.44 7.60
C PRO B 228 -40.06 11.72 6.55
N VAL B 229 -41.29 11.99 7.01
CA VAL B 229 -42.41 12.28 6.11
C VAL B 229 -42.24 13.67 5.51
N LEU B 230 -42.29 13.76 4.19
CA LEU B 230 -42.15 15.02 3.47
C LEU B 230 -43.43 15.35 2.70
N TYR B 231 -43.68 16.64 2.51
CA TYR B 231 -44.77 17.13 1.66
C TYR B 231 -44.21 18.07 0.62
N LEU B 232 -44.79 18.02 -0.59
CA LEU B 232 -44.53 19.04 -1.58
C LEU B 232 -45.38 20.27 -1.28
N ILE B 233 -44.76 21.44 -1.26
CA ILE B 233 -45.48 22.70 -1.12
C ILE B 233 -45.46 23.38 -2.48
N THR B 234 -46.62 23.84 -2.92
CA THR B 234 -46.79 24.35 -4.27
C THR B 234 -47.38 25.75 -4.21
N ALA B 235 -46.75 26.68 -4.91
CA ALA B 235 -47.24 28.05 -5.00
C ALA B 235 -47.36 28.38 -6.47
N VAL B 236 -48.58 28.68 -6.93
CA VAL B 236 -48.86 29.01 -8.33
C VAL B 236 -49.27 30.48 -8.40
N LEU B 237 -48.57 31.25 -9.22
CA LEU B 237 -48.84 32.67 -9.45
C LEU B 237 -49.71 32.83 -10.70
N ARG B 238 -50.90 33.38 -10.53
CA ARG B 238 -51.84 33.56 -11.64
C ARG B 238 -52.04 35.05 -11.98
N ALA B 244 -49.49 31.27 -14.79
CA ALA B 244 -48.36 31.95 -15.42
C ALA B 244 -46.98 31.54 -14.84
N ASP B 245 -46.89 31.23 -13.54
CA ASP B 245 -45.64 30.75 -12.97
C ASP B 245 -45.88 29.94 -11.70
N ASP B 246 -44.93 29.07 -11.37
CA ASP B 246 -45.06 28.22 -10.19
C ASP B 246 -43.71 28.11 -9.51
N ILE B 247 -43.74 27.57 -8.29
CA ILE B 247 -42.53 27.07 -7.62
C ILE B 247 -42.96 25.94 -6.68
N ILE B 248 -42.18 24.87 -6.67
CA ILE B 248 -42.48 23.71 -5.84
C ILE B 248 -41.29 23.48 -4.93
N ASP B 249 -41.56 23.01 -3.70
CA ASP B 249 -40.51 22.68 -2.76
C ASP B 249 -41.03 21.60 -1.82
N ARG B 250 -40.17 21.15 -0.89
CA ARG B 250 -40.56 20.11 0.06
C ARG B 250 -40.32 20.55 1.49
N VAL B 251 -41.26 20.19 2.36
CA VAL B 251 -41.25 20.59 3.75
C VAL B 251 -41.49 19.37 4.60
N GLY B 252 -41.01 19.45 5.84
CA GLY B 252 -41.37 18.49 6.86
C GLY B 252 -41.89 19.24 8.07
N PHE B 253 -42.84 18.61 8.75
CA PHE B 253 -43.42 19.17 9.97
C PHE B 253 -42.59 18.66 11.16
N ARG B 254 -41.69 19.51 11.64
CA ARG B 254 -40.84 19.17 12.78
C ARG B 254 -40.48 20.45 13.52
N GLU B 255 -40.38 20.35 14.84
CA GLU B 255 -40.01 21.49 15.68
C GLU B 255 -38.62 21.28 16.27
N ILE B 256 -37.74 22.27 16.07
CA ILE B 256 -36.41 22.29 16.69
C ILE B 256 -36.37 23.43 17.70
N ARG B 257 -35.92 23.13 18.90
CA ARG B 257 -36.00 24.01 20.06
C ARG B 257 -34.87 23.65 21.00
N THR B 258 -34.30 24.64 21.66
CA THR B 258 -33.49 24.37 22.84
C THR B 258 -34.27 24.77 24.09
N GLU B 259 -34.03 24.03 25.16
CA GLU B 259 -34.66 24.28 26.46
C GLU B 259 -33.71 23.78 27.52
N GLY B 260 -33.17 24.70 28.33
CA GLY B 260 -32.14 24.31 29.26
C GLY B 260 -30.92 23.80 28.52
N LYS B 261 -30.46 22.60 28.90
CA LYS B 261 -29.32 21.96 28.26
C LYS B 261 -29.75 20.98 27.17
N ASP B 262 -31.03 21.01 26.77
CA ASP B 262 -31.61 20.04 25.84
C ASP B 262 -31.84 20.67 24.47
N ILE B 263 -31.51 19.92 23.43
CA ILE B 263 -31.97 20.20 22.07
C ILE B 263 -33.16 19.29 21.82
N LEU B 264 -34.32 19.89 21.54
CA LEU B 264 -35.57 19.16 21.43
C LEU B 264 -35.97 19.06 19.97
N LEU B 265 -36.18 17.83 19.50
CA LEU B 265 -36.78 17.56 18.20
C LEU B 265 -38.16 16.97 18.47
N ASN B 266 -39.20 17.73 18.16
CA ASN B 266 -40.59 17.36 18.42
C ASN B 266 -40.77 16.90 19.87
N GLY B 267 -40.20 17.68 20.79
CA GLY B 267 -40.37 17.44 22.21
C GLY B 267 -39.41 16.43 22.81
N ARG B 268 -38.65 15.68 22.01
CA ARG B 268 -37.77 14.65 22.52
C ARG B 268 -36.33 15.16 22.59
N LYS B 269 -35.63 14.86 23.68
CA LYS B 269 -34.26 15.33 23.84
C LYS B 269 -33.32 14.58 22.90
N LEU B 270 -32.72 15.33 21.98
CA LEU B 270 -31.95 14.78 20.88
C LEU B 270 -30.52 14.42 21.31
N ARG B 271 -30.03 13.27 20.82
CA ARG B 271 -28.62 12.90 20.93
C ARG B 271 -27.99 12.88 19.55
N ILE B 272 -27.02 13.77 19.32
CA ILE B 272 -26.35 13.87 18.03
C ILE B 272 -25.27 12.79 17.91
N LYS B 273 -25.34 11.99 16.84
CA LYS B 273 -24.32 10.97 16.53
C LYS B 273 -23.83 11.27 15.11
N GLY B 274 -22.81 12.12 14.98
CA GLY B 274 -22.56 12.82 13.74
C GLY B 274 -21.19 12.61 13.13
N PHE B 275 -21.07 13.08 11.88
CA PHE B 275 -19.80 13.16 11.17
C PHE B 275 -19.67 14.55 10.57
N CYS B 276 -18.54 15.19 10.81
CA CYS B 276 -18.10 16.21 9.88
C CYS B 276 -17.86 15.55 8.52
N ARG B 277 -18.36 16.17 7.46
CA ARG B 277 -18.15 15.62 6.13
C ARG B 277 -17.85 16.75 5.17
N HIS B 278 -16.66 16.72 4.59
CA HIS B 278 -16.32 17.63 3.51
C HIS B 278 -16.91 17.15 2.18
N GLU B 279 -17.08 18.10 1.26
CA GLU B 279 -17.47 17.77 -0.12
C GLU B 279 -16.19 17.56 -0.91
N ASP B 280 -15.67 16.34 -0.83
CA ASP B 280 -14.34 16.05 -1.38
C ASP B 280 -14.26 14.58 -1.79
N HIS B 281 -13.80 14.35 -3.02
CA HIS B 281 -13.68 13.02 -3.56
C HIS B 281 -12.49 13.00 -4.52
N PRO B 282 -11.65 11.97 -4.45
CA PRO B 282 -10.46 11.89 -5.34
C PRO B 282 -10.78 11.98 -6.82
N GLN B 283 -12.00 11.66 -7.24
CA GLN B 283 -12.36 11.70 -8.64
C GLN B 283 -13.18 12.93 -9.02
N PHE B 284 -13.98 13.42 -8.08
CA PHE B 284 -15.05 14.35 -8.37
C PHE B 284 -14.83 15.70 -7.69
N GLY B 285 -13.70 15.86 -6.97
CA GLY B 285 -13.39 17.13 -6.33
C GLY B 285 -14.47 17.45 -5.33
N CYS B 286 -15.00 18.67 -5.42
CA CYS B 286 -16.16 19.02 -4.63
C CYS B 286 -17.45 18.90 -5.44
N ALA B 287 -17.36 18.22 -6.58
CA ALA B 287 -18.46 18.15 -7.52
C ALA B 287 -19.01 16.73 -7.60
N LEU B 288 -19.50 16.22 -6.47
CA LEU B 288 -19.81 14.80 -6.33
C LEU B 288 -21.19 14.49 -6.92
N PRO B 289 -21.31 13.47 -7.76
CA PRO B 289 -22.60 13.12 -8.35
C PRO B 289 -23.53 12.51 -7.30
N PHE B 290 -24.84 12.57 -7.62
CA PHE B 290 -25.87 11.87 -6.83
C PHE B 290 -25.45 10.52 -6.29
N SER B 291 -24.88 9.67 -7.17
CA SER B 291 -24.43 8.33 -6.81
C SER B 291 -23.35 8.35 -5.73
N ALA B 292 -22.40 9.27 -5.83
CA ALA B 292 -21.34 9.34 -4.84
C ALA B 292 -21.87 9.84 -3.51
N MET B 293 -22.85 10.76 -3.52
CA MET B 293 -23.44 11.26 -2.28
C MET B 293 -24.12 10.13 -1.53
N GLN B 294 -24.94 9.37 -2.24
CA GLN B 294 -25.70 8.31 -1.60
C GLN B 294 -24.78 7.22 -1.09
N HIS B 295 -23.65 6.98 -1.77
CA HIS B 295 -22.67 6.03 -1.26
C HIS B 295 -22.08 6.52 0.07
N ASP B 296 -21.69 7.79 0.14
CA ASP B 296 -21.31 8.38 1.42
C ASP B 296 -22.40 8.18 2.47
N LEU B 297 -23.64 8.60 2.14
CA LEU B 297 -24.75 8.50 3.11
C LEU B 297 -25.01 7.07 3.56
N MET B 298 -24.85 6.08 2.68
CA MET B 298 -25.09 4.69 3.08
C MET B 298 -24.00 4.18 4.02
N LEU B 299 -22.73 4.56 3.78
CA LEU B 299 -21.69 4.27 4.76
C LEU B 299 -21.98 4.95 6.10
N ILE B 300 -22.43 6.21 6.03
CA ILE B 300 -22.68 6.99 7.24
C ILE B 300 -23.84 6.39 8.03
N LYS B 301 -24.87 5.88 7.34
CA LYS B 301 -25.92 5.17 8.04
C LYS B 301 -25.41 3.83 8.58
N ASP B 302 -24.56 3.14 7.82
CA ASP B 302 -24.01 1.87 8.30
C ASP B 302 -23.18 2.05 9.58
N LEU B 303 -22.48 3.18 9.71
CA LEU B 303 -21.75 3.50 10.92
C LEU B 303 -22.64 3.84 12.12
N GLY B 304 -23.97 3.87 11.95
CA GLY B 304 -24.87 4.20 13.03
C GLY B 304 -25.14 5.67 13.27
N ALA B 305 -24.65 6.56 12.39
CA ALA B 305 -24.79 8.00 12.60
C ALA B 305 -26.22 8.45 12.27
N ASN B 306 -26.61 9.59 12.85
CA ASN B 306 -27.90 10.21 12.55
C ASN B 306 -27.78 11.66 12.09
N SER B 307 -26.55 12.17 11.92
CA SER B 307 -26.41 13.58 11.59
C SER B 307 -25.09 13.81 10.86
N ILE B 308 -25.07 14.84 10.02
CA ILE B 308 -23.83 15.30 9.41
C ILE B 308 -23.67 16.81 9.64
N ARG B 309 -22.42 17.21 9.79
CA ARG B 309 -22.05 18.61 9.89
C ARG B 309 -21.32 18.97 8.59
N THR B 310 -21.74 20.07 7.96
CA THR B 310 -21.24 20.50 6.65
C THR B 310 -19.97 21.34 6.81
N VAL B 311 -18.88 20.66 7.18
CA VAL B 311 -17.60 21.36 7.26
C VAL B 311 -17.10 21.70 5.85
N HIS B 312 -16.73 22.96 5.61
CA HIS B 312 -17.03 24.14 6.44
C HIS B 312 -17.77 25.20 5.59
N TYR B 313 -18.93 24.86 5.03
CA TYR B 313 -19.59 25.68 4.03
C TYR B 313 -20.94 25.07 3.67
N PRO B 314 -21.87 25.85 3.10
CA PRO B 314 -23.16 25.29 2.66
C PRO B 314 -23.00 24.17 1.64
N ASN B 315 -23.93 23.22 1.67
CA ASN B 315 -23.85 22.02 0.84
C ASN B 315 -24.82 22.08 -0.35
N ASP B 316 -24.44 21.41 -1.43
CA ASP B 316 -25.36 21.09 -2.52
C ASP B 316 -26.77 20.76 -2.01
N GLU B 317 -27.78 21.30 -2.71
CA GLU B 317 -29.18 21.09 -2.30
C GLU B 317 -29.65 19.68 -2.57
N LEU B 318 -29.03 18.98 -3.52
CA LEU B 318 -29.31 17.59 -3.76
C LEU B 318 -28.82 16.72 -2.61
N PHE B 319 -27.70 17.09 -1.99
CA PHE B 319 -27.30 16.37 -0.80
C PHE B 319 -28.29 16.61 0.34
N LEU B 320 -28.61 17.87 0.60
CA LEU B 320 -29.62 18.18 1.61
C LEU B 320 -30.92 17.45 1.32
N ASP B 321 -31.33 17.37 0.04
CA ASP B 321 -32.53 16.62 -0.32
C ASP B 321 -32.45 15.18 0.18
N LEU B 322 -31.30 14.53 -0.04
CA LEU B 322 -31.16 13.13 0.36
C LEU B 322 -31.22 12.97 1.88
N CYS B 323 -30.71 13.98 2.63
CA CYS B 323 -30.78 13.93 4.09
C CYS B 323 -32.20 14.12 4.59
N ASP B 324 -32.97 15.01 3.96
CA ASP B 324 -34.41 15.12 4.26
C ASP B 324 -35.11 13.77 4.12
N GLU B 325 -34.91 13.09 2.98
CA GLU B 325 -35.62 11.84 2.68
C GLU B 325 -35.19 10.68 3.59
N GLN B 326 -33.98 10.71 4.14
CA GLN B 326 -33.50 9.62 4.96
C GLN B 326 -33.46 9.96 6.44
N GLY B 327 -33.92 11.15 6.83
CA GLY B 327 -33.97 11.52 8.22
C GLY B 327 -32.62 11.83 8.84
N ILE B 328 -31.65 12.27 8.02
CA ILE B 328 -30.31 12.61 8.48
C ILE B 328 -30.29 14.07 8.93
N LEU B 329 -30.02 14.32 10.22
CA LEU B 329 -30.04 15.68 10.76
C LEU B 329 -28.80 16.46 10.34
N VAL B 330 -28.98 17.73 10.00
CA VAL B 330 -27.91 18.49 9.37
C VAL B 330 -27.60 19.74 10.19
N TRP B 331 -26.34 19.90 10.54
CA TRP B 331 -25.76 21.18 10.93
C TRP B 331 -25.15 21.80 9.68
N GLU B 332 -25.67 22.96 9.26
CA GLU B 332 -25.07 23.71 8.15
C GLU B 332 -24.47 25.03 8.64
N GLU B 333 -23.32 25.39 8.08
CA GLU B 333 -22.63 26.62 8.46
C GLU B 333 -22.23 27.42 7.23
N ASN B 334 -22.09 28.73 7.44
CA ASN B 334 -21.53 29.60 6.41
C ASN B 334 -20.06 29.22 6.14
N HIS B 335 -19.51 29.78 5.07
CA HIS B 335 -18.20 29.34 4.58
C HIS B 335 -17.09 30.09 5.31
N ALA B 336 -16.42 29.39 6.22
CA ALA B 336 -15.27 29.94 6.94
C ALA B 336 -14.62 28.83 7.73
N ARG B 337 -13.29 28.85 7.81
CA ARG B 337 -12.56 27.93 8.67
C ARG B 337 -11.30 28.59 9.20
N GLY B 338 -11.21 28.76 10.52
CA GLY B 338 -9.93 29.10 11.13
C GLY B 338 -9.33 30.44 10.73
N LEU B 339 -10.16 31.41 10.35
CA LEU B 339 -9.63 32.72 10.02
C LEU B 339 -9.20 33.44 11.29
N SER B 340 -8.01 34.04 11.26
CA SER B 340 -7.51 34.81 12.38
C SER B 340 -8.18 36.18 12.43
N GLU B 341 -7.87 36.95 13.48
CA GLU B 341 -8.37 38.32 13.56
C GLU B 341 -7.97 39.13 12.32
N GLU B 342 -6.74 38.95 11.83
CA GLU B 342 -6.27 39.74 10.68
C GLU B 342 -6.96 39.30 9.39
N ASN B 343 -7.19 38.00 9.21
CA ASN B 343 -7.99 37.54 8.07
C ASN B 343 -9.38 38.15 8.09
N MET B 344 -9.99 38.23 9.27
CA MET B 344 -11.33 38.80 9.41
C MET B 344 -11.35 40.30 9.17
N ARG B 345 -10.20 40.97 9.32
CA ARG B 345 -10.09 42.39 8.98
C ARG B 345 -9.91 42.65 7.49
N ASN B 346 -9.91 41.61 6.66
CA ASN B 346 -10.00 41.80 5.21
C ASN B 346 -11.22 42.68 4.90
N PRO B 347 -11.09 43.67 4.02
CA PRO B 347 -12.23 44.58 3.76
C PRO B 347 -13.43 43.90 3.07
N HIS B 348 -13.25 42.75 2.44
CA HIS B 348 -14.37 42.04 1.85
C HIS B 348 -14.98 41.00 2.78
N PHE B 349 -14.38 40.78 3.95
CA PHE B 349 -14.79 39.67 4.82
C PHE B 349 -16.27 39.75 5.20
N LYS B 350 -16.71 40.90 5.72
CA LYS B 350 -18.09 41.00 6.20
C LYS B 350 -19.08 40.91 5.04
N GLN B 351 -18.78 41.57 3.92
CA GLN B 351 -19.59 41.42 2.72
C GLN B 351 -19.75 39.95 2.33
N GLN B 352 -18.64 39.21 2.31
CA GLN B 352 -18.66 37.85 1.78
C GLN B 352 -19.23 36.85 2.78
N CYS B 353 -19.11 37.10 4.09
CA CYS B 353 -19.84 36.32 5.07
C CYS B 353 -21.34 36.60 5.00
N GLY B 354 -21.72 37.87 4.89
CA GLY B 354 -23.13 38.20 4.82
C GLY B 354 -23.79 37.69 3.55
N ASP B 355 -23.08 37.78 2.42
CA ASP B 355 -23.57 37.16 1.19
C ASP B 355 -23.72 35.65 1.35
N CYS B 356 -22.78 35.01 2.03
CA CYS B 356 -22.89 33.56 2.22
C CYS B 356 -24.09 33.22 3.10
N ILE B 357 -24.25 33.94 4.22
CA ILE B 357 -25.40 33.70 5.10
C ILE B 357 -26.72 33.98 4.38
N ARG B 358 -26.78 35.07 3.60
CA ARG B 358 -28.03 35.40 2.89
C ARG B 358 -28.39 34.33 1.86
N GLU B 359 -27.43 33.93 1.03
CA GLU B 359 -27.70 32.92 0.01
C GLU B 359 -27.96 31.55 0.62
N MET B 360 -27.27 31.22 1.71
CA MET B 360 -27.48 29.94 2.39
C MET B 360 -28.92 29.81 2.88
N ILE B 361 -29.35 30.71 3.76
CA ILE B 361 -30.63 30.51 4.46
C ILE B 361 -31.81 30.73 3.52
N THR B 362 -31.69 31.66 2.56
CA THR B 362 -32.76 31.87 1.57
C THR B 362 -32.98 30.63 0.71
N ALA B 363 -31.90 30.00 0.26
CA ALA B 363 -32.04 28.82 -0.60
C ALA B 363 -32.51 27.58 0.18
N HIS B 364 -32.03 27.40 1.42
CA HIS B 364 -32.16 26.15 2.17
C HIS B 364 -33.23 26.18 3.27
N TYR B 365 -33.98 27.28 3.39
CA TYR B 365 -34.84 27.50 4.56
C TYR B 365 -35.77 26.32 4.86
N ASN B 366 -36.24 25.63 3.82
CA ASN B 366 -37.30 24.64 3.95
C ASN B 366 -36.80 23.24 4.31
N HIS B 367 -35.47 22.96 4.23
CA HIS B 367 -34.97 21.61 4.50
C HIS B 367 -35.23 21.20 5.95
N PRO B 368 -36.14 20.24 6.20
CA PRO B 368 -36.40 19.87 7.59
C PRO B 368 -35.22 19.19 8.26
N SER B 369 -34.27 18.63 7.49
CA SER B 369 -33.07 18.02 8.06
C SER B 369 -32.16 19.03 8.73
N ILE B 370 -32.12 20.26 8.24
CA ILE B 370 -31.26 21.31 8.81
C ILE B 370 -31.89 21.75 10.12
N TYR B 371 -31.25 21.39 11.24
CA TYR B 371 -31.79 21.72 12.55
C TYR B 371 -31.06 22.85 13.24
N ILE B 372 -29.87 23.24 12.76
CA ILE B 372 -29.11 24.32 13.37
C ILE B 372 -28.28 25.02 12.30
N TRP B 373 -28.03 26.30 12.52
CA TRP B 373 -27.18 27.12 11.68
C TRP B 373 -25.87 27.37 12.40
N GLY B 374 -24.75 27.10 11.72
CA GLY B 374 -23.45 27.40 12.30
C GLY B 374 -22.74 28.55 11.63
N ILE B 375 -21.80 29.18 12.33
CA ILE B 375 -20.99 30.23 11.70
C ILE B 375 -19.54 30.14 12.17
N LEU B 376 -18.64 30.62 11.30
CA LEU B 376 -17.28 31.01 11.65
C LEU B 376 -16.54 29.95 12.47
N ASN B 377 -16.46 28.72 11.92
CA ASN B 377 -15.76 27.63 12.57
C ASN B 377 -14.33 28.01 12.90
N GLU B 378 -14.01 27.99 14.19
CA GLU B 378 -12.65 28.26 14.69
C GLU B 378 -12.10 29.60 14.22
N CYS B 379 -12.96 30.62 14.17
CA CYS B 379 -12.47 31.97 13.89
C CYS B 379 -12.13 32.67 15.20
N ALA B 380 -11.86 33.98 15.13
CA ALA B 380 -11.27 34.71 16.26
C ALA B 380 -12.33 35.17 17.27
N SER B 381 -12.99 34.19 17.88
CA SER B 381 -14.01 34.44 18.90
C SER B 381 -13.42 34.84 20.25
N ASP B 382 -12.10 34.97 20.35
CA ASP B 382 -11.43 35.42 21.57
C ASP B 382 -10.98 36.88 21.49
N THR B 383 -11.26 37.58 20.39
CA THR B 383 -10.92 38.98 20.21
C THR B 383 -12.17 39.85 20.13
N GLU B 384 -12.00 41.15 20.36
CA GLU B 384 -13.11 42.08 20.32
C GLU B 384 -13.60 42.27 18.88
N TYR B 385 -12.69 42.41 17.92
CA TYR B 385 -13.13 42.56 16.54
C TYR B 385 -13.85 41.31 16.07
N GLY B 386 -13.41 40.13 16.50
CA GLY B 386 -14.11 38.90 16.14
C GLY B 386 -15.52 38.86 16.71
N ARG B 387 -15.64 39.18 18.00
CA ARG B 387 -16.95 39.25 18.65
C ARG B 387 -17.87 40.24 17.96
N GLU B 388 -17.31 41.32 17.40
CA GLU B 388 -18.09 42.21 16.56
C GLU B 388 -18.67 41.45 15.37
N CYS B 389 -17.84 40.60 14.73
CA CYS B 389 -18.28 39.84 13.55
C CYS B 389 -19.27 38.73 13.93
N TYR B 390 -18.96 37.94 14.97
CA TYR B 390 -19.91 36.95 15.46
C TYR B 390 -21.27 37.59 15.75
N SER B 391 -21.23 38.74 16.43
CA SER B 391 -22.48 39.41 16.80
C SER B 391 -23.32 39.74 15.58
N GLU B 392 -22.69 40.39 14.57
CA GLU B 392 -23.42 40.75 13.36
C GLU B 392 -24.01 39.54 12.66
N GLN B 393 -23.19 38.49 12.48
CA GLN B 393 -23.62 37.35 11.67
C GLN B 393 -24.70 36.54 12.38
N TYR B 394 -24.64 36.42 13.71
CA TYR B 394 -25.73 35.80 14.47
C TYR B 394 -27.04 36.56 14.28
N GLU B 395 -27.00 37.90 14.35
CA GLU B 395 -28.24 38.63 14.24
C GLU B 395 -28.77 38.62 12.80
N LEU B 396 -27.89 38.60 11.81
CA LEU B 396 -28.36 38.43 10.44
C LEU B 396 -29.09 37.11 10.29
N ILE B 397 -28.55 36.05 10.89
CA ILE B 397 -29.17 34.73 10.78
C ILE B 397 -30.56 34.76 11.36
N LYS B 398 -30.68 35.33 12.57
CA LYS B 398 -31.98 35.43 13.22
C LYS B 398 -32.95 36.30 12.41
N SER B 399 -32.44 37.31 11.69
CA SER B 399 -33.33 38.12 10.86
C SER B 399 -33.87 37.33 9.68
N LEU B 400 -33.14 36.35 9.20
CA LEU B 400 -33.62 35.55 8.06
C LEU B 400 -34.35 34.30 8.51
N ASP B 401 -33.99 33.77 9.68
CA ASP B 401 -34.56 32.54 10.22
C ASP B 401 -34.70 32.76 11.73
N PRO B 402 -35.86 33.21 12.19
CA PRO B 402 -36.00 33.53 13.61
C PRO B 402 -36.19 32.32 14.51
N TYR B 403 -36.19 31.11 13.97
CA TYR B 403 -36.63 29.97 14.76
C TYR B 403 -35.58 28.88 14.97
N ARG B 404 -34.81 28.51 13.95
CA ARG B 404 -33.78 27.49 14.19
C ARG B 404 -32.73 28.01 15.17
N PRO B 405 -32.17 27.15 16.02
CA PRO B 405 -31.05 27.59 16.86
C PRO B 405 -29.78 27.85 16.04
N ARG B 406 -28.86 28.58 16.66
CA ARG B 406 -27.57 28.95 16.06
C ARG B 406 -26.42 28.50 16.94
N SER B 407 -25.22 28.40 16.35
CA SER B 407 -24.02 28.02 17.07
C SER B 407 -22.78 28.36 16.24
N SER B 408 -21.63 28.05 16.82
CA SER B 408 -20.35 28.17 16.14
C SER B 408 -19.41 27.14 16.76
N ALA B 409 -18.56 26.53 15.94
CA ALA B 409 -17.59 25.59 16.49
C ALA B 409 -16.39 26.37 16.98
N SER B 410 -16.15 26.32 18.30
CA SER B 410 -15.06 27.05 18.91
C SER B 410 -13.89 26.15 19.24
N CYS B 411 -12.69 26.72 19.15
CA CYS B 411 -11.47 26.11 19.67
C CYS B 411 -10.76 27.02 20.65
N ARG B 412 -11.39 28.13 21.04
CA ARG B 412 -10.83 29.04 22.04
C ARG B 412 -11.13 28.47 23.43
N PHE B 413 -10.38 27.40 23.73
CA PHE B 413 -10.41 26.64 24.97
C PHE B 413 -10.24 27.58 26.18
N LYS B 414 -11.37 28.01 26.76
CA LYS B 414 -11.43 28.88 27.93
C LYS B 414 -11.05 30.34 27.63
N THR B 415 -11.16 30.78 26.38
CA THR B 415 -10.94 32.19 26.05
C THR B 415 -12.01 32.76 25.12
N ASP B 416 -13.06 32.00 24.80
CA ASP B 416 -14.11 32.50 23.92
C ASP B 416 -14.92 33.58 24.62
N ILE B 417 -15.10 34.73 23.98
CA ILE B 417 -15.95 35.78 24.54
C ILE B 417 -17.28 35.87 23.78
N CYS B 418 -17.64 34.87 22.99
CA CYS B 418 -18.85 34.92 22.17
C CYS B 418 -19.85 33.85 22.55
N LEU B 419 -19.63 33.13 23.66
CA LEU B 419 -20.52 32.05 24.06
C LEU B 419 -21.88 32.54 24.53
N GLY B 420 -22.02 33.82 24.88
CA GLY B 420 -23.32 34.37 25.21
C GLY B 420 -24.29 34.44 24.04
N TYR B 421 -23.78 34.48 22.81
CA TYR B 421 -24.64 34.69 21.64
C TYR B 421 -25.45 33.47 21.17
N PRO B 422 -24.84 32.30 20.98
CA PRO B 422 -25.57 31.19 20.35
C PRO B 422 -26.55 30.50 21.29
N GLU B 423 -27.46 29.73 20.68
CA GLU B 423 -28.33 28.85 21.45
C GLU B 423 -27.59 27.62 21.96
N VAL B 424 -26.56 27.18 21.24
CA VAL B 424 -25.82 25.97 21.57
C VAL B 424 -24.35 26.32 21.60
N VAL B 425 -23.64 25.83 22.64
CA VAL B 425 -22.20 25.96 22.77
C VAL B 425 -21.54 24.73 22.18
N SER B 426 -20.57 24.93 21.29
CA SER B 426 -19.92 23.86 20.53
C SER B 426 -18.40 24.05 20.53
N TYR B 427 -17.68 22.97 20.84
CA TYR B 427 -16.22 23.00 20.85
C TYR B 427 -15.65 21.86 20.01
N ASN B 428 -14.60 22.19 19.28
CA ASN B 428 -13.73 21.22 18.61
C ASN B 428 -12.57 20.91 19.54
N ILE B 429 -12.39 19.64 19.90
CA ILE B 429 -11.32 19.25 20.81
C ILE B 429 -10.63 17.99 20.30
N TYR B 430 -9.32 17.91 20.57
CA TYR B 430 -8.49 16.81 20.05
C TYR B 430 -7.58 16.17 21.12
N PRO B 431 -8.11 15.84 22.30
CA PRO B 431 -7.30 15.09 23.25
C PRO B 431 -7.06 13.68 22.71
N LYS B 432 -5.87 13.16 23.00
CA LYS B 432 -5.31 11.91 22.51
C LYS B 432 -4.86 11.98 21.06
N TRP B 433 -5.05 13.11 20.37
CA TRP B 433 -4.39 13.32 19.08
C TRP B 433 -3.37 14.44 19.20
N TYR B 434 -3.81 15.70 19.39
CA TYR B 434 -2.87 16.83 19.51
C TYR B 434 -2.36 17.03 20.93
N HIS B 435 -3.12 16.63 21.96
CA HIS B 435 -2.72 16.75 23.36
C HIS B 435 -2.87 15.38 24.02
N ASP B 436 -1.86 14.98 24.80
CA ASP B 436 -1.88 13.66 25.43
C ASP B 436 -2.57 13.68 26.80
N VAL B 437 -3.65 14.46 26.92
CA VAL B 437 -4.51 14.48 28.09
C VAL B 437 -5.57 13.40 27.94
N PRO B 438 -5.93 12.67 29.02
CA PRO B 438 -7.11 11.79 28.95
C PRO B 438 -8.36 12.57 28.57
N VAL B 439 -9.16 11.97 27.69
CA VAL B 439 -10.28 12.71 27.10
C VAL B 439 -11.27 13.19 28.17
N GLU B 440 -11.62 12.29 29.10
CA GLU B 440 -12.58 12.67 30.14
C GLU B 440 -12.07 13.87 30.97
N ASP B 441 -10.78 13.88 31.31
CA ASP B 441 -10.25 15.00 32.07
C ASP B 441 -10.26 16.27 31.24
N TYR B 442 -9.83 16.17 29.98
CA TYR B 442 -9.85 17.34 29.10
C TYR B 442 -11.25 17.87 28.90
N LEU B 443 -12.22 16.97 28.68
CA LEU B 443 -13.59 17.38 28.44
C LEU B 443 -14.24 17.90 29.70
N ASP B 444 -13.91 17.30 30.85
CA ASP B 444 -14.46 17.81 32.11
C ASP B 444 -13.91 19.19 32.45
N GLU B 445 -12.61 19.41 32.24
CA GLU B 445 -12.07 20.74 32.53
C GLU B 445 -12.75 21.80 31.66
N LEU B 446 -12.94 21.51 30.38
CA LEU B 446 -13.56 22.50 29.49
C LEU B 446 -15.01 22.73 29.86
N TYR B 447 -15.73 21.65 30.18
CA TYR B 447 -17.17 21.79 30.45
C TYR B 447 -17.42 22.62 31.70
N GLN B 448 -16.72 22.30 32.81
CA GLN B 448 -16.91 23.08 34.03
C GLN B 448 -16.60 24.56 33.81
N TRP B 449 -15.59 24.87 32.98
CA TRP B 449 -15.29 26.28 32.72
C TRP B 449 -16.45 26.97 32.02
N ILE B 450 -17.05 26.33 31.01
CA ILE B 450 -18.19 26.93 30.34
C ILE B 450 -19.32 27.19 31.33
N GLN B 451 -19.62 26.18 32.19
CA GLN B 451 -20.68 26.34 33.18
C GLN B 451 -20.33 27.38 34.24
N ASN B 452 -19.10 27.36 34.74
CA ASN B 452 -18.77 28.17 35.90
C ASN B 452 -18.19 29.53 35.53
N GLU B 453 -17.75 29.74 34.29
CA GLU B 453 -16.96 30.91 33.97
C GLU B 453 -17.32 31.57 32.64
N SER B 454 -18.35 31.10 31.95
CA SER B 454 -18.67 31.66 30.64
C SER B 454 -20.15 32.01 30.55
N GLU B 455 -20.47 32.86 29.58
CA GLU B 455 -21.87 33.16 29.27
C GLU B 455 -22.54 32.03 28.51
N GLY B 456 -21.84 30.95 28.20
CA GLY B 456 -22.48 29.78 27.65
C GLY B 456 -23.09 28.86 28.66
N THR B 457 -23.05 29.22 29.95
CA THR B 457 -23.52 28.33 31.00
C THR B 457 -24.99 28.03 30.85
N GLY B 458 -25.37 26.79 31.15
CA GLY B 458 -26.75 26.37 31.11
C GLY B 458 -27.30 26.04 29.75
N LYS B 459 -26.54 26.25 28.69
CA LYS B 459 -26.99 26.00 27.33
C LYS B 459 -26.61 24.60 26.86
N PRO B 460 -27.33 24.06 25.87
CA PRO B 460 -26.93 22.77 25.31
C PRO B 460 -25.51 22.83 24.76
N PHE B 461 -24.84 21.67 24.77
CA PHE B 461 -23.41 21.56 24.51
C PHE B 461 -23.14 20.40 23.56
N LEU B 462 -22.46 20.68 22.46
CA LEU B 462 -22.04 19.67 21.49
C LEU B 462 -20.52 19.66 21.33
N ILE B 463 -19.95 18.48 21.12
CA ILE B 463 -18.58 18.37 20.61
C ILE B 463 -18.69 18.31 19.10
N THR B 464 -18.34 19.40 18.42
CA THR B 464 -18.50 19.49 16.97
C THR B 464 -17.32 18.92 16.21
N GLU B 465 -16.22 18.59 16.88
CA GLU B 465 -15.09 17.92 16.27
C GLU B 465 -14.35 17.14 17.34
N ILE B 466 -14.17 15.84 17.10
CA ILE B 466 -13.20 15.00 17.80
C ILE B 466 -12.79 13.89 16.84
N GLY B 467 -11.53 13.47 16.91
CA GLY B 467 -11.07 12.38 16.06
C GLY B 467 -9.55 12.24 16.10
N ALA B 468 -9.03 11.50 15.13
CA ALA B 468 -7.59 11.25 15.09
C ALA B 468 -7.16 10.86 13.67
N GLY B 469 -5.90 11.16 13.37
CA GLY B 469 -5.33 10.79 12.09
C GLY B 469 -5.00 9.30 11.99
N ALA B 470 -4.92 8.85 10.74
CA ALA B 470 -4.55 7.47 10.39
C ALA B 470 -4.32 7.41 8.89
N ILE B 471 -3.11 7.08 8.46
CA ILE B 471 -2.87 6.86 7.04
C ILE B 471 -3.30 5.43 6.72
N TYR B 472 -4.33 5.30 5.86
CA TYR B 472 -4.84 3.99 5.51
C TYR B 472 -3.71 3.09 5.03
N GLY B 473 -3.60 1.92 5.65
CA GLY B 473 -2.63 0.95 5.25
C GLY B 473 -1.39 0.94 6.12
N TYR B 474 -1.15 1.99 6.88
CA TYR B 474 -0.01 2.02 7.78
C TYR B 474 -0.39 1.36 9.10
N ARG B 475 0.18 0.20 9.33
CA ARG B 475 -0.11 -0.56 10.54
C ARG B 475 1.20 -1.05 11.12
N THR B 476 1.29 -1.03 12.45
CA THR B 476 2.45 -1.52 13.16
C THR B 476 2.04 -1.96 14.57
N PRO B 477 2.71 -2.97 15.13
CA PRO B 477 2.46 -3.34 16.54
C PRO B 477 2.86 -2.24 17.53
N ALA B 478 3.67 -1.27 17.13
CA ALA B 478 4.02 -0.16 18.01
C ALA B 478 2.87 0.83 18.22
N HIS B 479 1.76 0.67 17.51
CA HIS B 479 0.61 1.56 17.65
C HIS B 479 1.01 3.03 17.69
N VAL B 480 1.96 3.44 16.84
CA VAL B 480 2.36 4.85 16.82
C VAL B 480 1.24 5.69 16.20
N LYS B 481 1.33 6.99 16.44
CA LYS B 481 0.41 7.92 15.80
C LYS B 481 0.58 7.85 14.29
N TRP B 482 -0.56 8.00 13.59
CA TRP B 482 -0.83 7.81 12.17
C TRP B 482 -1.05 6.32 11.83
N SER B 483 -0.74 5.39 12.73
CA SER B 483 -1.12 4.00 12.47
C SER B 483 -2.62 3.82 12.67
N GLU B 484 -3.19 2.91 11.89
CA GLU B 484 -4.63 2.64 12.01
C GLU B 484 -4.98 2.09 13.38
N GLU B 485 -4.05 1.39 14.04
CA GLU B 485 -4.31 0.86 15.38
C GLU B 485 -4.40 1.97 16.40
N TYR B 486 -3.60 3.03 16.24
CA TYR B 486 -3.72 4.12 17.19
C TYR B 486 -5.07 4.83 17.04
N GLN B 487 -5.52 5.06 15.79
CA GLN B 487 -6.81 5.71 15.60
C GLN B 487 -7.94 4.93 16.28
N VAL B 488 -7.82 3.60 16.30
CA VAL B 488 -8.78 2.76 17.03
C VAL B 488 -8.80 3.13 18.50
N GLN B 489 -7.63 3.06 19.16
CA GLN B 489 -7.53 3.43 20.57
C GLN B 489 -8.10 4.82 20.83
N ALA B 490 -7.68 5.79 20.03
CA ALA B 490 -8.10 7.18 20.26
C ALA B 490 -9.61 7.32 20.18
N LEU B 491 -10.24 6.82 19.10
CA LEU B 491 -11.67 7.04 18.90
C LEU B 491 -12.49 6.31 19.96
N LYS B 492 -12.05 5.12 20.37
CA LYS B 492 -12.72 4.41 21.45
C LYS B 492 -12.80 5.26 22.71
N GLU B 493 -11.66 5.78 23.16
CA GLU B 493 -11.66 6.65 24.34
C GLU B 493 -12.46 7.92 24.11
N GLN B 494 -12.32 8.52 22.93
CA GLN B 494 -12.98 9.79 22.64
C GLN B 494 -14.51 9.65 22.70
N LEU B 495 -15.05 8.60 22.08
CA LEU B 495 -16.50 8.44 22.04
C LEU B 495 -17.05 7.99 23.39
N GLN B 496 -16.30 7.15 24.11
CA GLN B 496 -16.66 6.81 25.48
C GLN B 496 -16.86 8.07 26.31
N ALA B 497 -15.95 9.05 26.14
CA ALA B 497 -15.96 10.23 27.00
C ALA B 497 -17.10 11.18 26.65
N VAL B 498 -17.27 11.51 25.36
CA VAL B 498 -18.30 12.49 24.98
C VAL B 498 -19.69 11.97 25.33
N PHE B 499 -19.95 10.68 25.08
CA PHE B 499 -21.27 10.13 25.34
C PHE B 499 -21.56 9.96 26.83
N SER B 500 -20.54 10.01 27.68
CA SER B 500 -20.72 9.95 29.13
C SER B 500 -20.67 11.32 29.79
N ARG B 501 -20.56 12.41 29.02
CA ARG B 501 -20.36 13.74 29.59
C ARG B 501 -21.73 14.37 29.82
N GLU B 502 -22.15 14.41 31.09
CA GLU B 502 -23.39 15.05 31.48
C GLU B 502 -23.45 16.48 30.94
N GLY B 503 -24.55 16.82 30.29
CA GLY B 503 -24.70 18.10 29.64
C GLY B 503 -24.34 18.13 28.17
N CYS B 504 -23.72 17.07 27.64
CA CYS B 504 -23.32 17.05 26.25
C CYS B 504 -24.41 16.37 25.43
N SER B 505 -24.84 17.03 24.36
CA SER B 505 -25.90 16.52 23.52
C SER B 505 -25.42 15.54 22.45
N GLY B 506 -24.12 15.38 22.26
CA GLY B 506 -23.62 14.46 21.27
C GLY B 506 -22.34 14.99 20.64
N VAL B 507 -22.01 14.41 19.49
CA VAL B 507 -20.66 14.55 18.92
C VAL B 507 -20.76 14.48 17.41
N TYR B 508 -19.90 15.26 16.74
CA TYR B 508 -19.57 15.10 15.32
C TYR B 508 -18.13 14.62 15.24
N ILE B 509 -17.92 13.42 14.71
CA ILE B 509 -16.57 12.92 14.52
C ILE B 509 -15.90 13.71 13.40
N TRP B 510 -14.66 14.17 13.64
CA TRP B 510 -13.82 14.68 12.57
C TRP B 510 -12.92 13.53 12.10
N GLN B 511 -13.16 13.01 10.89
CA GLN B 511 -14.22 13.41 9.98
C GLN B 511 -14.58 12.15 9.18
N PHE B 512 -15.55 12.27 8.27
CA PHE B 512 -16.04 11.09 7.59
C PHE B 512 -14.94 10.45 6.77
N CYS B 513 -14.34 11.23 5.86
CA CYS B 513 -13.38 10.72 4.89
C CYS B 513 -12.17 11.62 4.82
N ASP B 514 -11.04 11.07 4.37
CA ASP B 514 -9.85 11.87 4.11
C ASP B 514 -10.11 12.90 3.02
N VAL B 515 -9.41 14.04 3.11
CA VAL B 515 -9.71 15.20 2.28
C VAL B 515 -8.42 15.82 1.75
N ARG B 516 -8.41 16.18 0.46
CA ARG B 516 -7.33 16.97 -0.11
C ARG B 516 -7.29 18.36 0.51
N VAL B 517 -6.09 18.81 0.89
CA VAL B 517 -5.90 20.15 1.43
C VAL B 517 -4.96 20.95 0.55
N CYS B 518 -4.60 22.16 1.00
CA CYS B 518 -3.76 23.07 0.24
C CYS B 518 -2.27 22.79 0.48
N ASP B 519 -1.47 23.02 -0.56
CA ASP B 519 -0.07 22.62 -0.55
C ASP B 519 0.70 23.23 0.59
N SER B 520 0.34 24.44 1.00
CA SER B 520 1.06 25.10 2.08
C SER B 520 0.92 24.34 3.41
N TRP B 521 -0.16 23.55 3.57
CA TRP B 521 -0.40 22.80 4.80
C TRP B 521 0.34 21.47 4.85
N PHE B 522 1.27 21.23 3.91
CA PHE B 522 1.84 19.90 3.74
C PHE B 522 2.57 19.42 4.99
N GLY B 523 3.23 20.34 5.71
CA GLY B 523 4.12 19.94 6.79
C GLY B 523 3.44 19.14 7.88
N SER B 524 2.17 19.45 8.17
CA SER B 524 1.40 18.77 9.20
C SER B 524 0.33 17.84 8.62
N ARG B 525 0.32 17.63 7.31
CA ARG B 525 -0.75 16.94 6.60
C ARG B 525 -0.14 15.89 5.68
N PRO B 526 0.11 14.69 6.20
CA PRO B 526 0.68 13.63 5.36
C PRO B 526 -0.11 13.46 4.07
N ARG B 527 0.61 13.33 2.95
CA ARG B 527 0.04 13.12 1.62
C ARG B 527 -0.65 14.36 1.07
N THR B 528 -0.39 15.52 1.69
CA THR B 528 -1.13 16.75 1.44
C THR B 528 -2.64 16.45 1.49
N MET B 529 -3.02 15.72 2.53
CA MET B 529 -4.37 15.28 2.79
C MET B 529 -4.65 15.46 4.28
N ASN B 530 -5.91 15.66 4.62
CA ASN B 530 -6.33 15.52 6.01
C ASN B 530 -6.70 14.05 6.23
N ASN B 531 -5.96 13.39 7.12
CA ASN B 531 -6.04 11.94 7.25
C ASN B 531 -6.89 11.49 8.44
N LYS B 532 -7.84 12.32 8.88
CA LYS B 532 -8.65 11.97 10.03
C LYS B 532 -9.97 11.30 9.65
N GLY B 533 -10.13 10.91 8.39
CA GLY B 533 -11.32 10.17 7.99
C GLY B 533 -11.43 8.85 8.74
N ILE B 534 -12.66 8.37 8.87
CA ILE B 534 -12.90 7.00 9.30
C ILE B 534 -12.88 6.04 8.12
N VAL B 535 -13.23 6.55 6.92
CA VAL B 535 -12.86 5.93 5.66
C VAL B 535 -11.78 6.79 5.03
N ASP B 536 -10.99 6.19 4.13
CA ASP B 536 -10.01 7.01 3.42
C ASP B 536 -10.69 7.70 2.24
N GLU B 537 -9.91 8.44 1.44
CA GLU B 537 -10.49 9.26 0.37
C GLU B 537 -11.20 8.40 -0.68
N TYR B 538 -10.85 7.13 -0.79
CA TYR B 538 -11.54 6.21 -1.68
C TYR B 538 -12.69 5.49 -0.99
N ARG B 539 -13.09 5.97 0.19
CA ARG B 539 -14.19 5.42 0.99
C ARG B 539 -13.92 3.99 1.48
N ARG B 540 -12.63 3.60 1.62
CA ARG B 540 -12.28 2.31 2.20
C ARG B 540 -12.24 2.43 3.73
N PRO B 541 -12.90 1.54 4.46
CA PRO B 541 -12.95 1.65 5.93
C PRO B 541 -11.60 1.34 6.59
N LYS B 542 -11.15 2.26 7.45
CA LYS B 542 -10.00 2.01 8.30
C LYS B 542 -10.40 1.10 9.46
N LEU B 543 -9.42 0.62 10.22
CA LEU B 543 -9.71 -0.21 11.37
C LEU B 543 -10.72 0.47 12.30
N ALA B 544 -10.56 1.77 12.57
CA ALA B 544 -11.44 2.49 13.49
C ALA B 544 -12.89 2.56 13.02
N TYR B 545 -13.17 2.10 11.80
CA TYR B 545 -14.55 2.02 11.32
C TYR B 545 -15.40 1.14 12.24
N GLU B 546 -14.87 -0.03 12.65
CA GLU B 546 -15.62 -0.91 13.55
C GLU B 546 -15.82 -0.30 14.94
N VAL B 547 -14.85 0.49 15.42
CA VAL B 547 -14.96 1.12 16.72
C VAL B 547 -16.10 2.14 16.73
N VAL B 548 -16.16 2.97 15.69
CA VAL B 548 -17.23 3.96 15.59
C VAL B 548 -18.59 3.27 15.46
N LYS B 549 -18.65 2.21 14.66
CA LYS B 549 -19.90 1.50 14.45
C LYS B 549 -20.43 0.91 15.76
N ASP B 550 -19.55 0.25 16.54
CA ASP B 550 -19.98 -0.29 17.83
C ASP B 550 -20.52 0.80 18.74
N SER B 551 -19.86 1.97 18.76
CA SER B 551 -20.33 3.07 19.61
C SER B 551 -21.69 3.61 19.16
N TYR B 552 -21.78 4.02 17.89
CA TYR B 552 -22.98 4.69 17.42
C TYR B 552 -24.18 3.74 17.38
N ARG B 553 -23.95 2.48 17.01
CA ARG B 553 -25.07 1.55 16.91
C ARG B 553 -25.58 1.10 18.28
N SER B 554 -24.84 1.36 19.35
CA SER B 554 -25.29 1.03 20.69
C SER B 554 -26.15 2.14 21.30
N LEU B 555 -26.48 3.19 20.55
CA LEU B 555 -27.16 4.35 21.09
C LEU B 555 -28.24 4.80 20.13
N GLY B 556 -29.38 5.22 20.68
CA GLY B 556 -30.49 5.71 19.88
C GLY B 556 -30.36 7.19 19.59
N ASN B 557 -31.43 7.75 19.04
CA ASN B 557 -31.45 9.16 18.69
C ASN B 557 -31.86 10.09 19.83
N TYR B 558 -32.39 9.56 20.93
CA TYR B 558 -32.90 10.40 22.01
C TYR B 558 -32.40 9.92 23.36
N PHE B 559 -32.39 10.82 24.34
CA PHE B 559 -31.97 10.47 25.71
C PHE B 559 -33.13 9.90 26.56
N MET C 1 29.90 -16.05 12.53
CA MET C 1 29.17 -16.94 13.43
C MET C 1 28.63 -18.18 12.70
N ILE C 2 28.94 -19.36 13.23
CA ILE C 2 28.54 -20.62 12.63
C ILE C 2 27.53 -21.37 13.50
N ARG C 3 27.74 -21.35 14.81
CA ARG C 3 26.88 -21.96 15.83
C ARG C 3 26.73 -20.99 16.98
N THR C 4 25.77 -21.24 17.87
CA THR C 4 25.68 -20.40 19.05
C THR C 4 26.71 -20.77 20.11
N PHE C 5 27.60 -21.71 19.81
CA PHE C 5 28.58 -22.23 20.73
C PHE C 5 29.82 -22.64 19.93
N GLU C 6 30.97 -22.65 20.61
CA GLU C 6 32.22 -23.07 19.99
C GLU C 6 32.27 -24.59 19.90
N THR C 7 32.43 -25.13 18.70
CA THR C 7 32.57 -26.56 18.48
C THR C 7 34.02 -27.05 18.61
N HIS C 8 34.97 -26.16 18.88
CA HIS C 8 36.37 -26.55 18.99
C HIS C 8 37.11 -25.63 19.94
N LYS C 9 37.96 -26.22 20.77
CA LYS C 9 38.99 -25.51 21.50
C LYS C 9 40.39 -25.99 21.14
N ILE C 10 40.55 -27.27 20.81
CA ILE C 10 41.86 -27.79 20.44
C ILE C 10 42.15 -27.56 18.97
N ARG C 11 41.22 -27.92 18.10
CA ARG C 11 41.44 -27.77 16.67
C ARG C 11 41.53 -26.30 16.28
N LYS C 12 42.53 -25.96 15.46
CA LYS C 12 42.72 -24.62 14.93
C LYS C 12 41.73 -24.40 13.79
N THR C 13 40.81 -23.45 13.97
CA THR C 13 39.78 -23.16 12.98
C THR C 13 39.62 -21.66 12.86
N ALA C 14 39.18 -21.23 11.68
CA ALA C 14 38.97 -19.81 11.42
C ALA C 14 37.81 -19.67 10.44
N GLU C 15 36.88 -18.76 10.74
CA GLU C 15 35.79 -18.52 9.82
C GLU C 15 36.28 -17.64 8.66
N LEU C 16 36.02 -18.09 7.43
CA LEU C 16 36.31 -17.33 6.21
C LEU C 16 35.06 -16.66 5.64
N SER C 17 33.87 -17.02 6.12
CA SER C 17 32.67 -16.23 5.87
C SER C 17 32.63 -15.08 6.88
N SER C 18 31.48 -14.41 6.99
CA SER C 18 31.40 -13.11 7.67
C SER C 18 32.44 -12.16 7.10
N ALA C 19 32.51 -12.11 5.76
CA ALA C 19 33.51 -11.29 5.10
C ALA C 19 33.01 -10.93 3.71
N LEU C 20 33.70 -9.98 3.08
CA LEU C 20 33.51 -9.68 1.68
C LEU C 20 34.47 -10.54 0.85
N TRP C 21 33.95 -11.19 -0.18
CA TRP C 21 34.79 -11.87 -1.17
C TRP C 21 34.65 -11.15 -2.49
N ASN C 22 35.50 -11.51 -3.45
CA ASN C 22 35.32 -10.99 -4.79
C ASN C 22 34.31 -11.85 -5.53
N PHE C 23 33.39 -11.21 -6.22
CA PHE C 23 32.27 -11.87 -6.87
C PHE C 23 32.15 -11.40 -8.31
N HIS C 24 31.93 -12.34 -9.22
CA HIS C 24 31.63 -12.01 -10.61
C HIS C 24 30.87 -13.15 -11.23
N THR C 25 29.96 -12.81 -12.14
CA THR C 25 29.25 -13.84 -12.90
C THR C 25 30.17 -14.46 -13.94
N ILE C 26 29.84 -15.68 -14.34
CA ILE C 26 30.60 -16.35 -15.39
C ILE C 26 29.63 -16.99 -16.36
N GLY C 27 30.08 -17.16 -17.60
CA GLY C 27 29.29 -17.85 -18.61
C GLY C 27 28.23 -17.03 -19.30
N THR C 28 28.26 -15.70 -19.16
CA THR C 28 27.35 -14.79 -19.85
C THR C 28 28.06 -14.11 -21.02
N GLN C 29 27.28 -13.53 -21.93
CA GLN C 29 27.88 -12.64 -22.92
C GLN C 29 27.71 -11.18 -22.50
N GLY C 30 28.02 -10.91 -21.23
CA GLY C 30 27.91 -9.57 -20.67
C GLY C 30 29.19 -9.15 -19.99
N GLU C 31 29.17 -7.94 -19.47
CA GLU C 31 30.30 -7.47 -18.66
C GLU C 31 30.31 -8.23 -17.34
N GLU C 32 31.44 -8.83 -17.02
CA GLU C 32 31.44 -9.66 -15.83
C GLU C 32 32.33 -9.00 -14.78
N ALA C 33 31.94 -7.78 -14.40
CA ALA C 33 32.73 -6.97 -13.48
C ALA C 33 32.86 -7.67 -12.14
N VAL C 34 34.02 -7.49 -11.51
CA VAL C 34 34.31 -8.07 -10.20
C VAL C 34 33.87 -7.05 -9.14
N ILE C 35 32.97 -7.46 -8.25
CA ILE C 35 32.57 -6.65 -7.10
C ILE C 35 32.96 -7.36 -5.80
N GLN C 36 32.94 -6.60 -4.71
CA GLN C 36 33.03 -7.16 -3.37
C GLN C 36 31.63 -7.53 -2.88
N ALA C 37 31.48 -8.72 -2.31
CA ALA C 37 30.16 -9.22 -1.98
C ALA C 37 30.20 -10.03 -0.70
N PRO C 38 29.12 -10.02 0.08
CA PRO C 38 29.17 -10.64 1.41
C PRO C 38 29.02 -12.15 1.35
N VAL C 39 29.77 -12.82 2.23
CA VAL C 39 29.59 -14.24 2.48
C VAL C 39 29.37 -14.37 3.97
N PRO C 40 28.30 -15.02 4.45
CA PRO C 40 27.20 -15.55 3.61
C PRO C 40 26.37 -14.47 2.89
N GLY C 41 25.64 -14.91 1.86
CA GLY C 41 24.76 -14.06 1.08
C GLY C 41 24.20 -14.83 -0.09
N CYS C 42 23.16 -14.27 -0.71
CA CYS C 42 22.68 -14.73 -2.02
C CYS C 42 22.82 -13.58 -3.00
N TRP C 43 23.10 -13.91 -4.27
CA TRP C 43 23.37 -12.84 -5.23
C TRP C 43 22.09 -12.21 -5.77
N GLU C 44 20.92 -12.83 -5.55
CA GLU C 44 19.65 -12.16 -5.88
C GLU C 44 19.45 -10.92 -5.05
N ASN C 45 20.21 -10.77 -3.95
CA ASN C 45 20.16 -9.61 -3.07
C ASN C 45 21.21 -8.56 -3.39
N TYR C 46 22.15 -8.84 -4.34
CA TYR C 46 23.11 -7.84 -4.81
C TYR C 46 22.48 -7.09 -5.97
N PRO C 47 22.50 -5.75 -5.96
CA PRO C 47 21.78 -4.98 -7.00
C PRO C 47 21.99 -5.42 -8.44
N ASP C 48 23.20 -5.85 -8.84
CA ASP C 48 23.45 -6.18 -10.25
C ASP C 48 22.96 -7.56 -10.65
N THR C 49 22.77 -8.49 -9.71
CA THR C 49 22.40 -9.87 -10.08
C THR C 49 21.04 -10.24 -9.50
N VAL C 50 20.16 -9.25 -9.36
CA VAL C 50 18.91 -9.38 -8.63
C VAL C 50 18.00 -10.47 -9.22
N SER C 51 18.04 -10.67 -10.55
CA SER C 51 17.34 -11.80 -11.18
C SER C 51 18.29 -12.65 -12.00
N TYR C 52 19.51 -12.88 -11.50
CA TYR C 52 20.49 -13.67 -12.23
C TYR C 52 20.33 -15.15 -11.91
N ARG C 53 20.32 -15.98 -12.95
CA ARG C 53 20.39 -17.43 -12.78
C ARG C 53 21.52 -17.99 -13.62
N GLY C 54 22.38 -18.79 -12.99
CA GLY C 54 23.51 -19.42 -13.67
C GLY C 54 24.70 -19.59 -12.72
N GLN C 55 25.89 -19.41 -13.28
CA GLN C 55 27.13 -19.58 -12.53
C GLN C 55 27.75 -18.23 -12.16
N ALA C 56 28.43 -18.21 -11.02
CA ALA C 56 29.21 -17.04 -10.64
C ALA C 56 30.33 -17.49 -9.71
N SER C 57 31.36 -16.66 -9.58
CA SER C 57 32.58 -17.03 -8.87
C SER C 57 32.78 -16.19 -7.61
N TYR C 58 32.95 -16.87 -6.48
CA TYR C 58 33.36 -16.26 -5.21
C TYR C 58 34.82 -16.62 -4.94
N SER C 59 35.63 -15.63 -4.57
CA SER C 59 37.04 -15.89 -4.34
C SER C 59 37.54 -15.00 -3.20
N ARG C 60 38.48 -15.56 -2.43
CA ARG C 60 39.19 -14.86 -1.39
C ARG C 60 40.49 -15.62 -1.15
N GLU C 61 41.31 -15.10 -0.26
CA GLU C 61 42.55 -15.78 0.07
C GLU C 61 42.52 -16.29 1.50
N PHE C 62 43.37 -17.27 1.77
CA PHE C 62 43.55 -17.74 3.14
C PHE C 62 45.00 -18.15 3.31
N GLU C 63 45.41 -18.20 4.57
CA GLU C 63 46.75 -18.61 4.95
C GLU C 63 46.67 -19.89 5.76
N ALA C 64 47.33 -20.93 5.29
CA ALA C 64 47.30 -22.21 5.98
C ALA C 64 48.53 -23.03 5.58
N LYS C 65 48.67 -24.16 6.25
CA LYS C 65 49.82 -25.04 6.06
C LYS C 65 49.41 -26.44 6.49
N GLY C 66 49.96 -27.45 5.82
CA GLY C 66 49.79 -28.82 6.26
C GLY C 66 48.44 -29.39 5.86
N ASN C 67 47.97 -30.37 6.64
CA ASN C 67 46.63 -30.88 6.46
C ASN C 67 45.61 -29.82 6.83
N ILE C 68 44.62 -29.59 5.95
CA ILE C 68 43.56 -28.63 6.25
C ILE C 68 42.22 -29.22 5.86
N ARG C 69 41.17 -28.66 6.46
CA ARG C 69 39.80 -28.98 6.09
C ARG C 69 39.07 -27.70 5.80
N LEU C 70 38.30 -27.69 4.71
CA LEU C 70 37.45 -26.55 4.38
C LEU C 70 35.98 -26.97 4.47
N GLU C 71 35.23 -26.35 5.37
CA GLU C 71 33.84 -26.71 5.59
C GLU C 71 32.93 -25.62 5.06
N PHE C 72 32.01 -26.01 4.17
CA PHE C 72 31.03 -25.10 3.59
C PHE C 72 29.66 -25.48 4.15
N LYS C 73 29.05 -24.59 4.93
CA LYS C 73 27.76 -24.92 5.55
C LYS C 73 26.63 -24.93 4.51
N GLY C 74 26.77 -24.17 3.43
CA GLY C 74 25.80 -24.19 2.36
C GLY C 74 26.18 -23.36 1.15
N VAL C 75 26.10 -23.98 -0.04
CA VAL C 75 26.32 -23.29 -1.30
C VAL C 75 25.12 -23.54 -2.21
N SER C 76 24.45 -22.46 -2.63
CA SER C 76 23.19 -22.52 -3.38
C SER C 76 23.46 -22.52 -4.88
N HIS C 77 23.10 -23.59 -5.60
CA HIS C 77 22.81 -24.93 -5.05
C HIS C 77 23.84 -26.00 -5.53
N THR C 78 24.69 -25.65 -6.50
CA THR C 78 25.73 -26.54 -7.01
C THR C 78 27.08 -25.83 -6.90
N ALA C 79 28.06 -26.49 -6.28
CA ALA C 79 29.35 -25.87 -5.96
C ALA C 79 30.50 -26.61 -6.63
N SER C 80 31.51 -25.85 -7.04
CA SER C 80 32.84 -26.34 -7.39
C SER C 80 33.86 -25.54 -6.61
N VAL C 81 34.66 -26.20 -5.79
CA VAL C 81 35.64 -25.56 -4.93
C VAL C 81 37.01 -25.73 -5.55
N LEU C 82 37.78 -24.65 -5.64
CA LEU C 82 39.13 -24.69 -6.19
C LEU C 82 40.08 -23.98 -5.23
N VAL C 83 41.22 -24.62 -4.97
CA VAL C 83 42.27 -24.07 -4.13
C VAL C 83 43.54 -23.98 -4.97
N ASP C 84 44.12 -22.78 -5.02
CA ASP C 84 45.29 -22.50 -5.86
C ASP C 84 45.05 -22.96 -7.30
N GLY C 85 43.84 -22.76 -7.80
CA GLY C 85 43.53 -23.05 -9.18
C GLY C 85 43.26 -24.51 -9.51
N LYS C 86 43.31 -25.43 -8.51
CA LYS C 86 43.06 -26.85 -8.71
C LYS C 86 41.70 -27.26 -8.17
N PRO C 87 40.92 -28.04 -8.93
CA PRO C 87 39.62 -28.49 -8.40
C PRO C 87 39.85 -29.45 -7.26
N VAL C 88 39.12 -29.23 -6.16
CA VAL C 88 39.37 -30.04 -4.97
C VAL C 88 38.08 -30.63 -4.44
N GLY C 89 36.92 -30.16 -4.90
CA GLY C 89 35.66 -30.72 -4.42
C GLY C 89 34.47 -30.15 -5.16
N SER C 90 33.34 -30.84 -4.99
CA SER C 90 32.06 -30.50 -5.62
C SER C 90 30.90 -30.87 -4.69
N HIS C 91 29.77 -30.21 -4.88
CA HIS C 91 28.60 -30.51 -4.06
C HIS C 91 27.33 -30.11 -4.76
N TYR C 92 26.26 -30.84 -4.46
CA TYR C 92 24.92 -30.50 -4.88
C TYR C 92 23.99 -30.48 -3.68
N ASN C 93 23.01 -29.56 -3.74
CA ASN C 93 21.94 -29.31 -2.78
C ASN C 93 22.33 -28.13 -1.90
N ALA C 94 21.55 -27.05 -1.97
CA ALA C 94 21.89 -25.78 -1.31
C ALA C 94 21.85 -25.87 0.22
N TYR C 95 21.22 -26.90 0.79
CA TYR C 95 20.79 -26.84 2.18
C TYR C 95 21.55 -27.75 3.13
N THR C 96 22.51 -28.55 2.65
CA THR C 96 23.31 -29.39 3.51
C THR C 96 24.78 -28.98 3.45
N PRO C 97 25.54 -29.19 4.52
CA PRO C 97 26.97 -28.89 4.51
C PRO C 97 27.80 -30.05 3.99
N PHE C 98 29.00 -29.70 3.51
CA PHE C 98 29.96 -30.64 2.97
C PHE C 98 31.34 -30.07 3.25
N ASP C 99 32.38 -30.86 3.01
CA ASP C 99 33.72 -30.34 3.26
C ASP C 99 34.68 -30.82 2.17
N VAL C 100 35.88 -30.23 2.21
CA VAL C 100 37.01 -30.57 1.36
C VAL C 100 38.23 -30.74 2.26
N VAL C 101 38.93 -31.88 2.14
CA VAL C 101 40.12 -32.19 2.94
C VAL C 101 41.35 -32.21 2.04
N LEU C 102 42.35 -31.41 2.40
CA LEU C 102 43.56 -31.26 1.61
C LEU C 102 44.76 -31.59 2.49
N LYS C 103 45.59 -32.53 2.00
CA LYS C 103 46.74 -33.04 2.74
C LYS C 103 47.99 -32.28 2.36
N ASP C 104 48.73 -31.83 3.38
CA ASP C 104 50.10 -31.32 3.27
C ASP C 104 50.24 -30.31 2.13
N ILE C 105 49.60 -29.15 2.33
CA ILE C 105 49.72 -28.03 1.43
C ILE C 105 50.92 -27.19 1.86
N ARG C 106 51.61 -26.61 0.87
CA ARG C 106 52.73 -25.69 1.10
C ARG C 106 52.28 -24.55 2.00
N PRO C 107 53.14 -24.03 2.86
CA PRO C 107 52.73 -22.91 3.72
C PRO C 107 52.46 -21.64 2.90
N GLY C 108 51.85 -20.66 3.56
CA GLY C 108 51.69 -19.34 2.98
C GLY C 108 50.26 -19.04 2.57
N ILE C 109 50.14 -18.09 1.64
CA ILE C 109 48.84 -17.64 1.15
C ILE C 109 48.34 -18.58 0.07
N HIS C 110 47.05 -18.90 0.12
CA HIS C 110 46.42 -19.76 -0.87
C HIS C 110 45.20 -19.07 -1.44
N GLN C 111 44.85 -19.42 -2.67
CA GLN C 111 43.70 -18.87 -3.36
C GLN C 111 42.52 -19.84 -3.24
N LEU C 112 41.39 -19.33 -2.76
CA LEU C 112 40.17 -20.13 -2.65
C LEU C 112 39.12 -19.57 -3.61
N GLU C 113 38.46 -20.45 -4.35
CA GLU C 113 37.43 -20.05 -5.28
C GLU C 113 36.28 -21.04 -5.25
N VAL C 114 35.06 -20.51 -5.18
CA VAL C 114 33.84 -21.31 -5.20
C VAL C 114 33.02 -20.87 -6.40
N ILE C 115 32.79 -21.80 -7.34
CA ILE C 115 31.81 -21.58 -8.40
C ILE C 115 30.48 -22.05 -7.83
N ALA C 116 29.54 -21.13 -7.64
CA ALA C 116 28.18 -21.49 -7.25
C ALA C 116 27.29 -21.39 -8.48
N ASP C 117 26.31 -22.30 -8.56
CA ASP C 117 25.44 -22.44 -9.71
C ASP C 117 24.02 -22.71 -9.22
N ASN C 118 23.04 -21.95 -9.75
CA ASN C 118 21.63 -22.15 -9.43
C ASN C 118 20.78 -22.40 -10.67
N SER C 119 21.41 -22.81 -11.77
CA SER C 119 20.72 -23.20 -12.98
C SER C 119 19.73 -24.34 -12.73
N PHE C 120 18.62 -24.32 -13.46
CA PHE C 120 17.73 -25.46 -13.55
C PHE C 120 18.12 -26.28 -14.77
N GLY C 121 17.92 -27.57 -14.69
CA GLY C 121 18.31 -28.44 -15.78
C GLY C 121 18.32 -29.90 -15.38
N PRO C 122 18.68 -30.74 -16.35
CA PRO C 122 18.62 -32.20 -16.14
C PRO C 122 19.56 -32.72 -15.06
N ASP C 123 20.65 -32.02 -14.76
CA ASP C 123 21.55 -32.43 -13.70
C ASP C 123 21.03 -32.18 -12.29
N SER C 124 19.90 -31.48 -12.15
CA SER C 124 19.40 -31.02 -10.86
C SER C 124 17.98 -31.55 -10.70
N ALA C 125 17.81 -32.60 -9.88
CA ALA C 125 16.50 -33.22 -9.69
C ALA C 125 15.77 -32.74 -8.45
N LEU C 126 16.46 -32.08 -7.50
CA LEU C 126 15.82 -31.50 -6.32
C LEU C 126 15.54 -30.01 -6.49
N HIS C 127 16.55 -29.22 -6.88
CA HIS C 127 16.37 -27.82 -7.25
C HIS C 127 15.80 -27.72 -8.67
N VAL C 128 14.51 -27.36 -8.76
CA VAL C 128 13.75 -27.29 -10.01
C VAL C 128 12.87 -26.05 -9.94
N PRO C 129 12.26 -25.57 -11.04
CA PRO C 129 11.30 -24.45 -10.92
C PRO C 129 10.16 -24.87 -10.01
N ASN C 130 9.95 -24.11 -8.94
CA ASN C 130 9.09 -24.58 -7.87
C ASN C 130 8.52 -23.39 -7.10
N ASP C 131 7.63 -23.71 -6.15
CA ASP C 131 6.89 -22.75 -5.32
C ASP C 131 7.75 -22.24 -4.16
N TYR C 132 9.03 -22.09 -4.44
CA TYR C 132 10.04 -21.48 -3.58
C TYR C 132 11.26 -21.26 -4.46
N GLN C 133 12.01 -20.21 -4.16
CA GLN C 133 13.13 -19.82 -4.99
C GLN C 133 14.33 -20.72 -4.72
N SER C 134 15.07 -21.05 -5.76
CA SER C 134 16.40 -21.65 -5.62
C SER C 134 17.40 -20.54 -5.76
N TYR C 135 17.96 -20.08 -4.65
CA TYR C 135 18.87 -18.94 -4.73
C TYR C 135 20.22 -19.39 -5.25
N GLY C 136 21.13 -18.44 -5.37
CA GLY C 136 22.50 -18.73 -5.75
C GLY C 136 23.47 -17.99 -4.86
N GLY C 137 24.60 -18.62 -4.58
CA GLY C 137 25.65 -18.02 -3.80
C GLY C 137 26.03 -18.87 -2.60
N ILE C 138 26.98 -18.37 -1.83
CA ILE C 138 27.48 -19.07 -0.66
C ILE C 138 26.57 -18.65 0.49
N SER C 139 25.47 -19.37 0.67
CA SER C 139 24.38 -18.86 1.49
C SER C 139 24.55 -19.15 2.99
N ARG C 140 25.43 -20.09 3.38
CA ARG C 140 25.79 -20.32 4.78
C ARG C 140 27.32 -20.28 4.89
N GLY C 141 27.84 -20.52 6.10
CA GLY C 141 29.19 -20.12 6.43
C GLY C 141 30.28 -21.03 5.88
N VAL C 142 31.53 -20.56 6.02
CA VAL C 142 32.73 -21.27 5.55
C VAL C 142 33.79 -21.22 6.64
N VAL C 143 34.38 -22.38 6.93
CA VAL C 143 35.33 -22.53 8.03
C VAL C 143 36.59 -23.20 7.49
N LEU C 144 37.75 -22.60 7.77
CA LEU C 144 39.03 -23.23 7.50
C LEU C 144 39.56 -23.84 8.81
N GLU C 145 39.95 -25.10 8.75
CA GLU C 145 40.52 -25.80 9.88
C GLU C 145 41.89 -26.35 9.51
N GLU C 146 42.88 -26.10 10.37
CA GLU C 146 44.20 -26.70 10.22
C GLU C 146 44.26 -27.95 11.09
N LEU C 147 44.44 -29.10 10.45
CA LEU C 147 44.35 -30.41 11.11
C LEU C 147 45.74 -30.95 11.41
N GLY C 148 45.79 -31.90 12.34
CA GLY C 148 46.99 -32.67 12.55
C GLY C 148 47.09 -33.91 11.70
N GLU C 149 47.44 -35.04 12.32
CA GLU C 149 47.56 -36.30 11.59
C GLU C 149 46.20 -36.99 11.43
N ALA C 150 45.27 -36.72 12.34
CA ALA C 150 43.99 -37.39 12.35
C ALA C 150 42.99 -36.48 13.04
N TYR C 151 41.71 -36.61 12.67
CA TYR C 151 40.73 -35.73 13.27
C TYR C 151 39.41 -36.44 13.48
N LEU C 152 38.57 -35.78 14.28
CA LEU C 152 37.24 -36.24 14.65
C LEU C 152 36.22 -35.72 13.63
N SER C 153 35.59 -36.65 12.91
CA SER C 153 34.67 -36.26 11.85
C SER C 153 33.29 -35.91 12.41
N TRP C 154 32.77 -36.70 13.34
CA TRP C 154 31.51 -36.40 13.99
C TRP C 154 31.37 -37.20 15.27
N ILE C 155 30.46 -36.72 16.13
CA ILE C 155 30.08 -37.45 17.33
C ILE C 155 28.55 -37.47 17.41
N HIS C 156 28.00 -38.63 17.78
CA HIS C 156 26.55 -38.85 17.85
C HIS C 156 26.20 -39.38 19.23
N PHE C 157 25.37 -38.64 19.95
CA PHE C 157 24.92 -39.01 21.29
C PHE C 157 23.44 -39.31 21.27
N THR C 158 23.06 -40.43 21.87
CA THR C 158 21.66 -40.81 22.00
C THR C 158 21.30 -40.97 23.48
N PRO C 159 20.34 -40.21 24.00
CA PRO C 159 19.84 -40.48 25.34
C PRO C 159 18.78 -41.57 25.32
N PHE C 160 18.65 -42.26 26.46
CA PHE C 160 17.65 -43.32 26.63
C PHE C 160 16.97 -43.16 27.99
N LEU C 161 15.65 -43.19 28.00
CA LEU C 161 14.88 -43.08 29.24
C LEU C 161 14.50 -44.48 29.71
N ARG C 162 15.28 -45.02 30.63
CA ARG C 162 15.05 -46.34 31.17
C ARG C 162 14.17 -46.26 32.42
N LYS C 163 13.78 -47.42 32.95
CA LYS C 163 12.96 -47.44 34.16
C LYS C 163 13.67 -46.79 35.33
N ASP C 164 15.00 -46.88 35.38
CA ASP C 164 15.79 -46.34 36.46
C ASP C 164 16.43 -45.00 36.11
N GLY C 165 16.02 -44.38 35.00
CA GLY C 165 16.48 -43.04 34.68
C GLY C 165 17.25 -42.89 33.37
N TRP C 166 17.98 -41.78 33.24
CA TRP C 166 18.60 -41.42 31.97
C TRP C 166 19.88 -42.21 31.74
N TYR C 167 19.98 -42.80 30.55
CA TYR C 167 21.19 -43.41 30.03
C TYR C 167 21.56 -42.76 28.70
N GLY C 168 22.72 -43.13 28.19
CA GLY C 168 23.13 -42.62 26.89
C GLY C 168 24.32 -43.34 26.29
N LYS C 169 24.42 -43.31 24.96
CA LYS C 169 25.59 -43.81 24.28
C LYS C 169 26.14 -42.74 23.34
N ALA C 170 27.42 -42.87 23.01
CA ALA C 170 28.08 -41.95 22.09
C ALA C 170 28.76 -42.77 21.00
N GLU C 171 28.64 -42.31 19.77
CA GLU C 171 29.38 -42.89 18.65
C GLU C 171 30.24 -41.80 18.03
N ILE C 172 31.50 -42.11 17.82
CA ILE C 172 32.47 -41.16 17.28
C ILE C 172 33.06 -41.74 16.01
N CYS C 173 33.35 -40.86 15.06
CA CYS C 173 33.97 -41.21 13.80
C CYS C 173 35.31 -40.51 13.69
N VAL C 174 36.37 -41.29 13.50
CA VAL C 174 37.73 -40.78 13.43
C VAL C 174 38.30 -41.06 12.05
N ARG C 175 38.99 -40.07 11.50
CA ARG C 175 39.57 -40.17 10.17
C ARG C 175 41.09 -40.02 10.29
N ASN C 176 41.81 -41.05 9.89
CA ASN C 176 43.26 -41.05 9.91
C ASN C 176 43.74 -40.45 8.59
N LEU C 177 44.38 -39.29 8.65
CA LEU C 177 45.00 -38.74 7.44
C LEU C 177 46.40 -39.29 7.20
N SER C 178 47.03 -39.89 8.20
CA SER C 178 48.39 -40.39 8.05
C SER C 178 48.41 -41.72 7.31
N SER C 179 49.49 -41.94 6.55
CA SER C 179 49.70 -43.24 5.91
C SER C 179 50.05 -44.33 6.91
N GLY C 180 50.41 -43.97 8.15
CA GLY C 180 50.75 -44.95 9.15
C GLY C 180 49.60 -45.28 10.09
N ARG C 181 49.75 -46.41 10.79
CA ARG C 181 48.77 -46.81 11.79
C ARG C 181 48.71 -45.80 12.91
N LEU C 182 47.50 -45.55 13.40
CA LEU C 182 47.28 -44.60 14.49
C LEU C 182 46.78 -45.35 15.72
N ASP C 183 47.40 -45.06 16.86
CA ASP C 183 46.96 -45.55 18.16
C ASP C 183 46.64 -44.36 19.04
N GLY C 184 45.47 -44.38 19.67
CA GLY C 184 45.11 -43.28 20.55
C GLY C 184 43.85 -43.58 21.31
N SER C 185 43.29 -42.53 21.90
CA SER C 185 42.12 -42.59 22.77
C SER C 185 41.18 -41.42 22.47
N VAL C 186 39.88 -41.67 22.61
CA VAL C 186 38.89 -40.59 22.59
C VAL C 186 38.19 -40.60 23.94
N GLU C 187 38.33 -39.50 24.68
CA GLU C 187 37.70 -39.33 25.98
C GLU C 187 36.50 -38.41 25.83
N VAL C 188 35.35 -38.85 26.31
CA VAL C 188 34.09 -38.14 26.16
C VAL C 188 33.65 -37.65 27.54
N GLU C 189 33.32 -36.38 27.62
CA GLU C 189 32.66 -35.78 28.77
C GLU C 189 31.38 -35.11 28.30
N ILE C 190 30.37 -35.09 29.18
CA ILE C 190 29.12 -34.40 28.93
C ILE C 190 28.89 -33.43 30.09
N GLY C 191 28.97 -32.14 29.80
CA GLY C 191 28.72 -31.13 30.82
C GLY C 191 29.70 -31.18 31.99
N LYS C 192 30.95 -31.58 31.73
CA LYS C 192 32.01 -31.77 32.73
C LYS C 192 31.78 -33.00 33.61
N ASN C 193 30.83 -33.87 33.26
CA ASN C 193 30.74 -35.20 33.85
C ASN C 193 31.51 -36.18 32.97
N SER C 194 32.32 -37.02 33.62
CA SER C 194 33.06 -38.03 32.89
C SER C 194 32.09 -39.05 32.29
N PHE C 195 32.28 -39.38 31.01
CA PHE C 195 31.39 -40.32 30.34
C PHE C 195 32.13 -41.59 29.93
N ALA C 196 33.04 -41.54 28.96
CA ALA C 196 33.63 -42.76 28.45
C ALA C 196 35.01 -42.50 27.87
N VAL C 197 35.75 -43.58 27.64
CA VAL C 197 37.01 -43.57 26.93
C VAL C 197 36.97 -44.67 25.88
N LEU C 198 37.07 -44.30 24.59
CA LEU C 198 37.03 -45.27 23.51
C LEU C 198 38.45 -45.46 22.98
N PRO C 199 39.06 -46.64 23.14
CA PRO C 199 40.41 -46.84 22.60
C PRO C 199 40.35 -46.91 21.09
N ILE C 200 41.39 -46.39 20.45
CA ILE C 200 41.38 -46.13 19.01
C ILE C 200 42.57 -46.82 18.39
N VAL C 201 42.33 -47.74 17.45
CA VAL C 201 43.33 -48.23 16.52
C VAL C 201 42.84 -47.99 15.09
N LEU C 202 43.64 -47.28 14.30
CA LEU C 202 43.31 -46.94 12.92
C LEU C 202 44.48 -47.30 12.03
N GLU C 203 44.19 -48.02 10.94
CA GLU C 203 45.21 -48.24 9.92
C GLU C 203 45.45 -46.94 9.15
N GLY C 204 46.41 -46.99 8.22
CA GLY C 204 46.70 -45.83 7.38
C GLY C 204 45.52 -45.38 6.54
N GLU C 205 45.22 -44.08 6.58
CA GLU C 205 44.18 -43.46 5.77
C GLU C 205 42.78 -44.06 5.99
N GLU C 206 42.54 -44.67 7.15
CA GLU C 206 41.24 -45.26 7.44
C GLU C 206 40.34 -44.27 8.17
N GLU C 207 39.03 -44.32 7.88
CA GLU C 207 38.02 -43.64 8.68
C GLU C 207 37.15 -44.69 9.35
N LYS C 208 36.98 -44.58 10.66
CA LYS C 208 36.27 -45.61 11.41
C LYS C 208 35.42 -45.01 12.51
N SER C 209 34.28 -45.64 12.76
CA SER C 209 33.34 -45.26 13.79
C SER C 209 33.52 -46.13 15.03
N PHE C 210 33.36 -45.54 16.22
CA PHE C 210 33.56 -46.24 17.49
C PHE C 210 32.43 -45.88 18.45
N SER C 211 31.87 -46.87 19.13
CA SER C 211 30.75 -46.62 20.03
C SER C 211 31.03 -47.03 21.47
N THR C 212 30.47 -46.26 22.41
CA THR C 212 30.40 -46.67 23.79
C THR C 212 29.20 -47.56 24.03
N GLU C 213 29.17 -48.15 25.23
CA GLU C 213 28.00 -48.86 25.75
C GLU C 213 26.89 -47.86 26.11
N GLU C 214 25.75 -48.39 26.54
CA GLU C 214 24.70 -47.58 27.13
C GLU C 214 25.05 -47.32 28.60
N LEU C 215 25.39 -46.08 28.91
CA LEU C 215 25.94 -45.80 30.22
C LEU C 215 24.97 -44.96 31.06
N PRO C 216 24.98 -45.13 32.39
CA PRO C 216 24.14 -44.29 33.26
C PRO C 216 24.53 -42.83 33.19
N CYS C 217 23.52 -41.96 33.26
CA CYS C 217 23.72 -40.52 33.41
C CYS C 217 22.79 -40.03 34.50
N PRO C 218 23.06 -40.39 35.76
CA PRO C 218 22.15 -40.00 36.85
C PRO C 218 22.11 -38.50 37.08
N TRP C 219 23.12 -37.78 36.62
CA TRP C 219 23.24 -36.34 36.80
C TRP C 219 22.43 -35.53 35.80
N ALA C 220 21.77 -36.18 34.85
CA ALA C 220 21.18 -35.48 33.72
C ALA C 220 19.81 -34.93 34.07
N GLU C 221 19.55 -33.68 33.70
CA GLU C 221 18.21 -33.12 33.71
C GLU C 221 17.66 -33.12 32.28
N CYS C 222 16.35 -33.22 32.16
CA CYS C 222 15.80 -33.47 30.84
C CYS C 222 15.58 -32.16 30.07
N TRP C 223 15.54 -32.29 28.74
CA TRP C 223 15.23 -31.21 27.82
C TRP C 223 13.74 -31.29 27.47
N SER C 224 13.07 -30.15 27.48
CA SER C 224 11.65 -30.08 27.14
C SER C 224 11.31 -28.65 26.71
N PRO C 225 10.15 -28.46 26.06
CA PRO C 225 9.71 -27.08 25.76
C PRO C 225 9.77 -26.15 26.96
N GLU C 226 9.29 -26.59 28.13
CA GLU C 226 9.27 -25.77 29.33
C GLU C 226 10.64 -25.61 29.97
N SER C 227 11.56 -26.52 29.70
CA SER C 227 12.89 -26.49 30.32
C SER C 227 13.90 -27.07 29.35
N PRO C 228 14.43 -26.24 28.43
CA PRO C 228 15.36 -26.75 27.38
C PRO C 228 16.81 -26.79 27.88
N VAL C 229 17.06 -27.72 28.81
CA VAL C 229 18.39 -27.90 29.37
C VAL C 229 19.28 -28.57 28.33
N LEU C 230 20.45 -27.98 28.10
CA LEU C 230 21.42 -28.49 27.15
C LEU C 230 22.76 -28.71 27.85
N TYR C 231 23.49 -29.73 27.40
CA TYR C 231 24.85 -29.99 27.86
C TYR C 231 25.84 -29.99 26.69
N LEU C 232 27.02 -29.42 26.93
CA LEU C 232 28.12 -29.59 25.99
C LEU C 232 28.73 -30.98 26.15
N ILE C 233 28.83 -31.70 25.03
CA ILE C 233 29.54 -32.97 24.98
C ILE C 233 30.85 -32.72 24.24
N THR C 234 31.95 -33.17 24.84
CA THR C 234 33.28 -32.93 24.32
C THR C 234 33.96 -34.28 24.10
N ALA C 235 34.53 -34.48 22.91
CA ALA C 235 35.32 -35.66 22.64
C ALA C 235 36.73 -35.17 22.27
N VAL C 236 37.74 -35.75 22.92
CA VAL C 236 39.14 -35.36 22.74
C VAL C 236 39.89 -36.57 22.23
N LEU C 237 40.53 -36.42 21.06
CA LEU C 237 41.48 -37.41 20.56
C LEU C 237 42.83 -37.21 21.24
N ARG C 238 43.28 -38.20 22.00
CA ARG C 238 44.60 -38.19 22.61
C ARG C 238 45.50 -39.22 21.95
N THR C 239 46.66 -38.78 21.49
CA THR C 239 47.66 -39.60 20.83
C THR C 239 49.03 -39.28 21.41
N ALA C 240 50.07 -39.93 20.88
CA ALA C 240 51.43 -39.70 21.35
C ALA C 240 51.75 -38.21 21.38
N ASP C 241 51.21 -37.44 20.44
CA ASP C 241 51.31 -35.99 20.50
C ASP C 241 50.79 -35.47 21.83
N GLY C 242 49.58 -35.87 22.20
CA GLY C 242 48.91 -35.31 23.34
C GLY C 242 47.44 -35.14 23.04
N ALA C 243 46.79 -34.14 23.65
CA ALA C 243 45.43 -33.78 23.25
C ALA C 243 45.44 -33.26 21.82
N ALA C 244 45.27 -34.14 20.83
CA ALA C 244 45.55 -33.81 19.44
C ALA C 244 44.41 -33.10 18.73
N ASP C 245 43.17 -33.42 19.09
CA ASP C 245 42.01 -32.91 18.39
C ASP C 245 40.82 -32.90 19.35
N ASP C 246 39.75 -32.23 18.95
CA ASP C 246 38.53 -32.27 19.72
C ASP C 246 37.34 -32.05 18.81
N ILE C 247 36.16 -32.38 19.35
CA ILE C 247 34.89 -32.06 18.73
C ILE C 247 33.93 -31.77 19.88
N ILE C 248 33.23 -30.65 19.79
CA ILE C 248 32.27 -30.23 20.80
C ILE C 248 30.91 -30.05 20.13
N ASP C 249 29.87 -30.63 20.73
CA ASP C 249 28.49 -30.44 20.30
C ASP C 249 27.63 -30.24 21.56
N ARG C 250 26.32 -30.18 21.38
CA ARG C 250 25.38 -30.02 22.48
C ARG C 250 24.27 -31.04 22.37
N VAL C 251 23.79 -31.50 23.53
CA VAL C 251 22.76 -32.54 23.61
C VAL C 251 21.70 -32.13 24.62
N GLY C 252 20.49 -32.64 24.40
CA GLY C 252 19.42 -32.57 25.40
C GLY C 252 18.91 -33.97 25.69
N PHE C 253 18.62 -34.24 26.96
CA PHE C 253 18.12 -35.55 27.36
C PHE C 253 16.60 -35.52 27.23
N ARG C 254 16.09 -36.14 26.18
CA ARG C 254 14.66 -36.15 25.93
C ARG C 254 14.33 -37.40 25.12
N GLU C 255 13.16 -37.97 25.36
CA GLU C 255 12.69 -39.15 24.64
C GLU C 255 11.51 -38.78 23.75
N ILE C 256 11.65 -39.02 22.46
CA ILE C 256 10.57 -38.87 21.49
C ILE C 256 10.15 -40.27 21.07
N ARG C 257 8.85 -40.56 21.18
CA ARG C 257 8.34 -41.91 21.03
C ARG C 257 6.90 -41.83 20.54
N THR C 258 6.51 -42.75 19.67
CA THR C 258 5.12 -42.90 19.28
C THR C 258 4.53 -44.14 19.95
N GLU C 259 3.29 -44.02 20.41
CA GLU C 259 2.59 -45.11 21.09
C GLU C 259 1.11 -44.99 20.72
N GLY C 260 0.62 -45.92 19.91
CA GLY C 260 -0.73 -45.78 19.39
C GLY C 260 -0.83 -44.52 18.56
N LYS C 261 -1.88 -43.73 18.85
CA LYS C 261 -2.11 -42.43 18.22
C LYS C 261 -1.39 -41.29 18.94
N ASP C 262 -0.43 -41.60 19.81
CA ASP C 262 0.20 -40.59 20.66
C ASP C 262 1.65 -40.39 20.23
N ILE C 263 2.01 -39.11 20.02
CA ILE C 263 3.41 -38.69 20.01
C ILE C 263 3.74 -38.30 21.43
N LEU C 264 4.78 -38.91 22.00
CA LEU C 264 5.11 -38.72 23.40
C LEU C 264 6.47 -38.08 23.55
N LEU C 265 6.53 -36.99 24.30
CA LEU C 265 7.78 -36.33 24.67
C LEU C 265 7.96 -36.50 26.16
N ASN C 266 8.97 -37.27 26.56
CA ASN C 266 9.26 -37.55 27.97
C ASN C 266 8.04 -38.16 28.66
N GLY C 267 7.29 -38.98 27.91
CA GLY C 267 6.10 -39.64 28.40
C GLY C 267 4.82 -38.83 28.34
N ARG C 268 4.90 -37.54 28.05
CA ARG C 268 3.71 -36.71 27.95
C ARG C 268 3.20 -36.70 26.51
N LYS C 269 1.88 -36.62 26.36
CA LYS C 269 1.28 -36.63 25.03
C LYS C 269 1.34 -35.23 24.42
N LEU C 270 2.01 -35.12 23.29
CA LEU C 270 2.36 -33.85 22.66
C LEU C 270 1.24 -33.30 21.78
N ARG C 271 1.01 -31.99 21.89
CA ARG C 271 0.22 -31.23 20.93
C ARG C 271 1.15 -30.31 20.14
N ILE C 272 1.18 -30.49 18.81
CA ILE C 272 1.95 -29.63 17.91
C ILE C 272 1.14 -28.38 17.60
N LYS C 273 1.72 -27.22 17.89
CA LYS C 273 1.19 -25.91 17.52
C LYS C 273 2.30 -25.29 16.69
N GLY C 274 2.29 -25.53 15.38
CA GLY C 274 3.45 -25.33 14.57
C GLY C 274 3.29 -24.31 13.45
N PHE C 275 4.43 -23.92 12.90
CA PHE C 275 4.47 -23.16 11.66
C PHE C 275 5.39 -23.86 10.65
N CYS C 276 4.92 -23.97 9.41
CA CYS C 276 5.83 -24.14 8.30
C CYS C 276 6.60 -22.84 8.10
N ARG C 277 7.91 -22.93 7.98
CA ARG C 277 8.72 -21.73 7.73
C ARG C 277 9.78 -22.05 6.70
N HIS C 278 9.79 -21.27 5.61
CA HIS C 278 10.88 -21.29 4.64
C HIS C 278 12.04 -20.45 5.16
N GLU C 279 13.24 -20.75 4.64
CA GLU C 279 14.40 -19.85 4.81
C GLU C 279 14.32 -18.81 3.70
N ASP C 280 13.58 -17.74 3.96
CA ASP C 280 13.36 -16.71 2.96
C ASP C 280 13.11 -15.39 3.67
N HIS C 281 13.67 -14.31 3.08
CA HIS C 281 13.62 -12.96 3.59
C HIS C 281 13.94 -12.07 2.40
N PRO C 282 13.25 -10.93 2.22
CA PRO C 282 13.46 -10.11 1.02
C PRO C 282 14.79 -9.36 0.99
N GLN C 283 15.53 -9.29 2.10
CA GLN C 283 16.87 -8.70 2.00
C GLN C 283 17.96 -9.75 1.93
N PHE C 284 17.70 -10.94 2.45
CA PHE C 284 18.75 -11.90 2.76
C PHE C 284 18.60 -13.20 1.97
N GLY C 285 17.60 -13.30 1.10
CA GLY C 285 17.30 -14.54 0.41
C GLY C 285 17.11 -15.69 1.38
N CYS C 286 17.94 -16.73 1.25
CA CYS C 286 18.00 -17.80 2.24
C CYS C 286 19.28 -17.71 3.10
N ALA C 287 20.03 -16.61 2.98
CA ALA C 287 21.16 -16.34 3.86
C ALA C 287 20.77 -15.38 4.99
N LEU C 288 19.85 -15.83 5.84
CA LEU C 288 19.34 -14.97 6.90
C LEU C 288 20.34 -14.94 8.06
N PRO C 289 20.69 -13.76 8.57
CA PRO C 289 21.58 -13.69 9.74
C PRO C 289 20.89 -14.07 11.03
N PHE C 290 21.73 -14.38 12.03
CA PHE C 290 21.31 -14.63 13.41
C PHE C 290 20.20 -13.69 13.89
N SER C 291 20.36 -12.38 13.68
CA SER C 291 19.34 -11.41 14.09
C SER C 291 18.02 -11.63 13.35
N ALA C 292 18.07 -11.96 12.05
CA ALA C 292 16.82 -12.22 11.33
C ALA C 292 16.20 -13.55 11.76
N MET C 293 17.03 -14.54 12.07
CA MET C 293 16.50 -15.80 12.60
C MET C 293 15.77 -15.58 13.92
N GLN C 294 16.46 -14.95 14.88
CA GLN C 294 15.84 -14.76 16.18
C GLN C 294 14.59 -13.88 16.10
N HIS C 295 14.59 -12.90 15.19
CA HIS C 295 13.39 -12.08 15.02
C HIS C 295 12.20 -12.95 14.58
N ASP C 296 12.44 -13.90 13.66
CA ASP C 296 11.39 -14.84 13.29
C ASP C 296 10.93 -15.67 14.48
N LEU C 297 11.88 -16.13 15.31
CA LEU C 297 11.51 -17.02 16.41
C LEU C 297 10.73 -16.28 17.48
N MET C 298 11.02 -14.99 17.72
CA MET C 298 10.25 -14.24 18.70
C MET C 298 8.81 -14.01 18.23
N LEU C 299 8.63 -13.75 16.94
CA LEU C 299 7.28 -13.66 16.38
C LEU C 299 6.56 -14.99 16.50
N ILE C 300 7.24 -16.08 16.14
CA ILE C 300 6.64 -17.41 16.19
C ILE C 300 6.28 -17.78 17.63
N LYS C 301 7.16 -17.46 18.59
CA LYS C 301 6.82 -17.71 19.99
C LYS C 301 5.69 -16.80 20.45
N ASP C 302 5.67 -15.55 19.97
CA ASP C 302 4.59 -14.62 20.32
C ASP C 302 3.24 -15.10 19.81
N LEU C 303 3.22 -15.80 18.67
CA LEU C 303 1.99 -16.40 18.17
C LEU C 303 1.54 -17.62 19.00
N GLY C 304 2.34 -18.06 19.97
CA GLY C 304 1.98 -19.22 20.78
C GLY C 304 2.37 -20.56 20.21
N ALA C 305 3.18 -20.59 19.15
CA ALA C 305 3.64 -21.86 18.57
C ALA C 305 4.67 -22.54 19.46
N ASN C 306 4.70 -23.88 19.41
CA ASN C 306 5.76 -24.65 20.05
C ASN C 306 6.65 -25.41 19.05
N SER C 307 6.48 -25.20 17.74
CA SER C 307 7.13 -26.05 16.75
C SER C 307 7.23 -25.36 15.40
N ILE C 308 8.29 -25.68 14.64
CA ILE C 308 8.49 -25.23 13.27
C ILE C 308 8.71 -26.45 12.38
N ARG C 309 8.26 -26.35 11.14
CA ARG C 309 8.54 -27.37 10.12
C ARG C 309 9.37 -26.72 9.01
N THR C 310 10.53 -27.34 8.71
CA THR C 310 11.53 -26.77 7.80
C THR C 310 11.16 -27.06 6.34
N VAL C 311 10.14 -26.38 5.86
CA VAL C 311 9.74 -26.55 4.47
C VAL C 311 10.76 -25.86 3.57
N HIS C 312 11.27 -26.58 2.56
CA HIS C 312 11.11 -28.02 2.37
C HIS C 312 12.51 -28.61 2.19
N TYR C 313 13.37 -28.48 3.21
CA TYR C 313 14.79 -28.77 3.11
C TYR C 313 15.45 -28.60 4.47
N PRO C 314 16.65 -29.17 4.68
CA PRO C 314 17.34 -28.95 5.96
C PRO C 314 17.65 -27.48 6.21
N ASN C 315 17.72 -27.12 7.49
CA ASN C 315 17.95 -25.75 7.89
C ASN C 315 19.38 -25.52 8.37
N ASP C 316 19.78 -24.26 8.29
CA ASP C 316 20.98 -23.75 8.93
C ASP C 316 21.11 -24.32 10.34
N GLU C 317 22.31 -24.81 10.68
CA GLU C 317 22.52 -25.34 12.03
C GLU C 317 22.47 -24.25 13.10
N LEU C 318 22.72 -22.99 12.73
CA LEU C 318 22.54 -21.89 13.68
C LEU C 318 21.09 -21.81 14.12
N PHE C 319 20.16 -21.96 13.18
CA PHE C 319 18.74 -21.90 13.50
C PHE C 319 18.34 -23.04 14.43
N LEU C 320 18.77 -24.27 14.11
CA LEU C 320 18.49 -25.42 14.97
C LEU C 320 19.07 -25.23 16.37
N ASP C 321 20.26 -24.63 16.46
CA ASP C 321 20.81 -24.25 17.75
C ASP C 321 19.83 -23.38 18.52
N LEU C 322 19.25 -22.38 17.84
CA LEU C 322 18.36 -21.44 18.52
C LEU C 322 17.09 -22.13 18.99
N CYS C 323 16.65 -23.15 18.26
CA CYS C 323 15.46 -23.91 18.64
C CYS C 323 15.75 -24.83 19.82
N ASP C 324 16.90 -25.49 19.82
CA ASP C 324 17.39 -26.19 21.01
C ASP C 324 17.33 -25.30 22.25
N GLU C 325 17.89 -24.10 22.17
CA GLU C 325 18.01 -23.22 23.34
C GLU C 325 16.67 -22.70 23.83
N GLN C 326 15.66 -22.67 22.98
CA GLN C 326 14.39 -22.08 23.36
C GLN C 326 13.26 -23.09 23.48
N GLY C 327 13.54 -24.39 23.36
CA GLY C 327 12.50 -25.39 23.51
C GLY C 327 11.56 -25.55 22.34
N ILE C 328 11.95 -25.09 21.15
CA ILE C 328 11.11 -25.21 19.96
C ILE C 328 11.31 -26.59 19.34
N LEU C 329 10.23 -27.29 19.07
CA LEU C 329 10.28 -28.59 18.44
C LEU C 329 10.41 -28.43 16.91
N VAL C 330 11.22 -29.29 16.30
CA VAL C 330 11.54 -29.19 14.87
C VAL C 330 11.15 -30.47 14.13
N TRP C 331 10.30 -30.33 13.12
CA TRP C 331 10.21 -31.29 12.03
C TRP C 331 11.21 -30.85 10.97
N GLU C 332 12.20 -31.71 10.71
CA GLU C 332 13.21 -31.46 9.68
C GLU C 332 13.08 -32.51 8.59
N GLU C 333 13.13 -32.07 7.33
CA GLU C 333 12.87 -32.97 6.21
C GLU C 333 13.93 -32.79 5.13
N ASN C 334 14.07 -33.82 4.28
CA ASN C 334 14.99 -33.71 3.16
C ASN C 334 14.42 -32.73 2.13
N HIS C 335 15.26 -32.37 1.16
CA HIS C 335 14.90 -31.34 0.19
C HIS C 335 14.11 -31.96 -0.95
N ALA C 336 12.80 -31.68 -0.97
CA ALA C 336 11.90 -32.13 -2.03
C ALA C 336 10.51 -31.55 -1.77
N ARG C 337 9.87 -31.08 -2.85
CA ARG C 337 8.52 -30.52 -2.78
C ARG C 337 7.79 -30.83 -4.09
N GLY C 338 6.73 -31.62 -4.01
CA GLY C 338 5.81 -31.74 -5.13
C GLY C 338 6.43 -32.34 -6.39
N LEU C 339 7.46 -33.16 -6.26
CA LEU C 339 8.07 -33.76 -7.44
C LEU C 339 7.13 -34.84 -8.02
N SER C 340 6.89 -34.80 -9.32
CA SER C 340 6.03 -35.80 -9.93
C SER C 340 6.75 -37.15 -10.00
N GLU C 341 6.00 -38.20 -10.38
CA GLU C 341 6.64 -39.49 -10.69
C GLU C 341 7.71 -39.34 -11.76
N GLU C 342 7.41 -38.57 -12.81
CA GLU C 342 8.41 -38.32 -13.85
C GLU C 342 9.61 -37.53 -13.33
N ASN C 343 9.40 -36.60 -12.38
CA ASN C 343 10.55 -35.92 -11.77
C ASN C 343 11.41 -36.90 -10.98
N MET C 344 10.76 -37.83 -10.26
CA MET C 344 11.49 -38.81 -9.47
C MET C 344 12.26 -39.81 -10.32
N ARG C 345 11.95 -39.91 -11.61
CA ARG C 345 12.67 -40.80 -12.51
C ARG C 345 13.90 -40.12 -13.10
N ASN C 346 14.18 -38.88 -12.71
CA ASN C 346 15.41 -38.25 -13.13
C ASN C 346 16.60 -39.11 -12.72
N PRO C 347 17.59 -39.30 -13.60
CA PRO C 347 18.70 -40.20 -13.27
C PRO C 347 19.46 -39.82 -12.00
N HIS C 348 19.29 -38.61 -11.50
CA HIS C 348 20.02 -38.16 -10.33
C HIS C 348 19.18 -38.12 -9.05
N PHE C 349 17.88 -38.43 -9.12
CA PHE C 349 16.97 -38.12 -8.01
C PHE C 349 17.30 -38.94 -6.78
N LYS C 350 17.45 -40.27 -6.92
CA LYS C 350 17.75 -41.14 -5.78
C LYS C 350 19.10 -40.81 -5.16
N GLN C 351 20.13 -40.60 -5.98
CA GLN C 351 21.43 -40.21 -5.44
C GLN C 351 21.35 -38.88 -4.72
N GLN C 352 20.62 -37.90 -5.28
CA GLN C 352 20.54 -36.58 -4.66
C GLN C 352 19.74 -36.64 -3.36
N CYS C 353 18.63 -37.39 -3.35
CA CYS C 353 17.90 -37.61 -2.11
C CYS C 353 18.77 -38.32 -1.07
N GLY C 354 19.44 -39.40 -1.48
CA GLY C 354 20.32 -40.10 -0.54
C GLY C 354 21.38 -39.20 0.08
N ASP C 355 22.03 -38.37 -0.75
CA ASP C 355 23.07 -37.47 -0.25
C ASP C 355 22.49 -36.43 0.70
N CYS C 356 21.32 -35.88 0.40
CA CYS C 356 20.70 -34.92 1.31
C CYS C 356 20.42 -35.56 2.67
N ILE C 357 19.79 -36.74 2.67
CA ILE C 357 19.44 -37.40 3.94
C ILE C 357 20.71 -37.69 4.75
N ARG C 358 21.73 -38.25 4.09
CA ARG C 358 22.95 -38.65 4.81
C ARG C 358 23.62 -37.46 5.47
N GLU C 359 23.78 -36.35 4.73
CA GLU C 359 24.41 -35.15 5.28
C GLU C 359 23.54 -34.51 6.37
N MET C 360 22.23 -34.52 6.17
CA MET C 360 21.29 -33.95 7.13
C MET C 360 21.41 -34.65 8.48
N ILE C 361 21.25 -35.98 8.49
CA ILE C 361 21.24 -36.70 9.76
C ILE C 361 22.65 -36.84 10.34
N THR C 362 23.68 -36.96 9.50
CA THR C 362 25.03 -37.04 10.03
C THR C 362 25.42 -35.74 10.74
N ALA C 363 25.02 -34.60 10.17
CA ALA C 363 25.39 -33.33 10.79
C ALA C 363 24.44 -32.94 11.93
N HIS C 364 23.15 -33.27 11.82
CA HIS C 364 22.10 -32.75 12.73
C HIS C 364 21.63 -33.75 13.78
N TYR C 365 22.34 -34.88 13.94
CA TYR C 365 21.87 -35.95 14.81
C TYR C 365 21.66 -35.50 16.28
N ASN C 366 22.46 -34.57 16.77
CA ASN C 366 22.42 -34.28 18.21
C ASN C 366 21.38 -33.24 18.62
N HIS C 367 20.69 -32.60 17.70
CA HIS C 367 19.78 -31.53 18.09
C HIS C 367 18.54 -32.10 18.80
N PRO C 368 18.36 -31.82 20.10
CA PRO C 368 17.20 -32.38 20.81
C PRO C 368 15.88 -31.79 20.31
N SER C 369 15.92 -30.58 19.74
CA SER C 369 14.73 -29.98 19.14
C SER C 369 14.17 -30.81 17.98
N ILE C 370 15.04 -31.48 17.21
CA ILE C 370 14.53 -32.32 16.14
C ILE C 370 13.87 -33.54 16.76
N TYR C 371 12.57 -33.72 16.50
CA TYR C 371 11.84 -34.84 17.03
C TYR C 371 11.32 -35.78 15.95
N ILE C 372 11.41 -35.40 14.67
CA ILE C 372 10.87 -36.24 13.59
C ILE C 372 11.59 -35.86 12.31
N TRP C 373 11.85 -36.88 11.47
CA TRP C 373 12.42 -36.72 10.14
C TRP C 373 11.31 -36.83 9.10
N GLY C 374 11.22 -35.85 8.23
CA GLY C 374 10.26 -35.91 7.14
C GLY C 374 10.94 -36.16 5.83
N ILE C 375 10.22 -36.68 4.84
CA ILE C 375 10.78 -36.92 3.51
C ILE C 375 9.75 -36.51 2.47
N LEU C 376 10.26 -36.17 1.28
CA LEU C 376 9.49 -36.17 0.03
C LEU C 376 8.14 -35.47 0.18
N ASN C 377 8.17 -34.22 0.64
CA ASN C 377 6.95 -33.42 0.74
C ASN C 377 6.12 -33.44 -0.56
N GLU C 378 4.95 -34.07 -0.49
CA GLU C 378 3.98 -34.09 -1.58
C GLU C 378 4.52 -34.72 -2.86
N CYS C 379 5.40 -35.71 -2.77
CA CYS C 379 5.83 -36.40 -3.97
C CYS C 379 4.84 -37.54 -4.32
N ALA C 380 5.16 -38.35 -5.34
CA ALA C 380 4.21 -39.25 -5.97
C ALA C 380 4.03 -40.56 -5.19
N SER C 381 3.56 -40.43 -3.96
CA SER C 381 3.33 -41.56 -3.08
C SER C 381 2.06 -42.35 -3.44
N ASP C 382 1.39 -42.01 -4.54
CA ASP C 382 0.29 -42.79 -5.07
C ASP C 382 0.72 -43.75 -6.19
N THR C 383 2.00 -43.75 -6.54
CA THR C 383 2.51 -44.58 -7.64
C THR C 383 3.44 -45.67 -7.11
N GLU C 384 3.62 -46.71 -7.93
CA GLU C 384 4.49 -47.81 -7.53
C GLU C 384 5.95 -47.37 -7.46
N TYR C 385 6.43 -46.67 -8.51
CA TYR C 385 7.81 -46.16 -8.48
C TYR C 385 8.00 -45.18 -7.33
N GLY C 386 7.01 -44.31 -7.09
CA GLY C 386 7.09 -43.41 -5.96
C GLY C 386 7.26 -44.16 -4.64
N ARG C 387 6.45 -45.20 -4.44
CA ARG C 387 6.57 -46.07 -3.28
C ARG C 387 7.98 -46.60 -3.10
N GLU C 388 8.59 -47.06 -4.20
CA GLU C 388 9.94 -47.61 -4.15
C GLU C 388 10.92 -46.61 -3.53
N CYS C 389 10.86 -45.34 -3.97
CA CYS C 389 11.74 -44.31 -3.41
C CYS C 389 11.43 -44.05 -1.94
N TYR C 390 10.13 -43.95 -1.59
CA TYR C 390 9.76 -43.71 -0.19
C TYR C 390 10.33 -44.80 0.71
N SER C 391 10.09 -46.05 0.32
CA SER C 391 10.61 -47.19 1.07
C SER C 391 12.13 -47.08 1.30
N GLU C 392 12.89 -46.81 0.24
CA GLU C 392 14.34 -46.73 0.35
C GLU C 392 14.77 -45.60 1.28
N GLN C 393 14.19 -44.42 1.08
CA GLN C 393 14.60 -43.24 1.85
C GLN C 393 14.20 -43.37 3.31
N TYR C 394 13.03 -43.96 3.59
CA TYR C 394 12.66 -44.28 4.97
C TYR C 394 13.67 -45.22 5.60
N GLU C 395 14.05 -46.29 4.89
CA GLU C 395 14.97 -47.24 5.49
C GLU C 395 16.41 -46.70 5.51
N LEU C 396 16.74 -45.78 4.61
CA LEU C 396 18.01 -45.07 4.75
C LEU C 396 18.05 -44.28 6.07
N ILE C 397 16.91 -43.66 6.44
CA ILE C 397 16.84 -42.88 7.66
C ILE C 397 16.96 -43.77 8.88
N LYS C 398 16.31 -44.94 8.86
CA LYS C 398 16.45 -45.88 9.97
C LYS C 398 17.90 -46.29 10.16
N SER C 399 18.62 -46.53 9.07
CA SER C 399 20.02 -46.96 9.21
C SER C 399 20.88 -45.87 9.83
N LEU C 400 20.51 -44.60 9.65
CA LEU C 400 21.26 -43.49 10.22
C LEU C 400 20.76 -43.10 11.61
N ASP C 401 19.46 -43.27 11.85
CA ASP C 401 18.85 -42.82 13.10
C ASP C 401 17.76 -43.82 13.43
N PRO C 402 18.08 -44.88 14.17
CA PRO C 402 17.07 -45.92 14.45
C PRO C 402 16.01 -45.51 15.45
N TYR C 403 16.03 -44.28 15.99
CA TYR C 403 15.17 -43.93 17.12
C TYR C 403 14.13 -42.86 16.84
N ARG C 404 14.47 -41.80 16.10
CA ARG C 404 13.48 -40.75 15.85
C ARG C 404 12.37 -41.27 14.95
N PRO C 405 11.11 -40.89 15.21
CA PRO C 405 10.03 -41.20 14.26
C PRO C 405 10.27 -40.54 12.91
N ARG C 406 9.59 -41.11 11.90
CA ARG C 406 9.67 -40.66 10.52
C ARG C 406 8.27 -40.40 9.98
N SER C 407 8.19 -39.51 9.00
CA SER C 407 6.91 -39.21 8.37
C SER C 407 7.16 -38.54 7.01
N SER C 408 6.06 -38.21 6.33
CA SER C 408 6.12 -37.49 5.06
C SER C 408 4.81 -36.76 4.86
N ALA C 409 4.88 -35.48 4.51
CA ALA C 409 3.68 -34.67 4.35
C ALA C 409 3.03 -35.02 3.01
N SER C 410 1.83 -35.60 3.06
CA SER C 410 1.18 -36.11 1.87
C SER C 410 0.07 -35.20 1.41
N CYS C 411 -0.19 -35.23 0.09
CA CYS C 411 -1.37 -34.60 -0.46
C CYS C 411 -2.16 -35.56 -1.35
N ARG C 412 -1.80 -36.84 -1.40
CA ARG C 412 -2.54 -37.80 -2.21
C ARG C 412 -3.72 -38.24 -1.35
N PHE C 413 -4.76 -37.38 -1.38
CA PHE C 413 -6.00 -37.49 -0.62
C PHE C 413 -6.69 -38.80 -0.96
N LYS C 414 -6.54 -39.78 -0.08
CA LYS C 414 -7.21 -41.09 -0.16
C LYS C 414 -6.65 -41.99 -1.26
N THR C 415 -5.47 -41.70 -1.81
CA THR C 415 -4.82 -42.56 -2.80
C THR C 415 -3.37 -42.88 -2.45
N ASP C 416 -2.92 -42.48 -1.27
CA ASP C 416 -1.55 -42.77 -0.85
C ASP C 416 -1.37 -44.27 -0.61
N ILE C 417 -0.26 -44.83 -1.07
CA ILE C 417 0.04 -46.23 -0.82
C ILE C 417 1.27 -46.40 0.06
N CYS C 418 1.82 -45.30 0.57
CA CYS C 418 3.04 -45.33 1.37
C CYS C 418 2.78 -45.06 2.85
N LEU C 419 1.52 -45.12 3.29
CA LEU C 419 1.24 -44.81 4.68
C LEU C 419 1.64 -45.93 5.64
N GLY C 420 1.99 -47.12 5.12
CA GLY C 420 2.43 -48.19 6.00
C GLY C 420 3.81 -47.94 6.58
N TYR C 421 4.67 -47.23 5.86
CA TYR C 421 6.07 -47.09 6.26
C TYR C 421 6.29 -46.19 7.49
N PRO C 422 5.79 -44.96 7.53
CA PRO C 422 6.25 -44.03 8.58
C PRO C 422 5.58 -44.26 9.93
N GLU C 423 6.22 -43.70 10.97
CA GLU C 423 5.65 -43.74 12.31
C GLU C 423 4.46 -42.79 12.46
N VAL C 424 4.47 -41.67 11.75
CA VAL C 424 3.41 -40.68 11.84
C VAL C 424 2.84 -40.46 10.44
N VAL C 425 1.52 -40.42 10.35
CA VAL C 425 0.82 -40.04 9.11
C VAL C 425 0.61 -38.53 9.11
N SER C 426 0.93 -37.88 7.98
CA SER C 426 0.87 -36.43 7.90
C SER C 426 0.25 -35.99 6.57
N TYR C 427 -0.65 -35.01 6.64
CA TYR C 427 -1.39 -34.55 5.48
C TYR C 427 -1.38 -33.03 5.32
N ASN C 428 -1.28 -32.59 4.08
CA ASN C 428 -1.48 -31.19 3.70
C ASN C 428 -2.86 -31.04 3.06
N ILE C 429 -3.70 -30.19 3.64
CA ILE C 429 -5.06 -29.96 3.17
C ILE C 429 -5.35 -28.45 3.13
N TYR C 430 -6.15 -28.04 2.16
CA TYR C 430 -6.54 -26.63 2.04
C TYR C 430 -8.03 -26.44 1.80
N PRO C 431 -8.90 -27.01 2.64
CA PRO C 431 -10.31 -26.65 2.58
C PRO C 431 -10.47 -25.22 3.05
N LYS C 432 -11.35 -24.48 2.36
CA LYS C 432 -11.63 -23.05 2.48
C LYS C 432 -10.61 -22.19 1.74
N TRP C 433 -9.49 -22.74 1.27
CA TRP C 433 -8.69 -21.94 0.37
C TRP C 433 -8.85 -22.48 -1.06
N TYR C 434 -8.30 -23.66 -1.35
CA TYR C 434 -8.41 -24.21 -2.70
C TYR C 434 -9.75 -24.91 -2.95
N HIS C 435 -10.42 -25.43 -1.90
CA HIS C 435 -11.71 -26.12 -2.03
C HIS C 435 -12.71 -25.49 -1.08
N ASP C 436 -13.96 -25.39 -1.53
CA ASP C 436 -14.98 -24.75 -0.71
C ASP C 436 -15.78 -25.75 0.12
N VAL C 437 -15.10 -26.73 0.70
CA VAL C 437 -15.70 -27.76 1.53
C VAL C 437 -15.47 -27.32 2.97
N PRO C 438 -16.44 -27.50 3.87
CA PRO C 438 -16.21 -27.17 5.29
C PRO C 438 -15.02 -27.95 5.86
N VAL C 439 -14.20 -27.27 6.66
CA VAL C 439 -12.95 -27.90 7.10
C VAL C 439 -13.23 -29.17 7.88
N GLU C 440 -14.24 -29.14 8.75
CA GLU C 440 -14.57 -30.30 9.56
C GLU C 440 -14.94 -31.50 8.69
N ASP C 441 -15.78 -31.26 7.67
CA ASP C 441 -16.20 -32.34 6.78
C ASP C 441 -15.01 -32.94 6.04
N TYR C 442 -14.15 -32.08 5.51
CA TYR C 442 -13.00 -32.53 4.73
C TYR C 442 -12.03 -33.33 5.59
N LEU C 443 -11.74 -32.83 6.78
CA LEU C 443 -10.80 -33.49 7.67
C LEU C 443 -11.38 -34.81 8.20
N ASP C 444 -12.69 -34.84 8.47
CA ASP C 444 -13.29 -36.10 8.93
C ASP C 444 -13.22 -37.18 7.86
N GLU C 445 -13.53 -36.83 6.60
CA GLU C 445 -13.50 -37.83 5.54
C GLU C 445 -12.10 -38.40 5.36
N LEU C 446 -11.09 -37.54 5.30
CA LEU C 446 -9.72 -38.02 5.20
C LEU C 446 -9.35 -38.89 6.40
N TYR C 447 -9.70 -38.44 7.61
CA TYR C 447 -9.27 -39.18 8.78
C TYR C 447 -9.93 -40.56 8.87
N GLN C 448 -11.22 -40.65 8.55
CA GLN C 448 -11.87 -41.96 8.51
C GLN C 448 -11.21 -42.87 7.49
N TRP C 449 -10.89 -42.33 6.31
CA TRP C 449 -10.24 -43.13 5.28
C TRP C 449 -8.90 -43.68 5.75
N ILE C 450 -8.10 -42.86 6.45
CA ILE C 450 -6.82 -43.35 6.98
C ILE C 450 -7.05 -44.43 8.02
N GLN C 451 -8.06 -44.25 8.87
CA GLN C 451 -8.28 -45.24 9.93
C GLN C 451 -8.88 -46.52 9.38
N ASN C 452 -9.74 -46.43 8.36
CA ASN C 452 -10.49 -47.59 7.89
C ASN C 452 -9.90 -48.24 6.64
N GLU C 453 -9.26 -47.48 5.76
CA GLU C 453 -8.86 -48.02 4.45
C GLU C 453 -7.35 -47.95 4.18
N SER C 454 -6.52 -47.70 5.17
CA SER C 454 -5.10 -47.53 4.89
C SER C 454 -4.27 -48.19 5.98
N GLU C 455 -3.03 -48.51 5.62
CA GLU C 455 -2.04 -49.03 6.55
C GLU C 455 -1.51 -47.96 7.48
N GLY C 456 -1.99 -46.73 7.34
CA GLY C 456 -1.71 -45.71 8.33
C GLY C 456 -2.58 -45.77 9.56
N THR C 457 -3.56 -46.67 9.59
CA THR C 457 -4.52 -46.76 10.69
C THR C 457 -3.81 -46.88 12.04
N GLY C 458 -4.41 -46.27 13.05
CA GLY C 458 -3.90 -46.36 14.40
C GLY C 458 -2.65 -45.56 14.69
N LYS C 459 -2.05 -44.90 13.70
CA LYS C 459 -0.82 -44.18 14.00
C LYS C 459 -1.11 -42.72 14.33
N PRO C 460 -0.19 -42.01 14.98
CA PRO C 460 -0.41 -40.58 15.24
C PRO C 460 -0.53 -39.84 13.92
N PHE C 461 -1.25 -38.72 13.96
CA PHE C 461 -1.71 -38.03 12.75
C PHE C 461 -1.51 -36.53 12.91
N LEU C 462 -0.90 -35.90 11.91
CA LEU C 462 -0.64 -34.47 11.92
C LEU C 462 -1.17 -33.83 10.64
N ILE C 463 -1.73 -32.63 10.76
CA ILE C 463 -1.97 -31.79 9.60
C ILE C 463 -0.69 -30.97 9.44
N THR C 464 0.15 -31.38 8.49
CA THR C 464 1.43 -30.72 8.29
C THR C 464 1.32 -29.45 7.45
N GLU C 465 0.15 -29.16 6.88
CA GLU C 465 -0.07 -27.91 6.17
C GLU C 465 -1.55 -27.57 6.15
N ILE C 466 -1.88 -26.36 6.59
CA ILE C 466 -3.18 -25.76 6.35
C ILE C 466 -2.99 -24.25 6.46
N GLY C 467 -3.83 -23.50 5.77
CA GLY C 467 -3.71 -22.06 5.80
C GLY C 467 -4.49 -21.45 4.63
N ALA C 468 -4.23 -20.17 4.41
CA ALA C 468 -4.90 -19.42 3.36
C ALA C 468 -4.03 -18.24 2.92
N GLY C 469 -4.20 -17.84 1.66
CA GLY C 469 -3.48 -16.68 1.17
C GLY C 469 -4.18 -15.38 1.51
N ALA C 470 -3.38 -14.30 1.48
CA ALA C 470 -3.87 -12.94 1.69
C ALA C 470 -2.75 -12.02 1.27
N ILE C 471 -3.07 -10.99 0.49
CA ILE C 471 -2.09 -9.96 0.12
C ILE C 471 -2.16 -8.87 1.18
N TYR C 472 -1.08 -8.70 1.92
CA TYR C 472 -1.02 -7.65 2.94
C TYR C 472 -1.37 -6.33 2.30
N GLY C 473 -2.26 -5.59 2.96
CA GLY C 473 -2.77 -4.37 2.44
C GLY C 473 -4.13 -4.49 1.80
N TYR C 474 -4.43 -5.61 1.14
CA TYR C 474 -5.71 -5.71 0.44
C TYR C 474 -6.78 -6.10 1.45
N ARG C 475 -7.71 -5.18 1.68
CA ARG C 475 -8.80 -5.33 2.63
C ARG C 475 -10.06 -4.79 1.97
N THR C 476 -11.18 -5.50 2.11
CA THR C 476 -12.44 -5.06 1.53
C THR C 476 -13.60 -5.63 2.34
N PRO C 477 -14.70 -4.89 2.48
CA PRO C 477 -15.87 -5.44 3.18
C PRO C 477 -16.49 -6.66 2.49
N ALA C 478 -16.19 -6.87 1.20
CA ALA C 478 -16.67 -8.05 0.50
C ALA C 478 -16.02 -9.34 0.99
N HIS C 479 -14.91 -9.25 1.74
CA HIS C 479 -14.21 -10.42 2.26
C HIS C 479 -13.82 -11.43 1.18
N VAL C 480 -13.52 -10.96 -0.04
CA VAL C 480 -13.16 -11.90 -1.12
C VAL C 480 -11.84 -12.60 -0.80
N LYS C 481 -11.59 -13.71 -1.51
CA LYS C 481 -10.32 -14.41 -1.35
C LYS C 481 -9.16 -13.51 -1.80
N TRP C 482 -8.03 -13.64 -1.11
CA TRP C 482 -6.81 -12.84 -1.13
C TRP C 482 -6.92 -11.61 -0.23
N SER C 483 -8.11 -11.26 0.25
CA SER C 483 -8.23 -10.18 1.22
C SER C 483 -7.82 -10.67 2.60
N GLU C 484 -7.25 -9.76 3.39
CA GLU C 484 -6.87 -10.08 4.76
C GLU C 484 -8.06 -10.58 5.57
N GLU C 485 -9.23 -9.94 5.40
CA GLU C 485 -10.41 -10.36 6.15
C GLU C 485 -10.78 -11.82 5.87
N TYR C 486 -10.70 -12.25 4.60
CA TYR C 486 -11.01 -13.64 4.33
C TYR C 486 -9.99 -14.59 4.97
N GLN C 487 -8.70 -14.20 5.04
CA GLN C 487 -7.72 -15.10 5.65
C GLN C 487 -8.05 -15.35 7.11
N VAL C 488 -8.49 -14.31 7.82
CA VAL C 488 -8.95 -14.44 9.20
C VAL C 488 -10.03 -15.51 9.34
N GLN C 489 -11.08 -15.41 8.52
CA GLN C 489 -12.18 -16.39 8.56
C GLN C 489 -11.66 -17.79 8.33
N ALA C 490 -10.84 -17.97 7.29
CA ALA C 490 -10.36 -19.28 6.90
C ALA C 490 -9.56 -19.94 8.02
N LEU C 491 -8.55 -19.21 8.55
CA LEU C 491 -7.70 -19.76 9.62
C LEU C 491 -8.50 -20.09 10.88
N LYS C 492 -9.42 -19.19 11.28
CA LYS C 492 -10.25 -19.43 12.45
C LYS C 492 -10.98 -20.76 12.34
N GLU C 493 -11.58 -21.04 11.18
CA GLU C 493 -12.25 -22.33 11.00
C GLU C 493 -11.26 -23.48 10.90
N GLN C 494 -10.14 -23.26 10.20
CA GLN C 494 -9.17 -24.34 10.02
C GLN C 494 -8.57 -24.79 11.35
N LEU C 495 -8.16 -23.83 12.20
CA LEU C 495 -7.58 -24.20 13.47
C LEU C 495 -8.63 -24.81 14.40
N GLN C 496 -9.86 -24.30 14.34
CA GLN C 496 -10.94 -24.89 15.11
C GLN C 496 -11.11 -26.36 14.76
N ALA C 497 -11.00 -26.70 13.48
CA ALA C 497 -11.23 -28.07 13.05
C ALA C 497 -10.08 -29.00 13.43
N VAL C 498 -8.82 -28.58 13.22
CA VAL C 498 -7.72 -29.51 13.51
C VAL C 498 -7.65 -29.79 15.01
N PHE C 499 -7.82 -28.75 15.83
CA PHE C 499 -7.76 -28.95 17.26
C PHE C 499 -8.98 -29.67 17.82
N SER C 500 -10.07 -29.80 17.06
CA SER C 500 -11.24 -30.59 17.44
C SER C 500 -11.23 -32.00 16.88
N ARG C 501 -10.24 -32.37 16.07
CA ARG C 501 -10.21 -33.67 15.39
C ARG C 501 -9.60 -34.70 16.33
N GLU C 502 -10.43 -35.55 16.91
CA GLU C 502 -9.91 -36.64 17.73
C GLU C 502 -8.96 -37.50 16.91
N GLY C 503 -7.79 -37.81 17.48
CA GLY C 503 -6.75 -38.54 16.80
C GLY C 503 -5.67 -37.69 16.17
N CYS C 504 -5.85 -36.36 16.12
CA CYS C 504 -4.89 -35.46 15.51
C CYS C 504 -4.01 -34.84 16.57
N SER C 505 -2.69 -34.92 16.37
CA SER C 505 -1.72 -34.43 17.36
C SER C 505 -1.39 -32.94 17.20
N GLY C 506 -1.92 -32.27 16.19
CA GLY C 506 -1.70 -30.86 16.05
C GLY C 506 -1.48 -30.51 14.59
N VAL C 507 -0.88 -29.35 14.36
CA VAL C 507 -0.89 -28.73 13.04
C VAL C 507 0.37 -27.88 12.86
N TYR C 508 0.84 -27.80 11.63
CA TYR C 508 1.74 -26.76 11.16
C TYR C 508 0.94 -25.88 10.21
N ILE C 509 0.83 -24.59 10.54
CA ILE C 509 0.20 -23.64 9.63
C ILE C 509 1.12 -23.40 8.44
N TRP C 510 0.56 -23.47 7.23
CA TRP C 510 1.25 -22.94 6.06
C TRP C 510 0.72 -21.53 5.81
N GLN C 511 1.58 -20.52 6.00
CA GLN C 511 2.93 -20.67 6.55
C GLN C 511 3.26 -19.40 7.35
N PHE C 512 4.48 -19.37 7.91
CA PHE C 512 4.85 -18.26 8.78
C PHE C 512 4.86 -16.93 8.02
N CYS C 513 5.62 -16.86 6.93
CA CYS C 513 5.79 -15.61 6.20
C CYS C 513 5.63 -15.86 4.71
N ASP C 514 5.38 -14.76 3.98
CA ASP C 514 5.34 -14.83 2.52
C ASP C 514 6.73 -15.09 1.95
N VAL C 515 6.77 -15.80 0.81
CA VAL C 515 8.00 -16.35 0.24
C VAL C 515 8.09 -16.03 -1.25
N ARG C 516 9.27 -15.62 -1.71
CA ARG C 516 9.53 -15.50 -3.15
C ARG C 516 9.52 -16.88 -3.80
N VAL C 517 8.88 -16.97 -4.96
CA VAL C 517 8.73 -18.22 -5.69
C VAL C 517 9.32 -18.04 -7.08
N CYS C 518 9.47 -19.14 -7.82
CA CYS C 518 10.00 -19.06 -9.17
C CYS C 518 9.01 -18.36 -10.11
N ASP C 519 9.54 -17.78 -11.19
CA ASP C 519 8.73 -17.00 -12.12
C ASP C 519 7.66 -17.84 -12.80
N SER C 520 7.95 -19.11 -13.07
CA SER C 520 6.95 -19.93 -13.79
C SER C 520 5.67 -20.11 -12.98
N TRP C 521 5.69 -19.89 -11.67
CA TRP C 521 4.51 -20.06 -10.82
C TRP C 521 3.64 -18.81 -10.72
N PHE C 522 3.93 -17.77 -11.52
CA PHE C 522 3.27 -16.47 -11.36
C PHE C 522 1.75 -16.55 -11.58
N GLY C 523 1.26 -17.54 -12.34
CA GLY C 523 -0.15 -17.54 -12.70
C GLY C 523 -1.05 -17.73 -11.50
N SER C 524 -0.63 -18.55 -10.54
CA SER C 524 -1.37 -18.81 -9.32
C SER C 524 -0.72 -18.20 -8.10
N ARG C 525 0.22 -17.27 -8.27
CA ARG C 525 1.01 -16.72 -7.19
C ARG C 525 1.13 -15.22 -7.34
N PRO C 526 0.20 -14.47 -6.77
CA PRO C 526 0.29 -13.01 -6.85
C PRO C 526 1.63 -12.50 -6.32
N ARG C 527 2.19 -11.50 -7.03
CA ARG C 527 3.46 -10.85 -6.75
C ARG C 527 4.66 -11.77 -6.95
N THR C 528 4.47 -12.90 -7.62
CA THR C 528 5.50 -13.94 -7.71
C THR C 528 5.95 -14.30 -6.30
N MET C 529 4.97 -14.38 -5.40
CA MET C 529 5.16 -14.74 -4.01
C MET C 529 4.12 -15.77 -3.63
N ASN C 530 4.51 -16.67 -2.72
CA ASN C 530 3.52 -17.43 -1.96
C ASN C 530 3.01 -16.54 -0.83
N ASN C 531 1.69 -16.37 -0.77
CA ASN C 531 1.03 -15.31 -0.01
C ASN C 531 0.29 -15.81 1.22
N LYS C 532 0.60 -17.01 1.70
CA LYS C 532 -0.09 -17.59 2.84
C LYS C 532 0.63 -17.34 4.16
N GLY C 533 1.64 -16.47 4.19
CA GLY C 533 2.22 -16.06 5.45
C GLY C 533 1.17 -15.49 6.40
N ILE C 534 1.33 -15.80 7.70
CA ILE C 534 0.57 -15.09 8.73
C ILE C 534 1.16 -13.71 8.93
N VAL C 535 2.45 -13.59 8.67
CA VAL C 535 3.19 -12.35 8.59
C VAL C 535 3.62 -12.19 7.13
N ASP C 536 3.77 -10.96 6.65
CA ASP C 536 4.18 -10.83 5.24
C ASP C 536 5.70 -10.94 5.14
N GLU C 537 6.25 -10.76 3.93
CA GLU C 537 7.68 -11.00 3.72
C GLU C 537 8.55 -10.05 4.52
N TYR C 538 8.03 -8.88 4.88
CA TYR C 538 8.72 -7.94 5.74
C TYR C 538 8.40 -8.17 7.21
N ARG C 539 7.69 -9.26 7.53
CA ARG C 539 7.33 -9.64 8.89
C ARG C 539 6.27 -8.73 9.51
N ARG C 540 5.48 -8.07 8.68
CA ARG C 540 4.35 -7.30 9.18
C ARG C 540 3.16 -8.22 9.44
N PRO C 541 2.59 -8.20 10.65
CA PRO C 541 1.44 -9.09 10.95
C PRO C 541 0.21 -8.77 10.12
N LYS C 542 -0.31 -9.78 9.44
CA LYS C 542 -1.60 -9.64 8.79
C LYS C 542 -2.71 -9.72 9.83
N LEU C 543 -3.95 -9.43 9.38
CA LEU C 543 -5.11 -9.51 10.27
C LEU C 543 -5.20 -10.87 10.97
N ALA C 544 -4.93 -11.96 10.24
CA ALA C 544 -4.99 -13.32 10.76
C ALA C 544 -3.96 -13.62 11.86
N TYR C 545 -2.94 -12.78 12.02
CA TYR C 545 -2.01 -12.92 13.14
C TYR C 545 -2.75 -13.05 14.47
N GLU C 546 -3.73 -12.17 14.73
CA GLU C 546 -4.44 -12.21 15.99
C GLU C 546 -5.28 -13.48 16.14
N VAL C 547 -5.86 -13.97 15.02
CA VAL C 547 -6.66 -15.18 15.07
C VAL C 547 -5.79 -16.39 15.42
N VAL C 548 -4.61 -16.49 14.81
CA VAL C 548 -3.69 -17.59 15.13
C VAL C 548 -3.23 -17.50 16.57
N LYS C 549 -2.90 -16.29 17.01
CA LYS C 549 -2.41 -16.07 18.37
C LYS C 549 -3.47 -16.48 19.40
N ASP C 550 -4.73 -16.11 19.16
CA ASP C 550 -5.80 -16.52 20.07
C ASP C 550 -5.94 -18.04 20.13
N SER C 551 -5.84 -18.71 18.99
CA SER C 551 -5.94 -20.16 18.99
C SER C 551 -4.78 -20.80 19.75
N TYR C 552 -3.54 -20.50 19.35
CA TYR C 552 -2.39 -21.21 19.90
C TYR C 552 -2.18 -20.92 21.38
N ARG C 553 -2.44 -19.69 21.83
CA ARG C 553 -2.25 -19.37 23.24
C ARG C 553 -3.32 -19.99 24.13
N SER C 554 -4.45 -20.44 23.57
CA SER C 554 -5.51 -21.05 24.34
C SER C 554 -5.32 -22.55 24.54
N LEU C 555 -4.21 -23.12 24.05
CA LEU C 555 -3.90 -24.53 24.21
C LEU C 555 -2.47 -24.70 24.71
N GLY C 556 -2.23 -25.79 25.44
CA GLY C 556 -0.92 -26.10 25.96
C GLY C 556 -0.19 -27.11 25.10
N ASN C 557 1.09 -27.28 25.41
CA ASN C 557 1.93 -28.22 24.67
C ASN C 557 1.50 -29.66 24.83
N TYR C 558 0.68 -29.97 25.83
CA TYR C 558 0.37 -31.34 26.16
C TYR C 558 -1.14 -31.49 26.23
N PHE C 559 -1.61 -32.72 25.96
CA PHE C 559 -3.02 -33.06 25.97
C PHE C 559 -3.60 -33.30 27.37
N MET D 1 -30.65 11.41 -15.06
CA MET D 1 -30.11 11.47 -16.40
C MET D 1 -30.14 10.11 -17.15
N ILE D 2 -30.62 10.14 -18.39
CA ILE D 2 -30.76 8.96 -19.24
C ILE D 2 -29.86 9.06 -20.48
N ARG D 3 -29.90 10.22 -21.15
CA ARG D 3 -29.11 10.57 -22.33
C ARG D 3 -28.50 11.96 -22.12
N THR D 4 -27.51 12.32 -22.95
CA THR D 4 -26.98 13.67 -22.89
C THR D 4 -27.95 14.72 -23.47
N PHE D 5 -29.12 14.29 -23.92
CA PHE D 5 -30.02 15.14 -24.67
C PHE D 5 -31.43 14.61 -24.45
N GLU D 6 -32.40 15.48 -24.67
CA GLU D 6 -33.81 15.10 -24.52
C GLU D 6 -34.23 14.33 -25.75
N THR D 7 -34.82 13.16 -25.53
CA THR D 7 -35.38 12.34 -26.60
C THR D 7 -36.85 12.65 -26.88
N HIS D 8 -37.47 13.53 -26.10
CA HIS D 8 -38.89 13.81 -26.27
C HIS D 8 -39.21 15.25 -25.91
N LYS D 9 -39.98 15.89 -26.77
CA LYS D 9 -40.62 17.16 -26.48
C LYS D 9 -42.13 17.02 -26.40
N ILE D 10 -42.72 16.17 -27.23
CA ILE D 10 -44.17 15.99 -27.23
C ILE D 10 -44.60 14.94 -26.21
N ARG D 11 -43.95 13.78 -26.21
CA ARG D 11 -44.32 12.71 -25.28
C ARG D 11 -44.06 13.10 -23.83
N LYS D 12 -45.01 12.77 -22.96
CA LYS D 12 -44.92 13.05 -21.52
C LYS D 12 -44.10 11.95 -20.87
N THR D 13 -42.91 12.29 -20.41
CA THR D 13 -42.00 11.30 -19.83
C THR D 13 -41.53 11.81 -18.47
N ALA D 14 -41.18 10.89 -17.58
CA ALA D 14 -40.63 11.27 -16.29
C ALA D 14 -39.65 10.19 -15.88
N GLU D 15 -38.43 10.61 -15.53
CA GLU D 15 -37.48 9.64 -14.97
C GLU D 15 -37.89 9.26 -13.56
N LEU D 16 -38.01 7.94 -13.32
CA LEU D 16 -38.30 7.39 -12.00
C LEU D 16 -37.05 6.89 -11.29
N SER D 17 -35.93 6.81 -11.98
CA SER D 17 -34.64 6.59 -11.37
C SER D 17 -34.08 7.95 -10.96
N SER D 18 -32.77 8.03 -10.67
CA SER D 18 -32.19 9.16 -9.95
C SER D 18 -33.01 9.43 -8.69
N ALA D 19 -33.26 8.37 -7.92
CA ALA D 19 -34.13 8.44 -6.76
C ALA D 19 -33.79 7.31 -5.81
N LEU D 20 -34.30 7.42 -4.59
CA LEU D 20 -34.26 6.33 -3.62
C LEU D 20 -35.50 5.47 -3.79
N TRP D 21 -35.30 4.16 -3.95
CA TRP D 21 -36.41 3.21 -3.89
C TRP D 21 -36.33 2.44 -2.58
N ASN D 22 -37.38 1.69 -2.30
CA ASN D 22 -37.32 0.76 -1.19
C ASN D 22 -36.74 -0.55 -1.70
N PHE D 23 -35.89 -1.16 -0.89
CA PHE D 23 -35.09 -2.29 -1.32
C PHE D 23 -35.07 -3.33 -0.20
N HIS D 24 -35.33 -4.58 -0.54
CA HIS D 24 -35.14 -5.66 0.40
C HIS D 24 -34.87 -6.94 -0.37
N THR D 25 -33.95 -7.73 0.17
CA THR D 25 -33.72 -9.07 -0.35
C THR D 25 -34.94 -9.94 -0.12
N ILE D 26 -35.07 -10.97 -0.95
CA ILE D 26 -36.17 -11.93 -0.87
C ILE D 26 -35.60 -13.33 -1.01
N GLY D 27 -36.33 -14.30 -0.47
CA GLY D 27 -35.91 -15.67 -0.66
C GLY D 27 -34.72 -16.10 0.16
N THR D 28 -34.26 -15.28 1.09
CA THR D 28 -33.25 -15.69 2.05
C THR D 28 -33.93 -16.25 3.31
N GLN D 29 -33.12 -16.78 4.20
CA GLN D 29 -33.59 -17.20 5.50
C GLN D 29 -33.04 -16.26 6.57
N GLY D 30 -32.97 -14.98 6.24
CA GLY D 30 -32.46 -13.97 7.13
C GLY D 30 -33.43 -12.83 7.37
N GLU D 31 -32.94 -11.75 7.98
CA GLU D 31 -33.75 -10.57 8.14
C GLU D 31 -33.81 -9.83 6.81
N GLU D 32 -35.01 -9.60 6.31
CA GLU D 32 -35.14 -8.98 5.00
C GLU D 32 -35.69 -7.57 5.18
N ALA D 33 -34.93 -6.76 5.93
CA ALA D 33 -35.33 -5.40 6.28
C ALA D 33 -35.34 -4.48 5.07
N VAL D 34 -36.25 -3.52 5.09
CA VAL D 34 -36.44 -2.57 3.99
C VAL D 34 -35.57 -1.35 4.24
N ILE D 35 -34.68 -1.06 3.31
CA ILE D 35 -33.85 0.14 3.35
C ILE D 35 -34.13 0.96 2.10
N GLN D 36 -33.70 2.21 2.16
CA GLN D 36 -33.75 3.09 1.00
C GLN D 36 -32.46 2.94 0.21
N ALA D 37 -32.60 2.76 -1.10
CA ALA D 37 -31.44 2.45 -1.90
C ALA D 37 -31.50 3.19 -3.23
N PRO D 38 -30.35 3.58 -3.77
CA PRO D 38 -30.35 4.41 -4.99
C PRO D 38 -30.65 3.61 -6.24
N VAL D 39 -31.42 4.23 -7.13
CA VAL D 39 -31.61 3.75 -8.48
C VAL D 39 -31.19 4.87 -9.40
N PRO D 40 -30.25 4.65 -10.35
CA PRO D 40 -29.56 3.36 -10.53
C PRO D 40 -28.58 3.02 -9.41
N GLY D 41 -28.22 1.74 -9.35
CA GLY D 41 -27.25 1.26 -8.38
C GLY D 41 -27.13 -0.24 -8.47
N CYS D 42 -26.09 -0.76 -7.83
CA CYS D 42 -25.91 -2.19 -7.66
C CYS D 42 -25.89 -2.49 -6.18
N TRP D 43 -26.57 -3.56 -5.77
CA TRP D 43 -26.65 -3.83 -4.34
C TRP D 43 -25.34 -4.33 -3.76
N GLU D 44 -24.38 -4.75 -4.58
CA GLU D 44 -23.05 -5.07 -4.06
C GLU D 44 -22.38 -3.84 -3.48
N ASN D 45 -22.84 -2.63 -3.83
CA ASN D 45 -22.31 -1.39 -3.28
C ASN D 45 -23.05 -0.92 -2.05
N TYR D 46 -24.20 -1.61 -1.66
CA TYR D 46 -24.89 -1.25 -0.43
C TYR D 46 -24.24 -2.02 0.72
N PRO D 47 -23.91 -1.37 1.83
CA PRO D 47 -23.13 -2.07 2.89
C PRO D 47 -23.69 -3.43 3.34
N ASP D 48 -25.01 -3.62 3.43
CA ASP D 48 -25.55 -4.88 3.92
C ASP D 48 -25.55 -5.99 2.87
N THR D 49 -25.38 -5.69 1.57
CA THR D 49 -25.53 -6.70 0.53
C THR D 49 -24.28 -6.80 -0.34
N VAL D 50 -23.12 -6.46 0.23
CA VAL D 50 -21.88 -6.29 -0.53
C VAL D 50 -21.47 -7.57 -1.24
N SER D 51 -21.78 -8.74 -0.70
CA SER D 51 -21.56 -9.98 -1.43
C SER D 51 -22.81 -10.83 -1.50
N TYR D 52 -23.98 -10.21 -1.73
CA TYR D 52 -25.23 -10.94 -1.85
C TYR D 52 -25.44 -11.40 -3.28
N ARG D 53 -25.76 -12.68 -3.46
CA ARG D 53 -26.17 -13.20 -4.76
C ARG D 53 -27.50 -13.90 -4.58
N GLY D 54 -28.47 -13.55 -5.42
CA GLY D 54 -29.84 -14.04 -5.32
C GLY D 54 -30.82 -12.97 -5.80
N GLN D 55 -32.02 -13.00 -5.23
CA GLN D 55 -33.10 -12.10 -5.63
C GLN D 55 -33.26 -10.97 -4.63
N ALA D 56 -33.72 -9.82 -5.12
CA ALA D 56 -34.10 -8.71 -4.26
C ALA D 56 -35.16 -7.89 -4.96
N SER D 57 -35.86 -7.04 -4.21
CA SER D 57 -36.99 -6.28 -4.71
C SER D 57 -36.76 -4.79 -4.58
N TYR D 58 -37.03 -4.06 -5.65
CA TYR D 58 -37.03 -2.60 -5.66
C TYR D 58 -38.46 -2.13 -5.84
N SER D 59 -38.87 -1.13 -5.06
CA SER D 59 -40.24 -0.66 -5.22
C SER D 59 -40.34 0.83 -4.95
N ARG D 60 -41.30 1.45 -5.62
CA ARG D 60 -41.61 2.86 -5.45
C ARG D 60 -42.98 3.08 -6.09
N GLU D 61 -43.50 4.28 -5.90
CA GLU D 61 -44.80 4.64 -6.45
C GLU D 61 -44.63 5.58 -7.63
N PHE D 62 -45.64 5.61 -8.48
CA PHE D 62 -45.72 6.61 -9.54
C PHE D 62 -47.17 6.97 -9.76
N GLU D 63 -47.38 8.10 -10.42
CA GLU D 63 -48.71 8.57 -10.79
C GLU D 63 -48.82 8.59 -12.30
N ALA D 64 -49.88 8.00 -12.83
CA ALA D 64 -50.09 7.96 -14.27
C ALA D 64 -51.53 7.55 -14.54
N LYS D 65 -51.93 7.69 -15.80
CA LYS D 65 -53.28 7.43 -16.25
C LYS D 65 -53.26 6.95 -17.69
N GLY D 66 -54.14 6.00 -18.01
CA GLY D 66 -54.32 5.57 -19.38
C GLY D 66 -53.19 4.72 -19.89
N ASN D 67 -52.82 4.91 -21.16
CA ASN D 67 -51.73 4.16 -21.77
C ASN D 67 -50.39 4.65 -21.24
N ILE D 68 -49.60 3.74 -20.65
CA ILE D 68 -48.29 4.12 -20.15
C ILE D 68 -47.23 3.17 -20.68
N ARG D 69 -46.00 3.67 -20.74
CA ARG D 69 -44.85 2.86 -21.05
C ARG D 69 -43.82 3.03 -19.95
N LEU D 70 -43.33 1.92 -19.42
CA LEU D 70 -42.24 1.93 -18.47
C LEU D 70 -41.02 1.38 -19.18
N GLU D 71 -39.95 2.18 -19.27
CA GLU D 71 -38.74 1.73 -19.93
C GLU D 71 -37.65 1.49 -18.89
N PHE D 72 -36.96 0.36 -19.03
CA PHE D 72 -35.89 -0.03 -18.12
C PHE D 72 -34.59 -0.12 -18.92
N LYS D 73 -33.67 0.83 -18.68
CA LYS D 73 -32.43 0.80 -19.44
C LYS D 73 -31.51 -0.32 -18.99
N GLY D 74 -31.66 -0.82 -17.76
CA GLY D 74 -30.88 -1.96 -17.37
C GLY D 74 -31.21 -2.49 -16.00
N VAL D 75 -31.53 -3.79 -15.91
CA VAL D 75 -31.70 -4.51 -14.66
C VAL D 75 -30.78 -5.71 -14.64
N SER D 76 -29.95 -5.82 -13.59
CA SER D 76 -28.91 -6.85 -13.48
C SER D 76 -29.41 -8.04 -12.67
N HIS D 77 -29.49 -9.23 -13.28
CA HIS D 77 -29.45 -9.45 -14.72
C HIS D 77 -30.78 -10.04 -15.21
N THR D 78 -31.64 -10.44 -14.27
CA THR D 78 -32.96 -10.97 -14.58
C THR D 78 -34.02 -10.19 -13.80
N ALA D 79 -35.01 -9.65 -14.53
CA ALA D 79 -36.03 -8.77 -13.96
C ALA D 79 -37.42 -9.41 -14.04
N SER D 80 -38.24 -9.11 -13.03
CA SER D 80 -39.70 -9.27 -13.06
C SER D 80 -40.33 -7.96 -12.64
N VAL D 81 -41.18 -7.40 -13.49
CA VAL D 81 -41.81 -6.11 -13.22
C VAL D 81 -43.26 -6.34 -12.79
N LEU D 82 -43.68 -5.65 -11.72
CA LEU D 82 -45.04 -5.74 -11.26
C LEU D 82 -45.56 -4.33 -11.03
N VAL D 83 -46.76 -4.06 -11.55
CA VAL D 83 -47.49 -2.82 -11.31
C VAL D 83 -48.76 -3.16 -10.55
N ASP D 84 -49.00 -2.46 -9.45
CA ASP D 84 -50.18 -2.67 -8.60
C ASP D 84 -50.34 -4.14 -8.22
N GLY D 85 -49.21 -4.85 -8.10
CA GLY D 85 -49.22 -6.25 -7.72
C GLY D 85 -49.37 -7.26 -8.84
N LYS D 86 -49.54 -6.81 -10.10
CA LYS D 86 -49.71 -7.83 -11.13
C LYS D 86 -48.43 -8.01 -11.94
N PRO D 87 -48.03 -9.25 -12.24
CA PRO D 87 -46.88 -9.46 -13.12
C PRO D 87 -47.16 -8.85 -14.47
N VAL D 88 -46.17 -8.18 -15.02
CA VAL D 88 -46.46 -7.26 -16.11
C VAL D 88 -45.35 -7.33 -17.16
N GLY D 89 -44.16 -7.76 -16.75
CA GLY D 89 -43.05 -7.94 -17.69
C GLY D 89 -41.88 -8.63 -17.03
N SER D 90 -41.03 -9.23 -17.87
CA SER D 90 -39.82 -9.96 -17.48
C SER D 90 -38.70 -9.64 -18.47
N HIS D 91 -37.46 -9.86 -18.04
CA HIS D 91 -36.33 -9.62 -18.92
C HIS D 91 -35.09 -10.36 -18.42
N TYR D 92 -34.23 -10.74 -19.36
CA TYR D 92 -32.92 -11.31 -19.10
C TYR D 92 -31.85 -10.54 -19.85
N ASN D 93 -30.66 -10.43 -19.23
CA ASN D 93 -29.42 -9.78 -19.69
C ASN D 93 -29.30 -8.41 -19.05
N ALA D 94 -28.19 -8.16 -18.34
CA ALA D 94 -28.05 -6.96 -17.52
C ALA D 94 -27.84 -5.71 -18.36
N TYR D 95 -27.48 -5.85 -19.63
CA TYR D 95 -26.86 -4.78 -20.40
C TYR D 95 -27.70 -4.32 -21.57
N THR D 96 -28.94 -4.79 -21.71
CA THR D 96 -29.74 -4.17 -22.76
C THR D 96 -31.03 -3.59 -22.19
N PRO D 97 -31.57 -2.55 -22.82
CA PRO D 97 -32.82 -1.96 -22.36
C PRO D 97 -34.04 -2.71 -22.85
N PHE D 98 -35.09 -2.69 -22.03
CA PHE D 98 -36.40 -3.23 -22.40
C PHE D 98 -37.49 -2.31 -21.86
N ASP D 99 -38.72 -2.52 -22.30
CA ASP D 99 -39.83 -1.70 -21.83
C ASP D 99 -41.02 -2.58 -21.51
N VAL D 100 -42.07 -1.92 -21.00
CA VAL D 100 -43.32 -2.56 -20.64
C VAL D 100 -44.45 -1.60 -20.98
N VAL D 101 -45.48 -2.09 -21.67
CA VAL D 101 -46.59 -1.25 -22.14
C VAL D 101 -47.87 -1.69 -21.45
N LEU D 102 -48.54 -0.73 -20.81
CA LEU D 102 -49.80 -0.97 -20.11
C LEU D 102 -50.89 -0.10 -20.70
N LYS D 103 -52.00 -0.72 -21.08
CA LYS D 103 -53.13 -0.02 -21.69
C LYS D 103 -54.13 0.39 -20.63
N ASP D 104 -54.53 1.67 -20.66
CA ASP D 104 -55.69 2.20 -19.96
C ASP D 104 -55.74 1.78 -18.49
N ILE D 105 -54.78 2.31 -17.73
CA ILE D 105 -54.71 2.09 -16.30
C ILE D 105 -55.55 3.14 -15.59
N ARG D 106 -56.12 2.77 -14.44
CA ARG D 106 -56.89 3.71 -13.64
C ARG D 106 -56.03 4.91 -13.26
N PRO D 107 -56.61 6.10 -13.17
CA PRO D 107 -55.83 7.26 -12.72
C PRO D 107 -55.33 7.09 -11.28
N GLY D 108 -54.35 7.91 -10.92
CA GLY D 108 -53.89 8.01 -9.55
C GLY D 108 -52.53 7.38 -9.31
N ILE D 109 -52.30 7.01 -8.04
CA ILE D 109 -51.01 6.49 -7.58
C ILE D 109 -50.96 5.00 -7.87
N HIS D 110 -49.83 4.54 -8.40
CA HIS D 110 -49.61 3.14 -8.70
C HIS D 110 -48.35 2.65 -8.01
N GLN D 111 -48.31 1.34 -7.74
CA GLN D 111 -47.16 0.71 -7.12
C GLN D 111 -46.33 0.01 -8.20
N LEU D 112 -45.03 0.31 -8.23
CA LEU D 112 -44.08 -0.35 -9.14
C LEU D 112 -43.09 -1.18 -8.33
N GLU D 113 -42.91 -2.44 -8.72
CA GLU D 113 -41.95 -3.31 -8.08
C GLU D 113 -41.13 -4.05 -9.14
N VAL D 114 -39.82 -4.10 -8.94
CA VAL D 114 -38.89 -4.83 -9.80
C VAL D 114 -38.18 -5.86 -8.92
N ILE D 115 -38.40 -7.13 -9.22
CA ILE D 115 -37.53 -8.18 -8.67
C ILE D 115 -36.32 -8.28 -9.58
N ALA D 116 -35.14 -8.06 -9.02
CA ALA D 116 -33.91 -8.23 -9.76
C ALA D 116 -33.17 -9.45 -9.20
N ASP D 117 -32.46 -10.14 -10.08
CA ASP D 117 -31.88 -11.44 -9.76
C ASP D 117 -30.56 -11.56 -10.49
N ASN D 118 -29.50 -11.89 -9.74
CA ASN D 118 -28.16 -12.10 -10.31
C ASN D 118 -27.65 -13.49 -10.00
N SER D 119 -28.55 -14.44 -9.76
CA SER D 119 -28.17 -15.82 -9.50
C SER D 119 -27.55 -16.45 -10.74
N PHE D 120 -26.56 -17.31 -10.52
CA PHE D 120 -26.10 -18.21 -11.57
C PHE D 120 -26.87 -19.52 -11.49
N GLY D 121 -27.00 -20.19 -12.64
CA GLY D 121 -27.79 -21.39 -12.74
C GLY D 121 -28.20 -21.68 -14.18
N PRO D 122 -28.96 -22.78 -14.38
CA PRO D 122 -29.20 -23.27 -15.75
C PRO D 122 -30.04 -22.35 -16.62
N ASP D 123 -30.87 -21.47 -16.03
CA ASP D 123 -31.65 -20.51 -16.81
C ASP D 123 -30.84 -19.37 -17.39
N SER D 124 -29.60 -19.18 -16.93
CA SER D 124 -28.77 -18.04 -17.34
C SER D 124 -27.58 -18.58 -18.14
N ALA D 125 -27.61 -18.38 -19.45
CA ALA D 125 -26.55 -18.87 -20.33
C ALA D 125 -25.48 -17.84 -20.63
N LEU D 126 -25.79 -16.54 -20.50
CA LEU D 126 -24.81 -15.48 -20.70
C LEU D 126 -24.12 -15.09 -19.40
N HIS D 127 -24.90 -14.76 -18.36
CA HIS D 127 -24.39 -14.46 -17.02
C HIS D 127 -24.02 -15.75 -16.28
N VAL D 128 -22.72 -15.99 -16.17
CA VAL D 128 -22.17 -17.21 -15.57
C VAL D 128 -20.97 -16.81 -14.73
N PRO D 129 -20.51 -17.71 -13.81
CA PRO D 129 -19.24 -17.42 -13.13
C PRO D 129 -18.17 -17.18 -14.18
N ASN D 130 -17.51 -16.02 -14.13
CA ASN D 130 -16.72 -15.56 -15.25
C ASN D 130 -15.69 -14.54 -14.74
N ASP D 131 -14.89 -14.00 -15.68
CA ASP D 131 -13.81 -13.06 -15.36
C ASP D 131 -14.28 -11.61 -15.32
N TYR D 132 -15.48 -11.40 -14.81
CA TYR D 132 -16.06 -10.09 -14.53
C TYR D 132 -17.29 -10.37 -13.70
N GLN D 133 -17.73 -9.36 -12.96
CA GLN D 133 -18.80 -9.56 -11.99
C GLN D 133 -20.16 -9.45 -12.67
N SER D 134 -21.09 -10.32 -12.26
CA SER D 134 -22.51 -10.15 -12.60
C SER D 134 -23.18 -9.49 -11.40
N TYR D 135 -23.44 -8.19 -11.51
CA TYR D 135 -23.99 -7.46 -10.39
C TYR D 135 -25.49 -7.72 -10.27
N GLY D 136 -26.09 -7.19 -9.22
CA GLY D 136 -27.54 -7.22 -9.05
C GLY D 136 -28.09 -5.84 -8.82
N GLY D 137 -29.21 -5.55 -9.46
CA GLY D 137 -29.96 -4.33 -9.17
C GLY D 137 -30.45 -3.64 -10.41
N ILE D 138 -31.07 -2.49 -10.20
CA ILE D 138 -31.54 -1.65 -11.31
C ILE D 138 -30.35 -0.76 -11.67
N SER D 139 -29.48 -1.26 -12.55
CA SER D 139 -28.15 -0.66 -12.70
C SER D 139 -28.09 0.46 -13.72
N ARG D 140 -29.16 0.69 -14.47
CA ARG D 140 -29.32 1.88 -15.32
C ARG D 140 -30.72 2.44 -15.09
N GLY D 141 -31.07 3.51 -15.80
CA GLY D 141 -32.24 4.31 -15.45
C GLY D 141 -33.61 3.71 -15.83
N VAL D 142 -34.66 4.38 -15.34
CA VAL D 142 -36.05 3.94 -15.52
C VAL D 142 -36.87 5.17 -15.88
N VAL D 143 -37.70 5.06 -16.91
CA VAL D 143 -38.48 6.16 -17.43
C VAL D 143 -39.93 5.72 -17.58
N LEU D 144 -40.84 6.51 -17.02
CA LEU D 144 -42.28 6.38 -17.23
C LEU D 144 -42.75 7.37 -18.29
N GLU D 145 -43.50 6.87 -19.26
CA GLU D 145 -44.05 7.69 -20.33
C GLU D 145 -45.56 7.51 -20.37
N GLU D 146 -46.28 8.59 -20.65
CA GLU D 146 -47.73 8.57 -20.78
C GLU D 146 -48.07 8.72 -22.26
N LEU D 147 -48.63 7.66 -22.83
CA LEU D 147 -48.86 7.55 -24.27
C LEU D 147 -50.29 7.91 -24.62
N GLY D 148 -50.49 8.22 -25.89
CA GLY D 148 -51.83 8.35 -26.41
C GLY D 148 -52.32 7.06 -27.01
N GLU D 149 -52.90 7.16 -28.19
CA GLU D 149 -53.42 6.02 -28.94
C GLU D 149 -52.32 5.25 -29.67
N ALA D 150 -51.21 5.91 -29.98
CA ALA D 150 -50.13 5.30 -30.76
C ALA D 150 -48.84 6.04 -30.42
N TYR D 151 -47.70 5.38 -30.64
CA TYR D 151 -46.44 6.03 -30.35
C TYR D 151 -45.35 5.53 -31.29
N LEU D 152 -44.24 6.26 -31.28
CA LEU D 152 -43.08 5.95 -32.12
C LEU D 152 -42.15 5.03 -31.34
N SER D 153 -41.94 3.82 -31.86
CA SER D 153 -41.17 2.83 -31.12
C SER D 153 -39.68 3.03 -31.30
N TRP D 154 -39.26 3.52 -32.46
CA TRP D 154 -37.86 3.80 -32.75
C TRP D 154 -37.75 4.45 -34.12
N ILE D 155 -36.59 5.08 -34.35
CA ILE D 155 -36.19 5.63 -35.64
C ILE D 155 -34.75 5.24 -35.89
N HIS D 156 -34.44 4.91 -37.14
CA HIS D 156 -33.14 4.41 -37.56
C HIS D 156 -32.73 5.19 -38.80
N PHE D 157 -31.62 5.93 -38.71
CA PHE D 157 -31.13 6.74 -39.81
C PHE D 157 -29.81 6.20 -40.34
N THR D 158 -29.66 6.19 -41.66
CA THR D 158 -28.45 5.71 -42.32
C THR D 158 -27.90 6.79 -43.25
N PRO D 159 -26.72 7.34 -42.98
CA PRO D 159 -26.05 8.18 -43.96
C PRO D 159 -25.37 7.36 -45.03
N PHE D 160 -25.32 7.90 -46.25
CA PHE D 160 -24.62 7.28 -47.36
C PHE D 160 -23.72 8.31 -48.03
N LEU D 161 -22.48 7.93 -48.33
CA LEU D 161 -21.52 8.79 -49.02
C LEU D 161 -21.51 8.42 -50.49
N ARG D 162 -22.00 9.33 -51.32
CA ARG D 162 -22.11 9.13 -52.76
C ARG D 162 -21.05 9.98 -53.45
N LYS D 163 -20.97 9.81 -54.78
CA LYS D 163 -20.09 10.65 -55.59
C LYS D 163 -20.42 12.13 -55.41
N ASP D 164 -21.71 12.46 -55.32
CA ASP D 164 -22.17 13.83 -55.25
C ASP D 164 -22.50 14.31 -53.84
N GLY D 165 -22.15 13.53 -52.80
CA GLY D 165 -22.18 14.00 -51.43
C GLY D 165 -22.98 13.11 -50.51
N TRP D 166 -23.37 13.67 -49.37
CA TRP D 166 -24.08 12.92 -48.33
C TRP D 166 -25.55 12.71 -48.69
N TYR D 167 -26.01 11.47 -48.52
CA TYR D 167 -27.42 11.10 -48.60
C TYR D 167 -27.83 10.41 -47.31
N GLY D 168 -29.12 10.16 -47.16
CA GLY D 168 -29.60 9.40 -46.02
C GLY D 168 -31.00 8.86 -46.13
N LYS D 169 -31.23 7.69 -45.54
CA LYS D 169 -32.56 7.12 -45.46
C LYS D 169 -32.96 7.00 -44.00
N ALA D 170 -34.27 6.94 -43.74
CA ALA D 170 -34.76 6.89 -42.37
C ALA D 170 -35.87 5.86 -42.28
N GLU D 171 -35.83 5.04 -41.23
CA GLU D 171 -36.86 4.05 -40.96
C GLU D 171 -37.45 4.31 -39.57
N ILE D 172 -38.77 4.45 -39.51
CA ILE D 172 -39.48 4.66 -38.26
C ILE D 172 -40.37 3.46 -38.02
N CYS D 173 -40.48 3.05 -36.76
CA CYS D 173 -41.42 2.00 -36.38
C CYS D 173 -42.51 2.62 -35.51
N VAL D 174 -43.77 2.39 -35.91
CA VAL D 174 -44.93 2.96 -35.22
C VAL D 174 -45.76 1.84 -34.64
N ARG D 175 -46.22 2.03 -33.40
CA ARG D 175 -47.05 1.07 -32.70
C ARG D 175 -48.41 1.69 -32.40
N ASN D 176 -49.46 1.07 -32.94
CA ASN D 176 -50.83 1.48 -32.67
C ASN D 176 -51.36 0.69 -31.49
N LEU D 177 -51.64 1.36 -30.38
CA LEU D 177 -52.27 0.71 -29.22
C LEU D 177 -53.78 0.64 -29.33
N SER D 178 -54.39 1.36 -30.28
CA SER D 178 -55.84 1.42 -30.39
C SER D 178 -56.37 0.23 -31.18
N SER D 179 -57.58 -0.20 -30.84
CA SER D 179 -58.20 -1.29 -31.59
C SER D 179 -58.71 -0.83 -32.95
N GLY D 180 -58.78 0.48 -33.19
CA GLY D 180 -59.21 1.01 -34.45
C GLY D 180 -58.05 1.36 -35.36
N ARG D 181 -58.36 1.46 -36.66
CA ARG D 181 -57.36 1.83 -37.65
C ARG D 181 -56.83 3.22 -37.33
N LEU D 182 -55.53 3.41 -37.55
CA LEU D 182 -54.89 4.70 -37.35
C LEU D 182 -54.42 5.24 -38.68
N ASP D 183 -54.84 6.48 -38.99
CA ASP D 183 -54.34 7.23 -40.14
C ASP D 183 -53.54 8.44 -39.65
N GLY D 184 -52.39 8.68 -40.23
CA GLY D 184 -51.57 9.79 -39.79
C GLY D 184 -50.32 9.97 -40.63
N SER D 185 -49.35 10.66 -40.04
CA SER D 185 -48.13 11.07 -40.73
C SER D 185 -46.97 11.15 -39.74
N VAL D 186 -45.78 10.84 -40.23
CA VAL D 186 -44.54 11.04 -39.49
C VAL D 186 -43.71 12.01 -40.29
N GLU D 187 -43.46 13.19 -39.72
CA GLU D 187 -42.66 14.21 -40.37
C GLU D 187 -41.26 14.20 -39.75
N VAL D 188 -40.23 14.05 -40.59
CA VAL D 188 -38.87 13.90 -40.12
C VAL D 188 -38.05 15.12 -40.52
N GLU D 189 -37.35 15.69 -39.54
CA GLU D 189 -36.39 16.76 -39.76
C GLU D 189 -35.07 16.33 -39.14
N ILE D 190 -33.96 16.79 -39.73
CA ILE D 190 -32.63 16.50 -39.24
C ILE D 190 -31.92 17.83 -39.03
N GLY D 191 -31.74 18.22 -37.77
CA GLY D 191 -31.01 19.44 -37.45
C GLY D 191 -31.70 20.72 -37.88
N LYS D 192 -33.03 20.69 -38.01
CA LYS D 192 -33.91 21.78 -38.46
C LYS D 192 -33.96 21.89 -39.98
N ASN D 193 -33.34 20.95 -40.71
CA ASN D 193 -33.56 20.83 -42.16
C ASN D 193 -34.70 19.86 -42.44
N SER D 194 -35.51 20.21 -43.42
CA SER D 194 -36.61 19.36 -43.84
C SER D 194 -36.10 18.09 -44.50
N PHE D 195 -36.68 16.95 -44.13
CA PHE D 195 -36.21 15.66 -44.65
C PHE D 195 -37.33 14.88 -45.32
N ALA D 196 -38.32 14.37 -44.57
CA ALA D 196 -39.28 13.47 -45.18
C ALA D 196 -40.63 13.51 -44.46
N VAL D 197 -41.66 13.08 -45.19
CA VAL D 197 -42.99 12.85 -44.65
C VAL D 197 -43.41 11.45 -45.07
N LEU D 198 -43.66 10.57 -44.08
CA LEU D 198 -44.06 9.19 -44.33
C LEU D 198 -45.53 9.04 -43.99
N PRO D 199 -46.40 8.78 -44.98
CA PRO D 199 -47.82 8.53 -44.66
C PRO D 199 -47.96 7.22 -43.91
N ILE D 200 -48.88 7.20 -42.95
CA ILE D 200 -49.01 6.09 -42.02
C ILE D 200 -50.43 5.58 -42.09
N VAL D 201 -50.60 4.28 -42.31
CA VAL D 201 -51.88 3.62 -42.05
C VAL D 201 -51.59 2.37 -41.23
N LEU D 202 -52.21 2.28 -40.07
CA LEU D 202 -52.04 1.16 -39.16
C LEU D 202 -53.41 0.58 -38.85
N GLU D 203 -53.53 -0.73 -38.99
CA GLU D 203 -54.71 -1.42 -38.48
C GLU D 203 -54.68 -1.44 -36.94
N GLY D 204 -55.78 -1.90 -36.35
CA GLY D 204 -55.86 -1.99 -34.90
C GLY D 204 -54.75 -2.84 -34.29
N GLU D 205 -54.10 -2.30 -33.26
CA GLU D 205 -53.05 -2.99 -32.48
C GLU D 205 -51.85 -3.42 -33.32
N GLU D 206 -51.64 -2.82 -34.48
CA GLU D 206 -50.52 -3.17 -35.35
C GLU D 206 -49.28 -2.34 -35.02
N GLU D 207 -48.12 -2.98 -35.05
CA GLU D 207 -46.83 -2.29 -35.07
C GLU D 207 -46.21 -2.51 -36.45
N LYS D 208 -45.81 -1.41 -37.09
CA LYS D 208 -45.30 -1.47 -38.45
C LYS D 208 -44.14 -0.50 -38.62
N SER D 209 -43.17 -0.89 -39.43
CA SER D 209 -42.04 -0.05 -39.77
C SER D 209 -42.25 0.60 -41.14
N PHE D 210 -41.84 1.86 -41.28
CA PHE D 210 -42.01 2.65 -42.50
C PHE D 210 -40.68 3.31 -42.87
N SER D 211 -40.33 3.33 -44.16
CA SER D 211 -39.03 3.84 -44.58
C SER D 211 -39.16 4.91 -45.65
N THR D 212 -38.27 5.91 -45.57
CA THR D 212 -38.09 6.88 -46.64
C THR D 212 -37.17 6.31 -47.71
N GLU D 213 -37.08 7.04 -48.81
CA GLU D 213 -36.07 6.80 -49.82
C GLU D 213 -34.70 7.26 -49.30
N GLU D 214 -33.69 7.10 -50.16
CA GLU D 214 -32.39 7.73 -49.93
C GLU D 214 -32.44 9.17 -50.45
N LEU D 215 -32.38 10.12 -49.55
CA LEU D 215 -32.58 11.47 -50.00
C LEU D 215 -31.29 12.28 -49.89
N PRO D 216 -31.14 13.31 -50.72
CA PRO D 216 -29.94 14.15 -50.63
C PRO D 216 -29.88 14.92 -49.32
N CYS D 217 -28.66 15.05 -48.79
CA CYS D 217 -28.36 15.84 -47.60
C CYS D 217 -27.18 16.75 -47.91
N PRO D 218 -27.36 17.74 -48.80
CA PRO D 218 -26.23 18.60 -49.16
C PRO D 218 -25.77 19.50 -48.03
N TRP D 219 -26.62 19.75 -47.04
CA TRP D 219 -26.28 20.57 -45.88
C TRP D 219 -25.42 19.82 -44.86
N ALA D 220 -25.26 18.50 -45.01
CA ALA D 220 -24.65 17.71 -43.96
C ALA D 220 -23.16 18.01 -43.85
N GLU D 221 -22.66 18.04 -42.62
CA GLU D 221 -21.23 17.99 -42.38
C GLU D 221 -20.88 16.65 -41.74
N CYS D 222 -19.67 16.19 -41.97
CA CYS D 222 -19.38 14.83 -41.57
C CYS D 222 -18.97 14.76 -40.10
N TRP D 223 -19.11 13.56 -39.54
CA TRP D 223 -18.65 13.21 -38.21
C TRP D 223 -17.31 12.47 -38.33
N SER D 224 -16.37 12.83 -37.46
CA SER D 224 -15.05 12.22 -37.44
C SER D 224 -14.46 12.40 -36.06
N PRO D 225 -13.47 11.59 -35.68
CA PRO D 225 -12.74 11.86 -34.43
C PRO D 225 -12.25 13.29 -34.34
N GLU D 226 -11.74 13.85 -35.45
CA GLU D 226 -11.25 15.22 -35.52
C GLU D 226 -12.35 16.27 -35.43
N SER D 227 -13.58 15.92 -35.79
CA SER D 227 -14.68 16.87 -35.79
C SER D 227 -15.99 16.11 -35.62
N PRO D 228 -16.41 15.88 -34.37
CA PRO D 228 -17.61 15.03 -34.14
C PRO D 228 -18.93 15.81 -34.24
N VAL D 229 -19.30 16.14 -35.48
CA VAL D 229 -20.54 16.88 -35.73
C VAL D 229 -21.74 15.94 -35.59
N LEU D 230 -22.70 16.34 -34.74
CA LEU D 230 -23.94 15.60 -34.48
C LEU D 230 -25.13 16.44 -34.88
N TYR D 231 -26.21 15.77 -35.32
CA TYR D 231 -27.48 16.43 -35.62
C TYR D 231 -28.62 15.75 -34.88
N LEU D 232 -29.54 16.57 -34.39
CA LEU D 232 -30.78 16.02 -33.82
C LEU D 232 -31.77 15.69 -34.92
N ILE D 233 -32.26 14.45 -34.93
CA ILE D 233 -33.26 14.01 -35.88
C ILE D 233 -34.59 13.84 -35.13
N THR D 234 -35.62 14.51 -35.61
CA THR D 234 -36.90 14.56 -34.94
C THR D 234 -37.97 13.99 -35.88
N ALA D 235 -38.73 13.03 -35.39
CA ALA D 235 -39.87 12.46 -36.11
C ALA D 235 -41.10 12.69 -35.26
N VAL D 236 -42.13 13.31 -35.86
CA VAL D 236 -43.36 13.70 -35.17
C VAL D 236 -44.52 12.92 -35.76
N LEU D 237 -45.25 12.21 -34.91
CA LEU D 237 -46.46 11.49 -35.32
C LEU D 237 -47.61 12.47 -35.30
N ARG D 238 -48.17 12.76 -36.48
CA ARG D 238 -49.29 13.69 -36.59
C ARG D 238 -50.55 12.92 -36.97
N THR D 239 -51.58 13.04 -36.13
CA THR D 239 -52.87 12.43 -36.38
C THR D 239 -53.94 13.52 -36.25
N ALA D 240 -55.20 13.10 -36.39
CA ALA D 240 -56.33 14.00 -36.23
C ALA D 240 -56.34 14.70 -34.88
N ASP D 241 -55.69 14.12 -33.88
CA ASP D 241 -55.56 14.84 -32.61
C ASP D 241 -54.66 16.06 -32.75
N GLY D 242 -53.51 15.91 -33.41
CA GLY D 242 -52.54 16.95 -33.61
C GLY D 242 -51.16 16.34 -33.75
N ALA D 243 -50.13 17.10 -33.33
CA ALA D 243 -48.81 16.51 -33.13
C ALA D 243 -48.84 15.61 -31.91
N ALA D 244 -49.15 14.32 -32.13
CA ALA D 244 -49.52 13.42 -31.04
C ALA D 244 -48.33 12.81 -30.31
N ASP D 245 -47.21 12.62 -31.00
CA ASP D 245 -46.05 11.97 -30.41
C ASP D 245 -44.80 12.38 -31.16
N ASP D 246 -43.64 12.15 -30.55
CA ASP D 246 -42.38 12.41 -31.23
C ASP D 246 -41.32 11.44 -30.73
N ILE D 247 -40.24 11.36 -31.48
CA ILE D 247 -39.02 10.69 -31.05
C ILE D 247 -37.85 11.55 -31.53
N ILE D 248 -36.89 11.79 -30.65
CA ILE D 248 -35.70 12.57 -30.97
C ILE D 248 -34.48 11.69 -30.71
N ASP D 249 -33.59 11.61 -31.70
CA ASP D 249 -32.30 10.95 -31.55
C ASP D 249 -31.25 11.85 -32.19
N ARG D 250 -30.01 11.36 -32.27
CA ARG D 250 -28.88 12.09 -32.81
C ARG D 250 -28.15 11.22 -33.82
N VAL D 251 -27.65 11.87 -34.88
CA VAL D 251 -26.95 11.17 -35.94
C VAL D 251 -25.63 11.89 -36.23
N GLY D 252 -24.67 11.14 -36.75
CA GLY D 252 -23.49 11.72 -37.37
C GLY D 252 -23.33 11.14 -38.76
N PHE D 253 -22.93 12.00 -39.71
CA PHE D 253 -22.71 11.57 -41.09
C PHE D 253 -21.30 11.03 -41.23
N ARG D 254 -21.18 9.72 -41.34
CA ARG D 254 -19.88 9.08 -41.45
C ARG D 254 -20.07 7.73 -42.14
N GLU D 255 -19.09 7.36 -42.95
CA GLU D 255 -19.06 6.06 -43.61
C GLU D 255 -17.95 5.18 -43.01
N ILE D 256 -18.34 4.00 -42.53
CA ILE D 256 -17.40 2.96 -42.14
C ILE D 256 -17.42 1.89 -43.22
N ARG D 257 -16.25 1.51 -43.71
CA ARG D 257 -16.11 0.62 -44.86
C ARG D 257 -14.87 -0.23 -44.73
N THR D 258 -14.98 -1.52 -45.05
CA THR D 258 -13.80 -2.35 -45.26
C THR D 258 -13.48 -2.45 -46.75
N GLU D 259 -12.20 -2.30 -47.07
CA GLU D 259 -11.74 -2.47 -48.44
C GLU D 259 -10.36 -3.12 -48.37
N GLY D 260 -10.28 -4.37 -48.83
CA GLY D 260 -9.04 -5.10 -48.68
C GLY D 260 -8.71 -5.25 -47.21
N LYS D 261 -7.50 -4.82 -46.85
CA LYS D 261 -7.01 -4.84 -45.48
C LYS D 261 -7.21 -3.51 -44.76
N ASP D 262 -8.00 -2.61 -45.33
CA ASP D 262 -8.23 -1.29 -44.77
C ASP D 262 -9.61 -1.22 -44.13
N ILE D 263 -9.65 -0.64 -42.93
CA ILE D 263 -10.86 -0.09 -42.34
C ILE D 263 -10.85 1.37 -42.68
N LEU D 264 -11.92 1.85 -43.29
CA LEU D 264 -11.96 3.18 -43.87
C LEU D 264 -13.05 3.98 -43.18
N LEU D 265 -12.69 5.15 -42.68
CA LEU D 265 -13.62 6.09 -42.08
C LEU D 265 -13.61 7.33 -42.96
N ASN D 266 -14.77 7.64 -43.54
CA ASN D 266 -14.91 8.76 -44.47
C ASN D 266 -13.82 8.70 -45.54
N GLY D 267 -13.55 7.51 -46.05
CA GLY D 267 -12.53 7.30 -47.07
C GLY D 267 -11.09 7.17 -46.61
N ARG D 268 -10.78 7.65 -45.40
CA ARG D 268 -9.44 7.59 -44.86
C ARG D 268 -9.20 6.28 -44.13
N LYS D 269 -7.95 5.79 -44.18
CA LYS D 269 -7.58 4.51 -43.58
C LYS D 269 -7.26 4.68 -42.10
N LEU D 270 -7.96 3.91 -41.27
CA LEU D 270 -8.00 4.12 -39.83
C LEU D 270 -6.98 3.27 -39.08
N ARG D 271 -6.41 3.84 -38.03
CA ARG D 271 -5.63 3.11 -37.05
C ARG D 271 -6.35 3.16 -35.71
N ILE D 272 -6.69 1.98 -35.18
CA ILE D 272 -7.32 1.86 -33.86
C ILE D 272 -6.25 2.00 -32.77
N LYS D 273 -6.51 2.91 -31.83
CA LYS D 273 -5.70 3.12 -30.64
C LYS D 273 -6.68 2.99 -29.49
N GLY D 274 -6.99 1.76 -29.10
CA GLY D 274 -8.13 1.52 -28.25
C GLY D 274 -7.80 1.02 -26.85
N PHE D 275 -8.83 1.04 -26.03
CA PHE D 275 -8.84 0.34 -24.77
C PHE D 275 -10.05 -0.59 -24.70
N CYS D 276 -9.82 -1.78 -24.17
CA CYS D 276 -10.90 -2.55 -23.60
C CYS D 276 -11.30 -1.90 -22.27
N ARG D 277 -12.60 -1.75 -22.06
CA ARG D 277 -13.08 -1.19 -20.81
C ARG D 277 -14.36 -1.90 -20.41
N HIS D 278 -14.37 -2.42 -19.18
CA HIS D 278 -15.57 -2.93 -18.53
C HIS D 278 -16.34 -1.78 -17.90
N GLU D 279 -17.65 -1.97 -17.75
CA GLU D 279 -18.49 -1.13 -16.91
C GLU D 279 -18.33 -1.61 -15.47
N ASP D 280 -17.24 -1.19 -14.83
CA ASP D 280 -16.97 -1.64 -13.48
C ASP D 280 -16.30 -0.51 -12.70
N HIS D 281 -16.67 -0.38 -11.41
CA HIS D 281 -16.14 0.67 -10.54
C HIS D 281 -16.26 0.19 -9.10
N PRO D 282 -15.26 0.44 -8.24
CA PRO D 282 -15.34 -0.03 -6.85
C PRO D 282 -16.46 0.59 -6.04
N GLN D 283 -16.92 1.82 -6.33
CA GLN D 283 -18.05 2.35 -5.59
C GLN D 283 -19.38 2.12 -6.30
N PHE D 284 -19.39 2.00 -7.62
CA PHE D 284 -20.62 2.06 -8.39
C PHE D 284 -20.96 0.75 -9.07
N GLY D 285 -20.08 -0.25 -8.97
CA GLY D 285 -20.33 -1.52 -9.62
C GLY D 285 -20.33 -1.32 -11.11
N CYS D 286 -21.43 -1.72 -11.77
CA CYS D 286 -21.64 -1.46 -13.18
C CYS D 286 -22.69 -0.37 -13.42
N ALA D 287 -23.11 0.31 -12.36
CA ALA D 287 -24.03 1.46 -12.46
C ALA D 287 -23.26 2.77 -12.27
N LEU D 288 -22.44 3.09 -13.26
CA LEU D 288 -21.53 4.24 -13.09
C LEU D 288 -22.23 5.53 -13.51
N PRO D 289 -22.14 6.59 -12.70
CA PRO D 289 -22.75 7.87 -13.07
C PRO D 289 -22.00 8.59 -14.19
N PHE D 290 -22.71 9.54 -14.80
CA PHE D 290 -22.16 10.46 -15.79
C PHE D 290 -20.74 10.94 -15.45
N SER D 291 -20.55 11.44 -14.22
CA SER D 291 -19.24 11.96 -13.81
C SER D 291 -18.19 10.86 -13.81
N ALA D 292 -18.55 9.63 -13.40
CA ALA D 292 -17.58 8.54 -13.43
C ALA D 292 -17.28 8.12 -14.87
N MET D 293 -18.28 8.19 -15.74
CA MET D 293 -18.07 7.90 -17.15
C MET D 293 -17.10 8.90 -17.77
N GLN D 294 -17.40 10.19 -17.62
CA GLN D 294 -16.56 11.19 -18.26
C GLN D 294 -15.14 11.16 -17.72
N HIS D 295 -15.00 10.91 -16.41
CA HIS D 295 -13.67 10.82 -15.81
C HIS D 295 -12.85 9.72 -16.45
N ASP D 296 -13.46 8.55 -16.66
CA ASP D 296 -12.81 7.48 -17.43
C ASP D 296 -12.39 8.00 -18.81
N LEU D 297 -13.27 8.78 -19.46
CA LEU D 297 -13.02 9.15 -20.85
C LEU D 297 -11.91 10.18 -20.95
N MET D 298 -11.82 11.09 -19.97
CA MET D 298 -10.72 12.04 -19.96
C MET D 298 -9.36 11.34 -19.76
N LEU D 299 -9.31 10.30 -18.95
CA LEU D 299 -8.08 9.50 -18.81
C LEU D 299 -7.77 8.77 -20.10
N ILE D 300 -8.80 8.21 -20.74
CA ILE D 300 -8.60 7.48 -21.97
C ILE D 300 -8.14 8.43 -23.07
N LYS D 301 -8.78 9.61 -23.17
CA LYS D 301 -8.31 10.59 -24.13
C LYS D 301 -6.90 11.08 -23.78
N ASP D 302 -6.60 11.23 -22.48
CA ASP D 302 -5.27 11.62 -22.07
C ASP D 302 -4.22 10.59 -22.48
N LEU D 303 -4.60 9.33 -22.52
CA LEU D 303 -3.67 8.28 -22.94
C LEU D 303 -3.41 8.28 -24.44
N GLY D 304 -4.07 9.14 -25.22
CA GLY D 304 -3.92 9.16 -26.67
C GLY D 304 -4.77 8.15 -27.40
N ALA D 305 -5.77 7.58 -26.75
CA ALA D 305 -6.63 6.59 -27.39
C ALA D 305 -7.68 7.25 -28.28
N ASN D 306 -8.06 6.55 -29.36
CA ASN D 306 -9.18 7.00 -30.18
C ASN D 306 -10.41 6.09 -30.09
N SER D 307 -10.33 4.97 -29.38
CA SER D 307 -11.35 3.93 -29.47
C SER D 307 -11.48 3.12 -28.17
N ILE D 308 -12.72 2.73 -27.85
CA ILE D 308 -13.00 1.86 -26.72
C ILE D 308 -13.69 0.60 -27.25
N ARG D 309 -13.47 -0.52 -26.57
CA ARG D 309 -14.15 -1.76 -26.91
C ARG D 309 -14.96 -2.22 -25.71
N THR D 310 -16.26 -2.47 -25.91
CA THR D 310 -17.18 -2.69 -24.77
C THR D 310 -17.17 -4.16 -24.30
N VAL D 311 -16.06 -4.56 -23.71
CA VAL D 311 -15.95 -5.88 -23.13
C VAL D 311 -16.88 -5.97 -21.92
N HIS D 312 -17.78 -6.96 -21.91
CA HIS D 312 -18.08 -7.86 -23.02
C HIS D 312 -19.60 -7.85 -23.17
N TYR D 313 -20.18 -6.69 -23.46
CA TYR D 313 -21.64 -6.52 -23.40
C TYR D 313 -21.99 -5.14 -23.89
N PRO D 314 -23.23 -4.90 -24.33
CA PRO D 314 -23.63 -3.54 -24.70
C PRO D 314 -23.49 -2.56 -23.54
N ASN D 315 -23.19 -1.30 -23.88
CA ASN D 315 -22.97 -0.27 -22.87
C ASN D 315 -24.20 0.63 -22.72
N ASP D 316 -24.27 1.27 -21.54
CA ASP D 316 -25.15 2.40 -21.29
C ASP D 316 -25.17 3.34 -22.50
N GLU D 317 -26.38 3.74 -22.93
CA GLU D 317 -26.46 4.68 -24.05
C GLU D 317 -25.96 6.07 -23.68
N LEU D 318 -25.97 6.42 -22.40
CA LEU D 318 -25.34 7.67 -21.96
C LEU D 318 -23.85 7.67 -22.28
N PHE D 319 -23.17 6.55 -22.04
CA PHE D 319 -21.75 6.44 -22.35
C PHE D 319 -21.50 6.55 -23.85
N LEU D 320 -22.30 5.83 -24.66
CA LEU D 320 -22.24 5.98 -26.11
C LEU D 320 -22.52 7.42 -26.55
N ASP D 321 -23.46 8.10 -25.90
CA ASP D 321 -23.67 9.52 -26.17
C ASP D 321 -22.38 10.29 -25.99
N LEU D 322 -21.67 10.01 -24.88
CA LEU D 322 -20.43 10.70 -24.58
C LEU D 322 -19.38 10.42 -25.64
N CYS D 323 -19.40 9.19 -26.18
CA CYS D 323 -18.47 8.79 -27.23
C CYS D 323 -18.77 9.50 -28.54
N ASP D 324 -20.03 9.48 -28.98
CA ASP D 324 -20.46 10.29 -30.11
C ASP D 324 -19.99 11.74 -29.99
N GLU D 325 -20.24 12.37 -28.83
CA GLU D 325 -19.94 13.79 -28.64
C GLU D 325 -18.45 14.10 -28.68
N GLN D 326 -17.58 13.11 -28.41
CA GLN D 326 -16.15 13.38 -28.32
C GLN D 326 -15.34 12.70 -29.40
N GLY D 327 -16.00 12.02 -30.35
CA GLY D 327 -15.27 11.44 -31.46
C GLY D 327 -14.54 10.15 -31.15
N ILE D 328 -15.00 9.39 -30.16
CA ILE D 328 -14.37 8.14 -29.77
C ILE D 328 -15.02 7.01 -30.55
N LEU D 329 -14.21 6.24 -31.27
CA LEU D 329 -14.72 5.08 -31.99
C LEU D 329 -15.08 3.98 -31.00
N VAL D 330 -16.12 3.22 -31.33
CA VAL D 330 -16.64 2.20 -30.41
C VAL D 330 -16.84 0.88 -31.17
N TRP D 331 -16.15 -0.17 -30.72
CA TRP D 331 -16.52 -1.54 -30.98
C TRP D 331 -17.51 -1.95 -29.89
N GLU D 332 -18.73 -2.30 -30.26
CA GLU D 332 -19.72 -2.79 -29.30
C GLU D 332 -20.10 -4.22 -29.68
N GLU D 333 -20.13 -5.10 -28.68
CA GLU D 333 -20.40 -6.51 -28.92
C GLU D 333 -21.53 -7.00 -28.02
N ASN D 334 -22.12 -8.12 -28.40
CA ASN D 334 -23.14 -8.73 -27.56
C ASN D 334 -22.49 -9.31 -26.30
N HIS D 335 -23.33 -9.78 -25.37
CA HIS D 335 -22.87 -10.20 -24.06
C HIS D 335 -22.46 -11.68 -24.08
N ALA D 336 -21.17 -11.93 -24.09
CA ALA D 336 -20.64 -13.29 -24.02
C ALA D 336 -19.15 -13.22 -23.76
N ARG D 337 -18.62 -14.16 -22.99
CA ARG D 337 -17.17 -14.23 -22.77
C ARG D 337 -16.75 -15.66 -22.45
N GLY D 338 -15.90 -16.23 -23.29
CA GLY D 338 -15.24 -17.48 -22.97
C GLY D 338 -16.16 -18.67 -22.83
N LEU D 339 -17.34 -18.64 -23.48
CA LEU D 339 -18.29 -19.72 -23.31
C LEU D 339 -17.85 -20.94 -24.12
N SER D 340 -17.78 -22.09 -23.46
CA SER D 340 -17.36 -23.31 -24.12
C SER D 340 -18.45 -23.80 -25.08
N GLU D 341 -18.10 -24.82 -25.87
CA GLU D 341 -19.12 -25.48 -26.69
C GLU D 341 -20.27 -25.98 -25.83
N GLU D 342 -19.96 -26.57 -24.68
CA GLU D 342 -21.00 -27.05 -23.77
C GLU D 342 -21.80 -25.90 -23.17
N ASN D 343 -21.14 -24.78 -22.82
CA ASN D 343 -21.90 -23.59 -22.42
C ASN D 343 -22.86 -23.17 -23.51
N MET D 344 -22.40 -23.21 -24.77
CA MET D 344 -23.22 -22.74 -25.89
C MET D 344 -24.37 -23.69 -26.21
N ARG D 345 -24.34 -24.93 -25.71
CA ARG D 345 -25.43 -25.88 -25.92
C ARG D 345 -26.52 -25.74 -24.87
N ASN D 346 -26.37 -24.80 -23.94
CA ASN D 346 -27.43 -24.48 -23.01
C ASN D 346 -28.72 -24.20 -23.77
N PRO D 347 -29.86 -24.75 -23.33
CA PRO D 347 -31.11 -24.54 -24.08
C PRO D 347 -31.51 -23.09 -24.25
N HIS D 348 -30.98 -22.17 -23.44
CA HIS D 348 -31.33 -20.75 -23.53
C HIS D 348 -30.32 -19.91 -24.30
N PHE D 349 -29.20 -20.50 -24.74
CA PHE D 349 -28.07 -19.71 -25.23
C PHE D 349 -28.41 -18.93 -26.49
N LYS D 350 -28.99 -19.62 -27.49
CA LYS D 350 -29.30 -18.97 -28.76
C LYS D 350 -30.38 -17.90 -28.60
N GLN D 351 -31.36 -18.17 -27.73
CA GLN D 351 -32.42 -17.19 -27.52
C GLN D 351 -31.89 -15.96 -26.80
N GLN D 352 -31.09 -16.18 -25.75
CA GLN D 352 -30.53 -15.05 -25.00
C GLN D 352 -29.53 -14.27 -25.84
N CYS D 353 -28.79 -14.95 -26.73
CA CYS D 353 -27.86 -14.26 -27.63
C CYS D 353 -28.61 -13.45 -28.67
N GLY D 354 -29.61 -14.06 -29.31
CA GLY D 354 -30.42 -13.33 -30.27
C GLY D 354 -31.14 -12.15 -29.65
N ASP D 355 -31.64 -12.33 -28.42
CA ASP D 355 -32.32 -11.25 -27.72
C ASP D 355 -31.37 -10.10 -27.41
N CYS D 356 -30.14 -10.42 -26.96
CA CYS D 356 -29.17 -9.36 -26.71
C CYS D 356 -28.89 -8.58 -27.99
N ILE D 357 -28.68 -9.27 -29.11
CA ILE D 357 -28.30 -8.59 -30.35
C ILE D 357 -29.44 -7.71 -30.84
N ARG D 358 -30.67 -8.21 -30.80
CA ARG D 358 -31.81 -7.46 -31.32
C ARG D 358 -32.04 -6.16 -30.54
N GLU D 359 -31.99 -6.23 -29.20
CA GLU D 359 -32.17 -5.03 -28.37
C GLU D 359 -31.01 -4.06 -28.52
N MET D 360 -29.78 -4.58 -28.55
CA MET D 360 -28.59 -3.76 -28.73
C MET D 360 -28.65 -2.98 -30.03
N ILE D 361 -28.83 -3.69 -31.15
CA ILE D 361 -28.79 -3.00 -32.43
C ILE D 361 -30.00 -2.10 -32.59
N THR D 362 -31.20 -2.57 -32.18
CA THR D 362 -32.39 -1.74 -32.33
C THR D 362 -32.26 -0.43 -31.55
N ALA D 363 -31.71 -0.50 -30.33
CA ALA D 363 -31.63 0.72 -29.55
C ALA D 363 -30.43 1.59 -29.97
N HIS D 364 -29.30 0.98 -30.37
CA HIS D 364 -28.02 1.70 -30.57
C HIS D 364 -27.72 2.00 -32.03
N TYR D 365 -28.66 1.77 -32.95
CA TYR D 365 -28.40 1.87 -34.38
C TYR D 365 -27.81 3.22 -34.80
N ASN D 366 -28.25 4.32 -34.21
CA ASN D 366 -27.87 5.64 -34.71
C ASN D 366 -26.58 6.19 -34.12
N HIS D 367 -25.96 5.50 -33.18
CA HIS D 367 -24.74 6.06 -32.59
C HIS D 367 -23.62 6.06 -33.63
N PRO D 368 -23.16 7.24 -34.08
CA PRO D 368 -22.11 7.27 -35.11
C PRO D 368 -20.77 6.79 -34.61
N SER D 369 -20.52 6.83 -33.29
CA SER D 369 -19.28 6.30 -32.73
C SER D 369 -19.15 4.78 -32.93
N ILE D 370 -20.26 4.05 -32.89
CA ILE D 370 -20.21 2.61 -33.14
C ILE D 370 -19.87 2.39 -34.61
N TYR D 371 -18.69 1.79 -34.85
CA TYR D 371 -18.23 1.55 -36.21
C TYR D 371 -18.20 0.06 -36.59
N ILE D 372 -18.36 -0.85 -35.62
CA ILE D 372 -18.30 -2.28 -35.86
C ILE D 372 -19.10 -2.98 -34.75
N TRP D 373 -19.75 -4.08 -35.11
CA TRP D 373 -20.49 -4.92 -34.17
C TRP D 373 -19.68 -6.17 -33.88
N GLY D 374 -19.49 -6.48 -32.61
CA GLY D 374 -18.75 -7.69 -32.26
C GLY D 374 -19.63 -8.78 -31.68
N ILE D 375 -19.21 -10.04 -31.77
CA ILE D 375 -19.99 -11.11 -31.16
C ILE D 375 -19.07 -12.09 -30.46
N LEU D 376 -19.61 -12.77 -29.45
CA LEU D 376 -19.11 -14.04 -28.95
C LEU D 376 -17.60 -14.00 -28.67
N ASN D 377 -17.19 -13.02 -27.87
CA ASN D 377 -15.78 -12.92 -27.49
C ASN D 377 -15.26 -14.24 -26.90
N GLU D 378 -14.26 -14.80 -27.58
CA GLU D 378 -13.56 -16.01 -27.12
C GLU D 378 -14.50 -17.20 -26.88
N CYS D 379 -15.52 -17.34 -27.71
CA CYS D 379 -16.36 -18.54 -27.63
C CYS D 379 -15.79 -19.64 -28.53
N ALA D 380 -16.53 -20.75 -28.72
CA ALA D 380 -15.96 -21.97 -29.29
C ALA D 380 -16.01 -21.96 -30.83
N SER D 381 -15.30 -21.00 -31.41
CA SER D 381 -15.23 -20.80 -32.85
C SER D 381 -14.38 -21.86 -33.55
N ASP D 382 -13.87 -22.85 -32.82
CA ASP D 382 -13.11 -23.95 -33.41
C ASP D 382 -13.93 -25.24 -33.49
N THR D 383 -15.23 -25.19 -33.20
CA THR D 383 -16.08 -26.37 -33.20
C THR D 383 -17.21 -26.16 -34.19
N GLU D 384 -17.75 -27.27 -34.71
CA GLU D 384 -18.82 -27.19 -35.69
C GLU D 384 -20.07 -26.56 -35.09
N TYR D 385 -20.42 -26.95 -33.87
CA TYR D 385 -21.61 -26.35 -33.23
C TYR D 385 -21.40 -24.88 -32.97
N GLY D 386 -20.22 -24.49 -32.46
CA GLY D 386 -19.93 -23.09 -32.24
C GLY D 386 -20.05 -22.29 -33.52
N ARG D 387 -19.46 -22.81 -34.60
CA ARG D 387 -19.55 -22.18 -35.93
C ARG D 387 -20.99 -21.91 -36.32
N GLU D 388 -21.86 -22.90 -36.12
CA GLU D 388 -23.29 -22.74 -36.40
C GLU D 388 -23.86 -21.51 -35.67
N CYS D 389 -23.48 -21.32 -34.39
CA CYS D 389 -23.95 -20.17 -33.64
C CYS D 389 -23.39 -18.86 -34.19
N TYR D 390 -22.08 -18.83 -34.49
CA TYR D 390 -21.47 -17.65 -35.11
C TYR D 390 -22.20 -17.27 -36.39
N SER D 391 -22.51 -18.27 -37.22
CA SER D 391 -23.18 -18.02 -38.49
C SER D 391 -24.54 -17.34 -38.26
N GLU D 392 -25.37 -17.93 -37.39
CA GLU D 392 -26.68 -17.37 -37.10
C GLU D 392 -26.58 -15.94 -36.59
N GLN D 393 -25.72 -15.73 -35.59
CA GLN D 393 -25.64 -14.42 -34.95
C GLN D 393 -25.08 -13.37 -35.89
N TYR D 394 -24.10 -13.74 -36.74
CA TYR D 394 -23.62 -12.84 -37.79
C TYR D 394 -24.75 -12.46 -38.74
N GLU D 395 -25.50 -13.45 -39.24
CA GLU D 395 -26.57 -13.14 -40.18
C GLU D 395 -27.71 -12.41 -39.49
N LEU D 396 -27.91 -12.65 -38.19
CA LEU D 396 -28.87 -11.83 -37.45
C LEU D 396 -28.47 -10.36 -37.48
N ILE D 397 -27.17 -10.07 -37.34
CA ILE D 397 -26.69 -8.69 -37.38
C ILE D 397 -26.94 -8.07 -38.75
N LYS D 398 -26.70 -8.84 -39.83
CA LYS D 398 -26.87 -8.28 -41.17
C LYS D 398 -28.32 -7.88 -41.43
N SER D 399 -29.28 -8.68 -40.96
CA SER D 399 -30.69 -8.33 -41.16
C SER D 399 -31.10 -7.12 -40.31
N LEU D 400 -30.38 -6.81 -39.24
CA LEU D 400 -30.67 -5.62 -38.45
C LEU D 400 -29.83 -4.41 -38.87
N ASP D 401 -28.62 -4.65 -39.38
CA ASP D 401 -27.69 -3.56 -39.72
C ASP D 401 -26.89 -4.03 -40.92
N PRO D 402 -27.38 -3.78 -42.14
CA PRO D 402 -26.69 -4.30 -43.32
C PRO D 402 -25.39 -3.56 -43.67
N TYR D 403 -25.01 -2.50 -42.95
CA TYR D 403 -23.89 -1.67 -43.37
C TYR D 403 -22.67 -1.72 -42.45
N ARG D 404 -22.81 -1.81 -41.14
CA ARG D 404 -21.61 -1.80 -40.32
C ARG D 404 -20.87 -3.13 -40.45
N PRO D 405 -19.54 -3.12 -40.46
CA PRO D 405 -18.79 -4.39 -40.41
C PRO D 405 -19.05 -5.17 -39.13
N ARG D 406 -18.79 -6.47 -39.20
CA ARG D 406 -18.94 -7.38 -38.09
C ARG D 406 -17.63 -8.09 -37.80
N SER D 407 -17.43 -8.52 -36.55
CA SER D 407 -16.24 -9.27 -36.18
C SER D 407 -16.49 -10.01 -34.87
N SER D 408 -15.47 -10.73 -34.42
CA SER D 408 -15.48 -11.45 -33.15
C SER D 408 -14.05 -11.58 -32.64
N ALA D 409 -13.85 -11.34 -31.34
CA ALA D 409 -12.51 -11.44 -30.75
C ALA D 409 -12.20 -12.91 -30.50
N SER D 410 -11.23 -13.45 -31.24
CA SER D 410 -10.89 -14.87 -31.16
C SER D 410 -9.62 -15.11 -30.35
N CYS D 411 -9.61 -16.24 -29.63
CA CYS D 411 -8.40 -16.79 -29.04
C CYS D 411 -8.09 -18.18 -29.57
N ARG D 412 -8.82 -18.63 -30.60
CA ARG D 412 -8.60 -19.94 -31.20
C ARG D 412 -7.43 -19.83 -32.17
N PHE D 413 -6.24 -19.90 -31.58
CA PHE D 413 -4.97 -19.58 -32.22
C PHE D 413 -4.66 -20.65 -33.27
N LYS D 414 -4.90 -20.32 -34.55
CA LYS D 414 -4.69 -21.19 -35.69
C LYS D 414 -5.65 -22.39 -35.75
N THR D 415 -6.77 -22.33 -35.03
CA THR D 415 -7.79 -23.37 -35.11
C THR D 415 -9.20 -22.84 -35.33
N ASP D 416 -9.36 -21.52 -35.52
CA ASP D 416 -10.66 -20.92 -35.73
C ASP D 416 -11.21 -21.29 -37.10
N ILE D 417 -12.46 -21.76 -37.15
CA ILE D 417 -13.10 -22.10 -38.42
C ILE D 417 -14.19 -21.10 -38.81
N CYS D 418 -14.28 -19.96 -38.11
CA CYS D 418 -15.32 -18.98 -38.34
C CYS D 418 -14.80 -17.69 -38.96
N LEU D 419 -13.59 -17.69 -39.51
CA LEU D 419 -13.00 -16.43 -39.99
C LEU D 419 -13.49 -16.02 -41.38
N GLY D 420 -14.22 -16.89 -42.09
CA GLY D 420 -14.76 -16.49 -43.38
C GLY D 420 -15.96 -15.58 -43.29
N TYR D 421 -16.67 -15.61 -42.16
CA TYR D 421 -17.93 -14.86 -41.96
C TYR D 421 -17.76 -13.35 -41.80
N PRO D 422 -16.89 -12.86 -40.91
CA PRO D 422 -16.89 -11.42 -40.57
C PRO D 422 -16.08 -10.58 -41.54
N GLU D 423 -16.34 -9.27 -41.49
CA GLU D 423 -15.56 -8.30 -42.26
C GLU D 423 -14.14 -8.16 -41.72
N VAL D 424 -13.97 -8.19 -40.41
CA VAL D 424 -12.68 -7.98 -39.79
C VAL D 424 -12.31 -9.21 -38.97
N VAL D 425 -11.07 -9.66 -39.11
CA VAL D 425 -10.53 -10.73 -38.27
C VAL D 425 -9.91 -10.08 -37.04
N SER D 426 -10.30 -10.57 -35.85
CA SER D 426 -9.82 -10.01 -34.60
C SER D 426 -9.33 -11.12 -33.67
N TYR D 427 -8.16 -10.89 -33.04
CA TYR D 427 -7.55 -11.87 -32.14
C TYR D 427 -7.12 -11.25 -30.82
N ASN D 428 -7.27 -12.02 -29.73
CA ASN D 428 -6.72 -11.70 -28.42
C ASN D 428 -5.44 -12.51 -28.19
N ILE D 429 -4.34 -11.84 -27.84
CA ILE D 429 -3.07 -12.51 -27.62
C ILE D 429 -2.39 -11.96 -26.37
N TYR D 430 -1.68 -12.82 -25.67
CA TYR D 430 -0.95 -12.40 -24.46
C TYR D 430 0.48 -12.94 -24.43
N PRO D 431 1.28 -12.68 -25.47
CA PRO D 431 2.71 -12.97 -25.34
C PRO D 431 3.32 -11.94 -24.43
N LYS D 432 4.31 -12.39 -23.65
CA LYS D 432 5.00 -11.73 -22.53
C LYS D 432 4.14 -11.70 -21.27
N TRP D 433 2.89 -12.14 -21.31
CA TRP D 433 2.18 -12.32 -20.04
C TRP D 433 1.93 -13.81 -19.82
N TYR D 434 0.96 -14.38 -20.51
CA TYR D 434 0.66 -15.80 -20.34
C TYR D 434 1.69 -16.71 -21.00
N HIS D 435 2.38 -16.25 -22.07
CA HIS D 435 3.42 -17.00 -22.77
C HIS D 435 4.71 -16.19 -22.89
N ASP D 436 5.86 -16.85 -22.81
CA ASP D 436 7.14 -16.17 -22.91
C ASP D 436 7.73 -16.22 -24.32
N VAL D 437 6.89 -16.04 -25.32
CA VAL D 437 7.29 -15.99 -26.71
C VAL D 437 7.48 -14.51 -27.03
N PRO D 438 8.49 -14.11 -27.80
CA PRO D 438 8.60 -12.68 -28.19
C PRO D 438 7.37 -12.23 -28.97
N VAL D 439 6.87 -11.03 -28.65
CA VAL D 439 5.58 -10.59 -29.20
C VAL D 439 5.60 -10.59 -30.73
N GLU D 440 6.68 -10.08 -31.32
CA GLU D 440 6.81 -10.04 -32.77
C GLU D 440 6.65 -11.44 -33.37
N ASP D 441 7.35 -12.42 -32.79
CA ASP D 441 7.32 -13.77 -33.34
C ASP D 441 5.93 -14.36 -33.26
N TYR D 442 5.29 -14.18 -32.10
CA TYR D 442 3.95 -14.74 -31.87
C TYR D 442 2.95 -14.13 -32.82
N LEU D 443 2.95 -12.80 -32.94
CA LEU D 443 2.01 -12.11 -33.82
C LEU D 443 2.28 -12.43 -35.29
N ASP D 444 3.55 -12.59 -35.67
CA ASP D 444 3.86 -12.95 -37.06
C ASP D 444 3.34 -14.34 -37.39
N GLU D 445 3.61 -15.33 -36.53
CA GLU D 445 3.11 -16.69 -36.79
C GLU D 445 1.60 -16.68 -36.97
N LEU D 446 0.89 -15.98 -36.07
CA LEU D 446 -0.57 -15.91 -36.18
C LEU D 446 -1.00 -15.23 -37.48
N TYR D 447 -0.34 -14.12 -37.83
CA TYR D 447 -0.78 -13.37 -39.00
C TYR D 447 -0.52 -14.13 -40.30
N GLN D 448 0.66 -14.75 -40.46
CA GLN D 448 0.88 -15.55 -41.66
C GLN D 448 -0.17 -16.64 -41.77
N TRP D 449 -0.50 -17.28 -40.63
CA TRP D 449 -1.49 -18.35 -40.65
C TRP D 449 -2.87 -17.83 -41.06
N ILE D 450 -3.20 -16.57 -40.80
CA ILE D 450 -4.48 -16.06 -41.26
C ILE D 450 -4.43 -15.77 -42.76
N GLN D 451 -3.32 -15.20 -43.24
CA GLN D 451 -3.20 -14.85 -44.65
C GLN D 451 -3.10 -16.11 -45.52
N ASN D 452 -2.22 -17.02 -45.15
CA ASN D 452 -2.29 -18.37 -45.69
C ASN D 452 -3.33 -19.13 -44.87
N GLU D 453 -3.61 -20.39 -45.21
CA GLU D 453 -4.31 -21.27 -44.27
C GLU D 453 -5.73 -20.89 -43.80
N SER D 454 -6.20 -19.65 -43.96
CA SER D 454 -7.48 -19.31 -43.36
C SER D 454 -8.35 -18.50 -44.31
N GLU D 455 -9.67 -18.58 -44.09
CA GLU D 455 -10.66 -17.82 -44.83
C GLU D 455 -10.74 -16.37 -44.41
N GLY D 456 -10.11 -16.01 -43.29
CA GLY D 456 -9.98 -14.60 -42.98
C GLY D 456 -8.95 -13.86 -43.81
N THR D 457 -8.34 -14.52 -44.78
CA THR D 457 -7.23 -13.93 -45.53
C THR D 457 -7.68 -12.70 -46.31
N GLY D 458 -6.79 -11.70 -46.36
CA GLY D 458 -7.04 -10.51 -47.13
C GLY D 458 -7.90 -9.47 -46.46
N LYS D 459 -8.49 -9.78 -45.27
CA LYS D 459 -9.37 -8.84 -44.59
C LYS D 459 -8.62 -8.02 -43.55
N PRO D 460 -9.14 -6.85 -43.15
CA PRO D 460 -8.46 -6.07 -42.11
C PRO D 460 -8.40 -6.86 -40.81
N PHE D 461 -7.43 -6.50 -39.98
CA PHE D 461 -7.04 -7.35 -38.85
C PHE D 461 -6.75 -6.47 -37.64
N LEU D 462 -7.32 -6.82 -36.48
CA LEU D 462 -7.12 -6.09 -35.23
C LEU D 462 -6.67 -7.03 -34.13
N ILE D 463 -5.80 -6.52 -33.26
CA ILE D 463 -5.53 -7.17 -31.97
C ILE D 463 -6.53 -6.57 -30.98
N THR D 464 -7.62 -7.31 -30.73
CA THR D 464 -8.68 -6.84 -29.85
C THR D 464 -8.32 -6.95 -28.36
N GLU D 465 -7.25 -7.66 -28.02
CA GLU D 465 -6.77 -7.70 -26.64
C GLU D 465 -5.28 -8.01 -26.63
N ILE D 466 -4.54 -7.21 -25.86
CA ILE D 466 -3.14 -7.50 -25.50
C ILE D 466 -2.86 -6.69 -24.25
N GLY D 467 -2.02 -7.24 -23.37
CA GLY D 467 -1.66 -6.50 -22.18
C GLY D 467 -1.02 -7.42 -21.17
N ALA D 468 -0.97 -6.91 -19.94
CA ALA D 468 -0.21 -7.51 -18.85
C ALA D 468 -0.83 -7.11 -17.53
N GLY D 469 -0.76 -8.01 -16.56
CA GLY D 469 -1.24 -7.68 -15.24
C GLY D 469 -0.19 -6.96 -14.43
N ALA D 470 -0.67 -6.24 -13.42
CA ALA D 470 0.20 -5.61 -12.44
C ALA D 470 -0.66 -5.20 -11.25
N ILE D 471 -0.24 -5.60 -10.05
CA ILE D 471 -0.90 -5.16 -8.82
C ILE D 471 -0.32 -3.80 -8.44
N TYR D 472 -1.18 -2.78 -8.46
CA TYR D 472 -0.75 -1.43 -8.16
C TYR D 472 -0.11 -1.37 -6.78
N GLY D 473 0.98 -0.63 -6.69
CA GLY D 473 1.78 -0.59 -5.51
C GLY D 473 2.91 -1.57 -5.48
N TYR D 474 2.75 -2.77 -6.06
CA TYR D 474 3.81 -3.78 -5.94
C TYR D 474 4.91 -3.48 -6.96
N ARG D 475 6.09 -3.12 -6.46
CA ARG D 475 7.22 -2.74 -7.29
C ARG D 475 8.46 -3.43 -6.76
N THR D 476 9.28 -3.98 -7.66
CA THR D 476 10.53 -4.66 -7.30
C THR D 476 11.63 -4.33 -8.30
N PRO D 477 12.88 -4.21 -7.84
CA PRO D 477 13.99 -4.24 -8.81
C PRO D 477 14.11 -5.57 -9.54
N ALA D 478 13.56 -6.65 -8.99
CA ALA D 478 13.59 -7.92 -9.70
C ALA D 478 12.66 -7.95 -10.91
N HIS D 479 11.74 -6.99 -11.02
CA HIS D 479 10.87 -6.88 -12.18
C HIS D 479 10.02 -8.14 -12.40
N VAL D 480 9.74 -8.89 -11.33
CA VAL D 480 8.94 -10.13 -11.47
C VAL D 480 7.53 -9.83 -12.01
N LYS D 481 6.88 -10.87 -12.52
CA LYS D 481 5.52 -10.71 -13.01
C LYS D 481 4.58 -10.32 -11.86
N TRP D 482 3.55 -9.53 -12.20
CA TRP D 482 2.61 -8.81 -11.32
C TRP D 482 3.21 -7.51 -10.80
N SER D 483 4.53 -7.35 -10.87
CA SER D 483 5.09 -6.06 -10.47
C SER D 483 4.77 -5.00 -11.54
N GLU D 484 4.71 -3.73 -11.10
CA GLU D 484 4.41 -2.62 -12.01
C GLU D 484 5.51 -2.42 -13.05
N GLU D 485 6.77 -2.71 -12.68
CA GLU D 485 7.86 -2.56 -13.65
C GLU D 485 7.80 -3.62 -14.72
N TYR D 486 7.44 -4.86 -14.38
CA TYR D 486 7.27 -5.84 -15.45
C TYR D 486 6.16 -5.45 -16.41
N GLN D 487 5.08 -4.80 -15.92
CA GLN D 487 4.00 -4.41 -16.81
C GLN D 487 4.47 -3.38 -17.82
N VAL D 488 5.36 -2.48 -17.40
CA VAL D 488 5.94 -1.49 -18.32
C VAL D 488 6.68 -2.18 -19.47
N GLN D 489 7.54 -3.15 -19.16
CA GLN D 489 8.29 -3.84 -20.22
C GLN D 489 7.33 -4.54 -21.16
N ALA D 490 6.34 -5.23 -20.61
CA ALA D 490 5.41 -6.02 -21.41
C ALA D 490 4.69 -5.15 -22.44
N LEU D 491 4.01 -4.10 -21.97
CA LEU D 491 3.22 -3.23 -22.86
C LEU D 491 4.10 -2.58 -23.94
N LYS D 492 5.26 -2.04 -23.53
CA LYS D 492 6.17 -1.39 -24.48
C LYS D 492 6.50 -2.29 -25.67
N GLU D 493 6.81 -3.57 -25.40
CA GLU D 493 7.07 -4.51 -26.50
C GLU D 493 5.79 -4.88 -27.25
N GLN D 494 4.69 -5.07 -26.51
CA GLN D 494 3.43 -5.43 -27.15
C GLN D 494 2.96 -4.35 -28.11
N LEU D 495 3.00 -3.09 -27.67
CA LEU D 495 2.53 -2.01 -28.53
C LEU D 495 3.47 -1.81 -29.72
N GLN D 496 4.80 -1.91 -29.48
CA GLN D 496 5.76 -1.84 -30.58
C GLN D 496 5.43 -2.86 -31.66
N ALA D 497 5.06 -4.07 -31.24
CA ALA D 497 4.80 -5.15 -32.19
C ALA D 497 3.53 -4.90 -33.02
N VAL D 498 2.41 -4.55 -32.36
CA VAL D 498 1.16 -4.45 -33.13
C VAL D 498 1.22 -3.26 -34.09
N PHE D 499 1.87 -2.18 -33.70
CA PHE D 499 2.00 -1.05 -34.60
C PHE D 499 3.03 -1.28 -35.69
N SER D 500 3.98 -2.21 -35.46
CA SER D 500 4.93 -2.66 -36.48
C SER D 500 4.35 -3.69 -37.45
N ARG D 501 3.23 -4.34 -37.10
CA ARG D 501 2.69 -5.45 -37.88
C ARG D 501 2.01 -4.92 -39.12
N GLU D 502 2.62 -5.16 -40.28
CA GLU D 502 1.99 -4.78 -41.54
C GLU D 502 0.70 -5.57 -41.72
N GLY D 503 -0.38 -4.86 -42.05
CA GLY D 503 -1.68 -5.49 -42.17
C GLY D 503 -2.55 -5.40 -40.94
N CYS D 504 -2.03 -4.86 -39.83
CA CYS D 504 -2.80 -4.75 -38.60
C CYS D 504 -3.38 -3.36 -38.53
N SER D 505 -4.70 -3.27 -38.41
CA SER D 505 -5.33 -1.96 -38.33
C SER D 505 -5.26 -1.33 -36.94
N GLY D 506 -4.76 -2.03 -35.93
CA GLY D 506 -4.57 -1.42 -34.64
C GLY D 506 -4.84 -2.40 -33.52
N VAL D 507 -5.05 -1.86 -32.32
CA VAL D 507 -5.06 -2.67 -31.11
C VAL D 507 -6.04 -2.05 -30.12
N TYR D 508 -6.72 -2.90 -29.36
CA TYR D 508 -7.36 -2.48 -28.11
C TYR D 508 -6.55 -3.08 -26.97
N ILE D 509 -6.03 -2.23 -26.10
CA ILE D 509 -5.32 -2.74 -24.93
C ILE D 509 -6.32 -3.35 -23.94
N TRP D 510 -5.96 -4.53 -23.41
CA TRP D 510 -6.66 -5.08 -22.26
C TRP D 510 -5.80 -4.84 -21.03
N GLN D 511 -6.30 -4.03 -20.10
CA GLN D 511 -7.55 -3.26 -20.26
C GLN D 511 -7.41 -1.91 -19.55
N PHE D 512 -8.46 -1.08 -19.63
CA PHE D 512 -8.38 0.27 -19.11
C PHE D 512 -8.15 0.25 -17.60
N CYS D 513 -9.02 -0.42 -16.85
CA CYS D 513 -8.97 -0.40 -15.39
C CYS D 513 -9.13 -1.82 -14.84
N ASP D 514 -8.63 -2.00 -13.63
CA ASP D 514 -8.83 -3.25 -12.91
C ASP D 514 -10.32 -3.44 -12.59
N VAL D 515 -10.76 -4.71 -12.63
CA VAL D 515 -12.17 -5.07 -12.57
C VAL D 515 -12.38 -6.16 -11.52
N ARG D 516 -13.45 -6.01 -10.72
CA ARG D 516 -13.90 -7.13 -9.88
C ARG D 516 -14.39 -8.30 -10.75
N VAL D 517 -14.00 -9.53 -10.35
CA VAL D 517 -14.36 -10.76 -11.06
C VAL D 517 -15.04 -11.71 -10.06
N CYS D 518 -15.52 -12.86 -10.56
CA CYS D 518 -16.23 -13.79 -9.69
C CYS D 518 -15.26 -14.56 -8.79
N ASP D 519 -15.78 -15.00 -7.64
CA ASP D 519 -14.95 -15.70 -6.65
C ASP D 519 -14.36 -16.99 -7.21
N SER D 520 -15.08 -17.65 -8.13
CA SER D 520 -14.57 -18.85 -8.79
C SER D 520 -13.19 -18.64 -9.44
N TRP D 521 -12.85 -17.40 -9.80
CA TRP D 521 -11.64 -17.13 -10.58
C TRP D 521 -10.43 -16.76 -9.72
N PHE D 522 -10.54 -16.88 -8.39
CA PHE D 522 -9.55 -16.30 -7.49
C PHE D 522 -8.15 -16.89 -7.67
N GLY D 523 -8.06 -18.18 -8.03
CA GLY D 523 -6.75 -18.82 -8.11
C GLY D 523 -5.79 -18.12 -9.04
N SER D 524 -6.30 -17.54 -10.13
CA SER D 524 -5.50 -16.89 -11.16
C SER D 524 -5.74 -15.39 -11.19
N ARG D 525 -6.47 -14.84 -10.21
CA ARG D 525 -6.87 -13.44 -10.19
C ARG D 525 -6.52 -12.88 -8.82
N PRO D 526 -5.32 -12.32 -8.67
CA PRO D 526 -4.97 -11.67 -7.40
C PRO D 526 -6.02 -10.65 -7.01
N ARG D 527 -6.38 -10.67 -5.72
CA ARG D 527 -7.35 -9.76 -5.09
C ARG D 527 -8.77 -10.03 -5.53
N THR D 528 -9.04 -11.17 -6.17
CA THR D 528 -10.33 -11.43 -6.85
C THR D 528 -10.65 -10.29 -7.82
N MET D 529 -9.63 -9.89 -8.57
CA MET D 529 -9.71 -8.83 -9.56
C MET D 529 -8.96 -9.25 -10.82
N ASN D 530 -9.39 -8.71 -11.95
CA ASN D 530 -8.57 -8.74 -13.16
C ASN D 530 -7.62 -7.55 -13.07
N ASN D 531 -6.30 -7.83 -13.05
CA ASN D 531 -5.30 -6.85 -12.65
C ASN D 531 -4.51 -6.28 -13.83
N LYS D 532 -5.13 -6.27 -15.00
CA LYS D 532 -4.46 -5.83 -16.21
C LYS D 532 -4.82 -4.39 -16.59
N GLY D 533 -5.44 -3.64 -15.67
CA GLY D 533 -5.75 -2.25 -15.94
C GLY D 533 -4.49 -1.43 -16.16
N ILE D 534 -4.62 -0.39 -16.98
CA ILE D 534 -3.51 0.55 -17.06
C ILE D 534 -3.64 1.57 -15.93
N VAL D 535 -4.87 1.83 -15.50
CA VAL D 535 -5.16 2.40 -14.18
C VAL D 535 -5.71 1.28 -13.32
N ASP D 536 -5.63 1.45 -12.00
CA ASP D 536 -6.20 0.46 -11.07
C ASP D 536 -7.71 0.72 -10.92
N GLU D 537 -8.37 0.02 -9.99
CA GLU D 537 -9.82 0.15 -9.92
C GLU D 537 -10.25 1.53 -9.41
N TYR D 538 -9.39 2.21 -8.65
CA TYR D 538 -9.65 3.57 -8.23
C TYR D 538 -9.15 4.60 -9.24
N ARG D 539 -8.78 4.14 -10.45
CA ARG D 539 -8.34 4.98 -11.56
C ARG D 539 -7.01 5.67 -11.25
N ARG D 540 -6.17 5.03 -10.47
CA ARG D 540 -4.82 5.54 -10.24
C ARG D 540 -3.88 4.99 -11.31
N PRO D 541 -3.09 5.84 -11.97
CA PRO D 541 -2.21 5.35 -13.04
C PRO D 541 -1.07 4.47 -12.51
N LYS D 542 -0.93 3.29 -13.11
CA LYS D 542 0.23 2.45 -12.88
C LYS D 542 1.41 3.00 -13.68
N LEU D 543 2.61 2.47 -13.42
CA LEU D 543 3.80 2.93 -14.15
C LEU D 543 3.57 2.82 -15.65
N ALA D 544 2.95 1.71 -16.10
CA ALA D 544 2.69 1.45 -17.53
C ALA D 544 1.84 2.53 -18.21
N TYR D 545 1.14 3.38 -17.43
CA TYR D 545 0.37 4.50 -17.98
C TYR D 545 1.22 5.33 -18.95
N GLU D 546 2.43 5.72 -18.51
CA GLU D 546 3.31 6.56 -19.33
C GLU D 546 3.71 5.87 -20.63
N VAL D 547 4.00 4.57 -20.57
CA VAL D 547 4.44 3.81 -21.75
C VAL D 547 3.32 3.72 -22.78
N VAL D 548 2.07 3.51 -22.34
CA VAL D 548 0.94 3.57 -23.27
C VAL D 548 0.81 4.97 -23.86
N LYS D 549 0.99 5.99 -23.03
CA LYS D 549 0.77 7.38 -23.45
C LYS D 549 1.76 7.77 -24.55
N ASP D 550 3.05 7.47 -24.33
CA ASP D 550 4.08 7.70 -25.36
C ASP D 550 3.75 6.99 -26.65
N SER D 551 3.34 5.72 -26.57
CA SER D 551 2.95 5.01 -27.78
C SER D 551 1.83 5.73 -28.51
N TYR D 552 0.68 5.86 -27.86
CA TYR D 552 -0.53 6.30 -28.56
C TYR D 552 -0.42 7.74 -29.06
N ARG D 553 0.22 8.61 -28.29
CA ARG D 553 0.39 10.00 -28.73
C ARG D 553 1.40 10.14 -29.88
N SER D 554 2.28 9.15 -30.07
CA SER D 554 3.26 9.17 -31.15
C SER D 554 2.68 8.72 -32.49
N LEU D 555 1.38 8.44 -32.54
CA LEU D 555 0.69 7.95 -33.72
C LEU D 555 -0.59 8.75 -33.93
N GLY D 556 -1.04 8.79 -35.20
CA GLY D 556 -2.26 9.48 -35.56
C GLY D 556 -3.44 8.52 -35.76
N ASN D 557 -4.61 9.13 -35.94
CA ASN D 557 -5.82 8.35 -36.18
C ASN D 557 -5.85 7.69 -37.55
N TYR D 558 -4.96 8.07 -38.47
CA TYR D 558 -5.00 7.57 -39.85
C TYR D 558 -3.60 7.19 -40.33
N PHE D 559 -3.56 6.20 -41.22
CA PHE D 559 -2.32 5.70 -41.83
C PHE D 559 -1.79 6.61 -42.95
C1 ADA E . 17.57 18.66 10.22
C2 ADA E . 18.18 17.50 11.03
C3 ADA E . 17.80 16.14 10.60
C4 ADA E . 16.38 16.02 10.27
C5 ADA E . 16.03 17.10 9.24
C6 ADA E . 14.61 16.93 8.68
O1 ADA E . 18.26 18.86 9.02
O2 ADA E . 19.57 17.63 11.01
O3 ADA E . 18.11 15.22 11.59
O4 ADA E . 15.63 16.22 11.45
O5 ADA E . 16.19 18.43 9.84
O6B ADA E . 14.22 15.81 8.25
O6A ADA E . 13.85 17.93 8.63
CL CL F . 9.61 13.60 6.93
C1 ADA G . -9.86 22.26 13.23
C2 ADA G . -10.66 22.57 11.95
C3 ADA G . -10.74 21.47 10.97
C4 ADA G . -9.49 20.70 10.84
C5 ADA G . -9.01 20.25 12.22
C6 ADA G . -7.78 19.33 12.08
O1 ADA G . -10.69 21.60 14.15
O2 ADA G . -11.96 22.95 12.29
O3 ADA G . -11.11 22.02 9.73
O4 ADA G . -8.46 21.51 10.33
O5 ADA G . -8.70 21.43 13.03
O6B ADA G . -6.78 19.51 12.85
O6A ADA G . -7.74 18.41 11.21
CL CL H . -4.22 14.88 9.26
C1 ADA I . 1.72 -27.55 -0.98
C2 ADA I . 3.24 -27.42 -0.83
C3 ADA I . 3.75 -26.08 -0.44
C4 ADA I . 2.97 -24.94 -0.99
C5 ADA I . 1.45 -25.16 -0.85
C6 ADA I . 0.62 -24.04 -1.46
O1 ADA I . 1.08 -27.82 0.26
O2 ADA I . 3.70 -28.41 0.04
O3 ADA I . 5.11 -25.96 -0.78
O4 ADA I . 3.26 -24.78 -2.36
O5 ADA I . 1.07 -26.37 -1.53
O6B ADA I . 0.80 -22.82 -1.18
O6A ADA I . -0.28 -24.36 -2.29
CL CL J . -0.43 -17.85 -2.64
C1 ADA K . -9.45 -13.12 -22.43
C2 ADA K . -10.84 -12.50 -22.15
C3 ADA K . -10.88 -11.40 -21.15
C4 ADA K . -9.96 -11.61 -20.01
C5 ADA K . -8.55 -11.98 -20.46
C6 ADA K . -7.59 -12.20 -19.26
O1 ADA K . -8.72 -12.42 -23.42
O2 ADA K . -11.46 -12.15 -23.36
O3 ADA K . -12.19 -11.17 -20.66
O4 ADA K . -10.46 -12.65 -19.18
O5 ADA K . -8.57 -13.20 -21.27
O6B ADA K . -7.09 -13.36 -19.10
O6A ADA K . -7.29 -11.23 -18.49
CL CL L . -4.98 -10.67 -13.77
#